data_2I07
#
_entry.id   2I07
#
_cell.length_a   123.910
_cell.length_b   128.537
_cell.length_c   147.034
_cell.angle_alpha   90.00
_cell.angle_beta   90.00
_cell.angle_gamma   90.00
#
_symmetry.space_group_name_H-M   'P 21 21 2'
#
loop_
_entity.id
_entity.type
_entity.pdbx_description
1 polymer 'Complement C3b'
2 polymer 'Complement C3b'
3 branched alpha-D-mannopyranose-(1-4)-2-acetamido-2-deoxy-beta-D-glucopyranose-(1-4)-2-acetamido-2-deoxy-beta-D-glucopyranose
4 non-polymer 2-acetamido-2-deoxy-beta-D-glucopyranose
#
loop_
_entity_poly.entity_id
_entity_poly.type
_entity_poly.pdbx_seq_one_letter_code
_entity_poly.pdbx_strand_id
1 'polypeptide(L)'
;SPMYSIITPNILRLESEETMVLEAHDAQGDVPVTVTVHDFPGKKLVLSSEKTVLTPATNHMGNVTFTIPANREFKSEKGR
NKFVTVQATFGTQVVEKVVLVSLQSGYLFIQTDKTIYTPGSTVLYRIFTVNHKLLPVGRTVMVNIENPEGIPVKQDSLSS
QNQLGVLPLSWDIPELVNMGQWKIRAYYENSPQQVFSTEFEVKEYVLPSFEVIVEPTEKFYYIYNEKGLEVTITARFLYG
KKVEGTAFVIFGIQDGEQRISLPESLKRIPIEDGSGEVVLSRKVLLDGVQNLRAEDLVGKSLYVSATVILHSGSDMVQAE
RSGIPIVTSPYQIHFTKTPKYFKPGMPFDLMVFVTNPDGSPAYRVPVAVQGEDTVQSLTQGDGVAKLSINTHPSQKPLSI
TVRTKKQELSEAEQATRTMQALPYSTVGNSNNYLHLSVLRTELRPGETLNVNFLLRMDRAHEAKIRYYTYLIMNKGRLLK
AGRQVREPGQDLVVLPLSITTDFIPSFRLVAYYTLIGASGQREVVADSVWVDVKDSCVGSLVVKSGQSEDRQPVPGQQMT
LKIEGDHGARVVLVAVDKGVFVLNKKNKLTQSKIWDVVEKADIGCTPGSGKDYAGVFSDAGLTFTSSSGQQTAQRAELQC
PQPAA
;
A
2 'polypeptide(L)'
;SNLDEDIIAEENIVSRSEFPESWLWNVEDLKEPPKNGISTKLMNIFLKDSITTWEILAVSMSDKKGICVADPFEVTVMQD
FFIDLRLPYSVVRNEQVEIRAVLYNYRQNQELKVRVELLHNPAFCSLATTKRRHQQTVTIPPKSSLSVPYVIVPLKTGLQ
EVEVKAAVYHHFISDGVRKSLKVVPEGIRMNKTVAVRTLDPERLGREGVQKEDIPPADLSDQVPDTESETRILLQGTPVA
QMTEDAVDAERLKHLIVTPSGCGEENMIGMTPTVIAVHYLDETEQWEKFGLEKRQGALELIKKGYTQQLAFRQPSSAFAA
FVKRAPSTWLTAYVVKVFSLAVNLIAIDSQVLCGAVKWLILEKQKPDGVFQEDAPVIHQEMIGGLRNNNEKDMALTAFVL
ISLQEAKDICEEQVNSLPGSITKAGDFLEANYMNLQRSYTVAIAGYALAQMGRLKGPLLNKFLTTAKDKNRWEDPGKQLY
NVEATSYALLALLQLKDFDFVPPVVRWLNEQRYYGGGYGSTQATFMVFQALAQYQKDAPDHQELNLDVSLQLPSRSSKIT
HRIHWESASLLRSEETKENEGFTVTAEGKGQGTLSVVTMYHAKAKDQLTCNKFDLKVTIKPAPETEKRPQDAKNTMILEI
CTRYRGDQDATMSILDISMMTGFAPDTDDLKQLANGVDRYISKYELDKAFSDRNTLIIYLDKVSHSEDDCLAFKVHQYFN
VELIQPGAVKVYAYYNLEESCTRFYHPEKEDGKLNKLCRDELCRCAEENCFIQKSDDKVTLEERLDKACEPGVDYVYKTR
LVKVQLSNDFDEYIMAIEQTIKSGSDEVQVGQQRTFISPIKCREALKLEEKKHYLMWGLSSDFWGEKPNLSYIIGKDTWV
EHWPEEDECQDEENQKQCQDLGAFTESMVVFGCPN
;
B
#
loop_
_chem_comp.id
_chem_comp.type
_chem_comp.name
_chem_comp.formula
MAN D-saccharide, alpha linking alpha-D-mannopyranose 'C6 H12 O6'
NAG D-saccharide, beta linking 2-acetamido-2-deoxy-beta-D-glucopyranose 'C8 H15 N O6'
#
# COMPACT_ATOMS: atom_id res chain seq x y z
N SER A 1 44.98 -27.65 -24.09
CA SER A 1 43.81 -26.75 -24.36
C SER A 1 43.16 -26.27 -23.05
N PRO A 2 43.81 -25.32 -22.37
CA PRO A 2 43.27 -24.77 -21.13
C PRO A 2 41.94 -24.07 -21.39
N MET A 3 40.94 -24.33 -20.55
CA MET A 3 39.64 -23.71 -20.69
C MET A 3 39.30 -22.82 -19.50
N TYR A 4 39.19 -21.52 -19.75
CA TYR A 4 38.83 -20.57 -18.71
C TYR A 4 37.31 -20.35 -18.68
N SER A 5 36.72 -20.43 -17.49
CA SER A 5 35.29 -20.28 -17.37
C SER A 5 34.91 -19.12 -16.45
N ILE A 6 33.64 -18.70 -16.54
CA ILE A 6 33.12 -17.64 -15.69
C ILE A 6 31.65 -17.88 -15.33
N ILE A 7 31.33 -17.76 -14.05
CA ILE A 7 29.95 -17.90 -13.59
C ILE A 7 29.54 -16.73 -12.71
N THR A 8 28.42 -16.10 -13.09
CA THR A 8 27.79 -15.04 -12.33
C THR A 8 26.28 -15.28 -12.31
N PRO A 9 25.52 -14.42 -11.62
CA PRO A 9 24.08 -14.60 -11.54
C PRO A 9 23.40 -14.13 -12.81
N ASN A 10 22.31 -14.80 -13.17
CA ASN A 10 21.48 -14.38 -14.30
C ASN A 10 21.28 -12.88 -14.33
N ILE A 11 20.91 -12.33 -13.18
CA ILE A 11 20.61 -10.92 -13.08
C ILE A 11 21.50 -10.24 -12.04
N LEU A 12 22.29 -9.28 -12.51
CA LEU A 12 23.14 -8.49 -11.63
C LEU A 12 22.35 -7.31 -11.09
N ARG A 13 22.75 -6.82 -9.93
CA ARG A 13 22.00 -5.77 -9.25
C ARG A 13 22.86 -4.56 -8.93
N LEU A 14 22.21 -3.43 -8.71
CA LEU A 14 22.93 -2.18 -8.51
C LEU A 14 23.13 -1.87 -7.04
N GLU A 15 24.34 -1.44 -6.70
CA GLU A 15 24.68 -1.09 -5.33
C GLU A 15 24.74 -2.32 -4.42
N SER A 16 25.22 -3.42 -4.98
CA SER A 16 25.35 -4.67 -4.24
C SER A 16 26.59 -5.43 -4.69
N GLU A 17 27.20 -6.16 -3.76
CA GLU A 17 28.38 -6.95 -4.07
C GLU A 17 28.01 -8.27 -4.72
N GLU A 18 27.95 -8.27 -6.04
CA GLU A 18 27.73 -9.50 -6.80
C GLU A 18 29.04 -10.25 -6.93
N THR A 19 29.00 -11.55 -6.67
CA THR A 19 30.21 -12.36 -6.70
C THR A 19 30.39 -12.99 -8.07
N MET A 20 31.64 -13.25 -8.44
CA MET A 20 31.95 -13.83 -9.75
C MET A 20 32.99 -14.93 -9.64
N VAL A 21 32.65 -16.10 -10.18
CA VAL A 21 33.49 -17.29 -10.03
C VAL A 21 34.45 -17.45 -11.21
N LEU A 22 35.74 -17.41 -10.93
CA LEU A 22 36.77 -17.52 -11.96
C LEU A 22 37.48 -18.86 -11.91
N GLU A 23 37.71 -19.45 -13.08
CA GLU A 23 38.28 -20.80 -13.15
C GLU A 23 39.27 -21.01 -14.30
N ALA A 24 40.21 -21.91 -14.07
CA ALA A 24 41.15 -22.32 -15.10
C ALA A 24 41.35 -23.83 -15.03
N HIS A 25 40.82 -24.53 -16.04
CA HIS A 25 40.92 -25.98 -16.09
C HIS A 25 42.13 -26.41 -16.90
N ASP A 26 42.86 -27.39 -16.37
CA ASP A 26 44.03 -27.92 -17.04
C ASP A 26 45.09 -26.85 -17.22
N ALA A 27 45.14 -25.92 -16.27
CA ALA A 27 46.08 -24.80 -16.34
C ALA A 27 47.39 -25.12 -15.62
N GLN A 28 48.44 -24.38 -15.96
CA GLN A 28 49.73 -24.54 -15.32
C GLN A 28 50.21 -23.21 -14.74
N GLY A 29 51.07 -23.29 -13.72
CA GLY A 29 51.62 -22.10 -13.08
C GLY A 29 50.54 -21.14 -12.62
N ASP A 30 50.94 -19.89 -12.35
CA ASP A 30 49.98 -18.87 -11.96
C ASP A 30 49.25 -18.31 -13.17
N VAL A 31 48.10 -17.70 -12.94
CA VAL A 31 47.34 -17.06 -14.00
C VAL A 31 46.66 -15.78 -13.50
N PRO A 32 47.10 -14.62 -14.02
CA PRO A 32 46.58 -13.31 -13.67
C PRO A 32 45.21 -13.04 -14.28
N VAL A 33 44.25 -12.71 -13.43
CA VAL A 33 42.88 -12.48 -13.87
C VAL A 33 42.44 -11.04 -13.59
N THR A 34 41.95 -10.38 -14.62
CA THR A 34 41.41 -9.02 -14.47
C THR A 34 39.94 -9.01 -14.88
N VAL A 35 39.10 -8.46 -14.01
CA VAL A 35 37.66 -8.41 -14.29
C VAL A 35 37.19 -7.00 -14.56
N THR A 36 36.36 -6.85 -15.58
CA THR A 36 35.85 -5.55 -15.97
C THR A 36 34.35 -5.59 -16.23
N VAL A 37 33.67 -4.52 -15.85
CA VAL A 37 32.25 -4.37 -16.14
C VAL A 37 32.05 -3.10 -16.93
N HIS A 38 31.44 -3.22 -18.10
CA HIS A 38 31.10 -2.06 -18.91
C HIS A 38 29.59 -1.98 -19.09
N ASP A 39 29.08 -0.76 -19.24
CA ASP A 39 27.69 -0.59 -19.59
C ASP A 39 27.49 -1.08 -21.01
N PHE A 40 26.28 -1.52 -21.33
CA PHE A 40 26.01 -2.01 -22.67
C PHE A 40 25.00 -1.15 -23.43
N PRO A 41 25.26 -0.90 -24.71
CA PRO A 41 26.54 -1.18 -25.35
C PRO A 41 27.51 0.00 -25.25
N GLY A 42 28.77 -0.23 -25.58
CA GLY A 42 29.77 0.83 -25.57
C GLY A 42 30.76 0.73 -24.43
N LYS A 43 31.37 1.84 -24.07
CA LYS A 43 32.36 1.87 -23.00
C LYS A 43 32.14 3.03 -22.04
N LYS A 44 32.01 2.72 -20.76
CA LYS A 44 31.90 3.73 -19.72
C LYS A 44 32.56 3.23 -18.42
N LEU A 45 32.95 1.95 -18.43
CA LEU A 45 33.73 1.37 -17.34
C LEU A 45 33.05 1.54 -15.98
N VAL A 46 32.13 0.64 -15.64
CA VAL A 46 31.43 0.72 -14.36
C VAL A 46 32.23 0.10 -13.22
N LEU A 47 32.93 -1.00 -13.49
CA LEU A 47 33.83 -1.56 -12.49
C LEU A 47 35.11 -2.12 -13.09
N SER A 48 36.17 -1.32 -12.98
CA SER A 48 37.48 -1.71 -13.48
C SER A 48 38.22 -2.56 -12.46
N SER A 49 38.00 -2.27 -11.19
CA SER A 49 38.67 -2.96 -10.10
C SER A 49 38.52 -4.47 -10.22
N GLU A 50 38.99 -5.17 -9.19
CA GLU A 50 38.92 -6.63 -9.14
C GLU A 50 39.89 -7.29 -10.11
N LYS A 51 41.13 -7.41 -9.67
CA LYS A 51 42.11 -8.25 -10.34
C LYS A 51 42.66 -9.25 -9.33
N THR A 52 42.82 -10.50 -9.75
CA THR A 52 43.26 -11.55 -8.85
C THR A 52 44.11 -12.55 -9.60
N VAL A 53 44.74 -13.47 -8.87
CA VAL A 53 45.58 -14.49 -9.50
C VAL A 53 45.13 -15.89 -9.11
N LEU A 54 44.81 -16.71 -10.10
CA LEU A 54 44.44 -18.09 -9.83
C LEU A 54 45.70 -18.91 -9.61
N THR A 55 45.72 -19.68 -8.52
CA THR A 55 46.92 -20.41 -8.11
C THR A 55 46.70 -21.91 -8.15
N PRO A 56 47.71 -22.67 -8.60
CA PRO A 56 47.66 -24.12 -8.56
C PRO A 56 47.17 -24.63 -7.21
N ALA A 57 47.50 -23.90 -6.15
CA ALA A 57 47.14 -24.27 -4.79
C ALA A 57 45.64 -24.08 -4.52
N THR A 58 44.95 -23.41 -5.43
CA THR A 58 43.51 -23.26 -5.33
C THR A 58 42.84 -24.07 -6.43
N ASN A 59 43.63 -24.95 -7.06
CA ASN A 59 43.17 -25.69 -8.23
C ASN A 59 42.71 -24.72 -9.32
N HIS A 60 43.12 -23.47 -9.18
CA HIS A 60 42.81 -22.41 -10.13
C HIS A 60 41.36 -21.91 -10.04
N MET A 61 40.78 -21.98 -8.83
CA MET A 61 39.48 -21.37 -8.58
C MET A 61 39.61 -20.05 -7.84
N GLY A 62 39.24 -18.97 -8.51
CA GLY A 62 39.34 -17.64 -7.92
C GLY A 62 37.99 -17.02 -7.67
N ASN A 63 38.00 -15.77 -7.25
CA ASN A 63 36.77 -15.07 -6.88
C ASN A 63 36.94 -13.58 -6.80
N VAL A 64 36.12 -12.84 -7.54
CA VAL A 64 36.11 -11.40 -7.46
C VAL A 64 34.76 -10.88 -6.98
N THR A 65 34.78 -10.10 -5.90
CA THR A 65 33.58 -9.50 -5.37
C THR A 65 33.46 -8.06 -5.85
N PHE A 66 32.45 -7.78 -6.67
CA PHE A 66 32.34 -6.45 -7.28
C PHE A 66 30.97 -5.78 -7.12
N THR A 67 30.96 -4.47 -7.28
CA THR A 67 29.76 -3.65 -7.09
C THR A 67 29.48 -2.77 -8.31
N ILE A 68 28.21 -2.63 -8.66
CA ILE A 68 27.84 -1.82 -9.82
C ILE A 68 27.04 -0.57 -9.44
N PRO A 69 27.68 0.61 -9.52
CA PRO A 69 27.01 1.90 -9.40
C PRO A 69 26.08 2.12 -10.59
N ALA A 70 25.06 2.98 -10.47
CA ALA A 70 24.77 3.80 -9.29
C ALA A 70 25.37 5.19 -9.44
N ARG A 80 12.60 -1.36 -21.92
CA ARG A 80 13.98 -1.22 -22.36
C ARG A 80 14.89 -2.30 -21.79
N ASN A 81 15.02 -2.31 -20.46
CA ASN A 81 15.98 -3.18 -19.78
C ASN A 81 17.42 -2.73 -20.01
N LYS A 82 18.24 -2.78 -18.97
CA LYS A 82 19.64 -2.40 -19.10
C LYS A 82 20.57 -3.59 -18.93
N PHE A 83 21.76 -3.48 -19.51
CA PHE A 83 22.71 -4.58 -19.52
C PHE A 83 24.15 -4.12 -19.29
N VAL A 84 24.94 -5.01 -18.70
CA VAL A 84 26.37 -4.78 -18.56
C VAL A 84 27.12 -5.85 -19.32
N THR A 85 28.37 -5.52 -19.69
CA THR A 85 29.25 -6.49 -20.33
C THR A 85 30.34 -6.91 -19.35
N VAL A 86 30.14 -8.05 -18.72
CA VAL A 86 31.13 -8.62 -17.82
C VAL A 86 32.31 -9.12 -18.65
N GLN A 87 33.51 -8.65 -18.29
CA GLN A 87 34.72 -8.99 -19.05
C GLN A 87 35.77 -9.63 -18.16
N ALA A 88 36.39 -10.70 -18.66
CA ALA A 88 37.34 -11.48 -17.87
C ALA A 88 38.54 -11.92 -18.67
N THR A 89 39.67 -11.25 -18.45
CA THR A 89 40.89 -11.56 -19.16
C THR A 89 41.78 -12.48 -18.33
N PHE A 90 42.04 -13.68 -18.87
CA PHE A 90 42.94 -14.63 -18.23
C PHE A 90 44.30 -14.59 -18.92
N GLY A 91 45.22 -13.82 -18.37
CA GLY A 91 46.53 -13.65 -18.98
C GLY A 91 46.42 -12.82 -20.25
N THR A 92 46.23 -13.49 -21.38
CA THR A 92 46.03 -12.80 -22.65
C THR A 92 44.63 -13.11 -23.21
N GLN A 93 44.07 -14.22 -22.76
CA GLN A 93 42.76 -14.69 -23.22
C GLN A 93 41.61 -13.98 -22.49
N VAL A 94 40.73 -13.36 -23.27
CA VAL A 94 39.61 -12.59 -22.70
C VAL A 94 38.27 -13.27 -22.93
N VAL A 95 37.49 -13.39 -21.86
CA VAL A 95 36.14 -13.92 -21.95
C VAL A 95 35.12 -12.90 -21.47
N GLU A 96 34.11 -12.63 -22.29
CA GLU A 96 33.08 -11.66 -21.96
C GLU A 96 31.68 -12.19 -22.20
N LYS A 97 30.74 -11.71 -21.39
CA LYS A 97 29.34 -12.14 -21.48
C LYS A 97 28.45 -10.99 -21.06
N VAL A 98 27.40 -10.75 -21.83
CA VAL A 98 26.43 -9.71 -21.48
C VAL A 98 25.45 -10.26 -20.46
N VAL A 99 25.23 -9.51 -19.39
CA VAL A 99 24.33 -9.94 -18.32
C VAL A 99 23.28 -8.88 -18.05
N LEU A 100 22.13 -9.34 -17.57
CA LEU A 100 20.98 -8.48 -17.27
C LEU A 100 21.09 -7.85 -15.89
N VAL A 101 20.70 -6.59 -15.78
CA VAL A 101 20.80 -5.86 -14.52
C VAL A 101 19.45 -5.41 -13.98
N SER A 102 19.17 -5.79 -12.73
CA SER A 102 17.93 -5.41 -12.06
C SER A 102 18.03 -4.01 -11.47
N LEU A 103 17.00 -3.21 -11.67
CA LEU A 103 16.95 -1.88 -11.10
C LEU A 103 16.54 -1.94 -9.64
N GLN A 104 15.75 -2.97 -9.30
CA GLN A 104 15.28 -3.17 -7.93
C GLN A 104 16.43 -3.04 -6.95
N SER A 105 16.34 -2.04 -6.07
CA SER A 105 17.37 -1.81 -5.07
C SER A 105 17.27 -2.84 -3.95
N GLY A 106 16.09 -3.45 -3.83
CA GLY A 106 15.81 -4.42 -2.78
C GLY A 106 14.34 -4.49 -2.49
N TYR A 107 13.98 -4.43 -1.21
CA TYR A 107 12.57 -4.42 -0.82
C TYR A 107 12.26 -3.25 0.10
N LEU A 108 10.99 -2.91 0.18
CA LEU A 108 10.49 -2.00 1.21
C LEU A 108 9.40 -2.72 2.00
N PHE A 109 9.48 -2.64 3.31
CA PHE A 109 8.39 -3.13 4.14
C PHE A 109 7.77 -1.98 4.89
N ILE A 110 6.45 -1.96 4.94
CA ILE A 110 5.71 -0.92 5.64
C ILE A 110 4.98 -1.54 6.81
N GLN A 111 4.96 -0.81 7.93
CA GLN A 111 4.27 -1.26 9.12
C GLN A 111 3.49 -0.09 9.71
N THR A 112 2.18 -0.26 9.83
CA THR A 112 1.35 0.71 10.53
C THR A 112 1.07 0.19 11.94
N ASP A 113 0.64 1.07 12.84
CA ASP A 113 0.29 0.64 14.18
C ASP A 113 -0.94 -0.26 14.15
N LYS A 114 -2.06 0.31 13.72
CA LYS A 114 -3.33 -0.41 13.69
C LYS A 114 -3.64 -0.98 12.31
N THR A 115 -4.78 -1.68 12.21
CA THR A 115 -5.28 -2.20 10.95
C THR A 115 -6.37 -1.28 10.40
N ILE A 116 -7.08 -0.62 11.31
CA ILE A 116 -8.18 0.26 10.95
C ILE A 116 -8.06 1.55 11.73
N TYR A 117 -8.64 2.63 11.20
CA TYR A 117 -8.56 3.94 11.83
C TYR A 117 -9.85 4.74 11.72
N THR A 118 -10.08 5.63 12.68
CA THR A 118 -11.23 6.52 12.67
C THR A 118 -10.83 7.90 12.19
N PRO A 119 -11.66 8.52 11.34
CA PRO A 119 -11.33 9.87 10.91
C PRO A 119 -11.06 10.75 12.13
N GLY A 120 -9.94 11.45 12.11
CA GLY A 120 -9.58 12.33 13.22
C GLY A 120 -8.40 11.82 14.02
N SER A 121 -7.97 10.60 13.70
CA SER A 121 -6.84 9.99 14.40
C SER A 121 -5.57 10.05 13.57
N THR A 122 -4.46 9.62 14.18
CA THR A 122 -3.16 9.68 13.55
C THR A 122 -2.67 8.28 13.18
N VAL A 123 -2.30 8.10 11.92
CA VAL A 123 -1.74 6.83 11.47
C VAL A 123 -0.23 6.84 11.62
N LEU A 124 0.27 5.94 12.47
CA LEU A 124 1.71 5.80 12.67
C LEU A 124 2.26 4.69 11.78
N TYR A 125 3.23 5.02 10.94
CA TYR A 125 3.77 4.03 10.02
C TYR A 125 5.27 4.10 9.81
N ARG A 126 5.89 2.93 9.75
CA ARG A 126 7.32 2.79 9.56
C ARG A 126 7.66 2.13 8.23
N ILE A 127 8.66 2.65 7.55
CA ILE A 127 9.17 2.05 6.32
C ILE A 127 10.46 1.32 6.63
N PHE A 128 10.56 0.07 6.16
CA PHE A 128 11.77 -0.71 6.36
C PHE A 128 12.54 -0.85 5.04
N THR A 129 13.69 -0.20 4.97
CA THR A 129 14.49 -0.15 3.76
C THR A 129 15.65 -1.16 3.81
N VAL A 130 15.53 -2.24 3.05
CA VAL A 130 16.57 -3.26 3.03
C VAL A 130 16.84 -3.74 1.62
N ASN A 131 18.10 -4.12 1.37
CA ASN A 131 18.48 -4.64 0.07
C ASN A 131 17.91 -6.04 -0.17
N HIS A 132 18.42 -6.71 -1.19
CA HIS A 132 17.97 -8.05 -1.54
C HIS A 132 18.41 -9.05 -0.47
N LYS A 133 19.55 -8.78 0.16
CA LYS A 133 20.08 -9.65 1.19
C LYS A 133 19.46 -9.35 2.57
N LEU A 134 18.47 -8.46 2.56
CA LEU A 134 17.68 -8.15 3.75
C LEU A 134 18.39 -7.29 4.79
N LEU A 135 19.64 -6.94 4.52
CA LEU A 135 20.36 -6.04 5.40
C LEU A 135 19.88 -4.62 5.19
N PRO A 136 19.87 -3.82 6.25
CA PRO A 136 19.42 -2.44 6.14
C PRO A 136 20.33 -1.63 5.23
N VAL A 137 19.73 -0.77 4.41
CA VAL A 137 20.48 0.06 3.49
C VAL A 137 19.99 1.52 3.55
N GLY A 138 20.83 2.44 3.10
CA GLY A 138 20.49 3.87 3.11
C GLY A 138 20.20 4.41 1.72
N ARG A 139 18.96 4.79 1.48
CA ARG A 139 18.54 5.33 0.19
C ARG A 139 17.55 6.46 0.39
N THR A 140 17.15 7.09 -0.72
CA THR A 140 16.07 8.07 -0.68
C THR A 140 14.76 7.37 -1.01
N VAL A 141 13.74 7.63 -0.21
CA VAL A 141 12.45 6.95 -0.37
C VAL A 141 11.31 7.94 -0.61
N MET A 142 10.53 7.69 -1.65
CA MET A 142 9.31 8.44 -1.89
C MET A 142 8.15 7.71 -1.23
N VAL A 143 7.26 8.45 -0.58
CA VAL A 143 6.13 7.85 0.14
C VAL A 143 4.82 8.56 -0.19
N ASN A 144 3.86 7.81 -0.73
CA ASN A 144 2.55 8.37 -1.05
C ASN A 144 1.45 7.84 -0.13
N ILE A 145 0.34 8.57 -0.04
CA ILE A 145 -0.83 8.08 0.66
C ILE A 145 -2.07 8.30 -0.21
N GLU A 146 -2.61 7.22 -0.75
CA GLU A 146 -3.76 7.28 -1.64
C GLU A 146 -5.06 6.99 -0.91
N ASN A 147 -6.13 7.69 -1.30
CA ASN A 147 -7.45 7.42 -0.76
C ASN A 147 -8.08 6.21 -1.44
N PRO A 148 -9.30 5.83 -1.00
CA PRO A 148 -9.99 4.67 -1.56
C PRO A 148 -10.01 4.69 -3.09
N GLU A 149 -10.46 5.80 -3.66
CA GLU A 149 -10.59 5.94 -5.10
C GLU A 149 -9.25 6.01 -5.84
N GLY A 150 -8.16 6.04 -5.06
CA GLY A 150 -6.81 6.00 -5.62
C GLY A 150 -6.20 7.35 -5.90
N ILE A 151 -6.36 8.28 -4.96
CA ILE A 151 -5.81 9.62 -5.10
C ILE A 151 -4.86 9.94 -3.93
N PRO A 152 -3.60 10.28 -4.24
CA PRO A 152 -2.59 10.63 -3.24
C PRO A 152 -2.92 11.95 -2.57
N VAL A 153 -2.78 12.00 -1.25
CA VAL A 153 -3.07 13.23 -0.51
C VAL A 153 -1.89 13.67 0.34
N LYS A 154 -0.87 12.81 0.42
CA LYS A 154 0.35 13.15 1.15
C LYS A 154 1.53 12.37 0.58
N GLN A 155 2.62 13.09 0.32
CA GLN A 155 3.84 12.48 -0.18
C GLN A 155 5.09 13.01 0.54
N ASP A 156 5.91 12.10 1.04
CA ASP A 156 7.15 12.45 1.71
C ASP A 156 8.36 11.95 0.93
N SER A 157 9.48 12.65 1.07
CA SER A 157 10.70 12.28 0.37
C SER A 157 11.84 12.10 1.37
N LEU A 158 11.78 11.03 2.14
CA LEU A 158 12.73 10.80 3.22
C LEU A 158 13.92 9.95 2.76
N SER A 159 14.95 9.85 3.62
CA SER A 159 16.12 9.05 3.31
C SER A 159 16.59 8.23 4.51
N SER A 160 16.83 6.94 4.28
CA SER A 160 17.23 6.03 5.35
C SER A 160 18.72 6.08 5.66
N GLN A 161 19.37 7.17 5.28
CA GLN A 161 20.79 7.35 5.54
C GLN A 161 21.02 7.46 7.04
N ASN A 162 21.99 6.70 7.55
CA ASN A 162 22.33 6.71 8.97
C ASN A 162 21.14 6.35 9.86
N GLN A 163 20.08 5.86 9.23
CA GLN A 163 18.80 5.65 9.91
C GLN A 163 18.55 4.17 10.23
N LEU A 164 19.54 3.34 9.94
CA LEU A 164 19.48 1.91 10.26
C LEU A 164 18.25 1.25 9.64
N GLY A 165 17.88 1.73 8.45
CA GLY A 165 16.80 1.12 7.66
C GLY A 165 15.39 1.30 8.19
N VAL A 166 15.23 2.15 9.21
CA VAL A 166 13.92 2.37 9.83
C VAL A 166 13.45 3.82 9.72
N LEU A 167 12.49 4.07 8.84
CA LEU A 167 11.98 5.42 8.61
C LEU A 167 10.59 5.59 9.22
N PRO A 168 10.52 6.21 10.42
CA PRO A 168 9.23 6.43 11.05
C PRO A 168 8.47 7.55 10.36
N LEU A 169 7.14 7.46 10.40
CA LEU A 169 6.30 8.48 9.78
C LEU A 169 4.89 8.49 10.37
N SER A 170 4.21 9.63 10.27
CA SER A 170 2.84 9.74 10.76
C SER A 170 1.97 10.54 9.80
N TRP A 171 0.66 10.33 9.90
CA TRP A 171 -0.30 11.12 9.13
C TRP A 171 -1.63 11.27 9.86
N ASP A 172 -1.98 12.52 10.17
CA ASP A 172 -3.24 12.81 10.86
C ASP A 172 -4.42 12.74 9.89
N ILE A 173 -5.24 11.71 10.03
CA ILE A 173 -6.45 11.62 9.22
C ILE A 173 -7.38 12.74 9.61
N PRO A 174 -7.84 13.52 8.63
CA PRO A 174 -8.78 14.59 8.92
C PRO A 174 -10.15 14.00 9.25
N GLU A 175 -10.96 14.75 10.00
CA GLU A 175 -12.31 14.32 10.35
C GLU A 175 -13.19 14.26 9.09
N LEU A 176 -12.82 15.07 8.09
CA LEU A 176 -13.47 15.03 6.78
C LEU A 176 -12.63 14.17 5.85
N VAL A 177 -13.08 12.94 5.62
CA VAL A 177 -12.29 11.98 4.83
C VAL A 177 -13.16 10.85 4.31
N ASN A 178 -12.75 10.25 3.20
CA ASN A 178 -13.50 9.13 2.63
C ASN A 178 -13.27 7.83 3.37
N MET A 179 -14.34 7.20 3.85
CA MET A 179 -14.23 5.90 4.49
C MET A 179 -13.81 4.83 3.48
N GLY A 180 -13.31 3.72 4.00
CA GLY A 180 -12.93 2.59 3.13
C GLY A 180 -11.45 2.25 3.18
N GLN A 181 -10.97 1.59 2.14
CA GLN A 181 -9.60 1.13 2.07
C GLN A 181 -8.64 2.22 1.60
N TRP A 182 -7.75 2.64 2.49
CA TRP A 182 -6.69 3.58 2.14
C TRP A 182 -5.38 2.84 1.91
N LYS A 183 -4.49 3.45 1.15
CA LYS A 183 -3.24 2.78 0.79
C LYS A 183 -2.03 3.67 1.01
N ILE A 184 -0.98 3.08 1.55
CA ILE A 184 0.32 3.73 1.60
C ILE A 184 1.21 3.08 0.57
N ARG A 185 1.65 3.87 -0.41
CA ARG A 185 2.54 3.37 -1.44
C ARG A 185 3.91 4.05 -1.31
N ALA A 186 4.97 3.27 -1.47
CA ALA A 186 6.32 3.78 -1.33
C ALA A 186 7.27 3.06 -2.27
N TYR A 187 8.27 3.79 -2.76
CA TYR A 187 9.25 3.22 -3.68
C TYR A 187 10.60 3.90 -3.54
N TYR A 188 11.64 3.22 -4.02
CA TYR A 188 12.98 3.77 -4.05
C TYR A 188 13.13 4.80 -5.17
N GLU A 189 13.70 5.96 -4.84
CA GLU A 189 13.88 7.01 -5.84
C GLU A 189 14.56 6.41 -7.06
N ASN A 190 15.40 5.42 -6.82
CA ASN A 190 16.19 4.81 -7.90
C ASN A 190 15.40 3.79 -8.72
N SER A 191 14.24 3.39 -8.20
CA SER A 191 13.42 2.40 -8.90
C SER A 191 11.93 2.70 -8.75
N PRO A 192 11.42 3.62 -9.59
CA PRO A 192 10.01 4.03 -9.53
C PRO A 192 9.05 2.98 -10.08
N GLN A 193 9.58 2.01 -10.83
CA GLN A 193 8.75 0.95 -11.37
C GLN A 193 8.33 -0.05 -10.29
N GLN A 194 9.30 -0.47 -9.47
CA GLN A 194 9.01 -1.38 -8.37
C GLN A 194 8.42 -0.61 -7.19
N VAL A 195 7.17 -0.92 -6.84
CA VAL A 195 6.43 -0.19 -5.81
C VAL A 195 6.05 -1.09 -4.62
N PHE A 196 5.99 -0.51 -3.44
CA PHE A 196 5.63 -1.26 -2.23
C PHE A 196 4.44 -0.64 -1.50
N SER A 197 3.45 -1.46 -1.19
CA SER A 197 2.18 -0.96 -0.68
C SER A 197 1.65 -1.69 0.55
N THR A 198 0.92 -0.95 1.38
CA THR A 198 0.17 -1.52 2.49
C THR A 198 -1.19 -0.81 2.57
N GLU A 199 -2.25 -1.59 2.76
CA GLU A 199 -3.57 -1.02 2.87
C GLU A 199 -3.96 -0.85 4.34
N PHE A 200 -4.66 0.23 4.65
CA PHE A 200 -5.23 0.42 5.98
C PHE A 200 -6.63 0.98 5.86
N GLU A 201 -7.53 0.50 6.71
CA GLU A 201 -8.94 0.88 6.62
C GLU A 201 -9.27 2.10 7.49
N VAL A 202 -10.05 3.01 6.93
CA VAL A 202 -10.55 4.15 7.68
C VAL A 202 -12.07 4.02 7.76
N LYS A 203 -12.57 3.90 8.99
CA LYS A 203 -13.98 3.63 9.20
C LYS A 203 -14.45 4.18 10.55
N GLU A 204 -15.74 4.48 10.65
CA GLU A 204 -16.33 4.91 11.90
C GLU A 204 -16.66 3.69 12.75
N TYR A 205 -15.91 3.48 13.83
CA TYR A 205 -16.05 2.27 14.62
C TYR A 205 -15.71 2.51 16.08
N VAL A 206 -16.13 1.56 16.92
CA VAL A 206 -15.67 1.49 18.30
C VAL A 206 -15.22 0.06 18.62
N LEU A 207 -14.28 -0.07 19.54
CA LEU A 207 -13.75 -1.37 19.92
C LEU A 207 -14.73 -2.18 20.74
N PRO A 208 -15.05 -3.40 20.29
CA PRO A 208 -15.94 -4.29 21.02
C PRO A 208 -15.20 -4.96 22.17
N SER A 209 -15.94 -5.56 23.10
CA SER A 209 -15.36 -6.09 24.33
C SER A 209 -15.15 -7.61 24.33
N PHE A 210 -15.51 -8.25 23.22
CA PHE A 210 -15.26 -9.68 23.09
C PHE A 210 -14.92 -10.07 21.67
N GLU A 211 -14.45 -11.30 21.48
CA GLU A 211 -14.12 -11.79 20.13
C GLU A 211 -14.95 -13.03 19.79
N VAL A 212 -15.10 -13.28 18.50
CA VAL A 212 -15.87 -14.43 18.03
C VAL A 212 -15.09 -15.22 16.98
N ILE A 213 -14.85 -16.50 17.27
CA ILE A 213 -14.13 -17.38 16.36
C ILE A 213 -15.03 -18.48 15.85
N VAL A 214 -15.21 -18.56 14.54
CA VAL A 214 -15.98 -19.64 13.94
C VAL A 214 -15.06 -20.64 13.23
N GLU A 215 -15.06 -21.88 13.70
CA GLU A 215 -14.21 -22.91 13.14
C GLU A 215 -15.05 -24.12 12.72
N PRO A 216 -15.06 -24.43 11.42
CA PRO A 216 -15.70 -25.67 11.00
C PRO A 216 -14.85 -26.85 11.45
N THR A 217 -15.51 -27.94 11.84
CA THR A 217 -14.80 -29.12 12.34
C THR A 217 -13.74 -29.60 11.36
N GLU A 218 -14.10 -29.64 10.08
CA GLU A 218 -13.14 -29.90 9.01
C GLU A 218 -12.90 -28.61 8.23
N LYS A 219 -11.67 -28.44 7.75
CA LYS A 219 -11.31 -27.21 7.06
C LYS A 219 -11.85 -27.20 5.62
N PHE A 220 -12.61 -28.22 5.29
CA PHE A 220 -13.17 -28.36 3.94
C PHE A 220 -14.56 -28.98 4.05
N TYR A 221 -15.25 -29.09 2.92
CA TYR A 221 -16.50 -29.85 2.89
C TYR A 221 -16.48 -30.95 1.84
N TYR A 222 -16.83 -32.16 2.27
CA TYR A 222 -16.88 -33.32 1.40
C TYR A 222 -18.32 -33.51 0.89
N ILE A 223 -18.53 -33.38 -0.41
CA ILE A 223 -19.88 -33.34 -0.98
C ILE A 223 -20.75 -34.52 -0.56
N TYR A 224 -20.11 -35.65 -0.22
CA TYR A 224 -20.85 -36.85 0.15
C TYR A 224 -20.90 -37.09 1.66
N ASN A 225 -20.44 -36.12 2.43
CA ASN A 225 -20.56 -36.19 3.88
C ASN A 225 -22.00 -35.88 4.27
N GLU A 226 -22.73 -36.92 4.66
CA GLU A 226 -24.14 -36.81 5.01
C GLU A 226 -24.34 -35.87 6.20
N LYS A 227 -23.39 -35.87 7.13
CA LYS A 227 -23.47 -35.08 8.34
C LYS A 227 -23.65 -33.59 8.05
N GLY A 228 -22.83 -33.08 7.13
CA GLY A 228 -22.91 -31.68 6.74
C GLY A 228 -21.76 -30.84 7.29
N LEU A 229 -21.91 -29.52 7.24
CA LEU A 229 -20.87 -28.62 7.71
C LEU A 229 -21.08 -28.19 9.16
N GLU A 230 -20.33 -28.82 10.06
CA GLU A 230 -20.45 -28.55 11.50
C GLU A 230 -19.52 -27.42 11.93
N VAL A 231 -20.10 -26.39 12.55
CA VAL A 231 -19.34 -25.19 12.93
C VAL A 231 -19.41 -24.94 14.44
N THR A 232 -18.26 -24.61 15.03
CA THR A 232 -18.20 -24.27 16.44
C THR A 232 -18.02 -22.75 16.60
N ILE A 233 -19.07 -22.09 17.08
CA ILE A 233 -19.04 -20.65 17.29
C ILE A 233 -18.50 -20.34 18.67
N THR A 234 -17.22 -19.96 18.74
CA THR A 234 -16.60 -19.66 20.02
C THR A 234 -16.64 -18.16 20.29
N ALA A 235 -16.91 -17.79 21.53
CA ALA A 235 -16.93 -16.38 21.91
C ALA A 235 -16.39 -16.17 23.32
N ARG A 236 -15.35 -15.33 23.42
CA ARG A 236 -14.77 -15.01 24.71
C ARG A 236 -14.38 -13.54 24.78
N PHE A 237 -14.43 -12.98 25.98
CA PHE A 237 -14.06 -11.59 26.20
C PHE A 237 -12.58 -11.40 25.93
N LEU A 238 -12.20 -10.17 25.59
CA LEU A 238 -10.81 -9.86 25.30
C LEU A 238 -9.93 -10.19 26.49
N TYR A 239 -10.47 -10.01 27.69
CA TYR A 239 -9.73 -10.23 28.92
C TYR A 239 -9.73 -11.68 29.40
N GLY A 240 -10.36 -12.56 28.63
CA GLY A 240 -10.28 -13.98 28.90
C GLY A 240 -11.61 -14.67 29.14
N LYS A 241 -12.42 -14.10 30.01
CA LYS A 241 -13.68 -14.72 30.41
C LYS A 241 -14.53 -15.16 29.20
N LYS A 242 -15.30 -16.22 29.40
CA LYS A 242 -16.15 -16.77 28.35
C LYS A 242 -17.43 -15.94 28.21
N VAL A 243 -17.93 -15.83 26.98
CA VAL A 243 -19.11 -15.01 26.71
C VAL A 243 -20.42 -15.77 26.87
N GLU A 244 -21.41 -15.08 27.44
CA GLU A 244 -22.77 -15.61 27.49
C GLU A 244 -23.66 -14.75 26.60
N GLY A 245 -24.32 -15.38 25.64
CA GLY A 245 -25.17 -14.63 24.72
C GLY A 245 -25.90 -15.49 23.70
N THR A 246 -26.25 -14.87 22.59
CA THR A 246 -27.00 -15.52 21.53
C THR A 246 -26.37 -15.20 20.18
N ALA A 247 -26.24 -16.22 19.33
CA ALA A 247 -25.61 -16.04 18.03
C ALA A 247 -26.55 -16.32 16.84
N PHE A 248 -26.41 -15.50 15.81
CA PHE A 248 -27.05 -15.76 14.54
C PHE A 248 -25.97 -16.20 13.57
N VAL A 249 -26.24 -17.29 12.85
CA VAL A 249 -25.29 -17.81 11.87
C VAL A 249 -25.98 -18.21 10.56
N ILE A 250 -25.33 -17.86 9.46
CA ILE A 250 -25.85 -18.16 8.13
C ILE A 250 -24.72 -18.70 7.26
N PHE A 251 -25.08 -19.36 6.17
CA PHE A 251 -24.07 -19.96 5.29
C PHE A 251 -24.21 -19.45 3.86
N GLY A 252 -23.16 -19.64 3.08
CA GLY A 252 -23.17 -19.17 1.69
C GLY A 252 -22.19 -19.90 0.79
N ILE A 253 -22.40 -19.76 -0.51
CA ILE A 253 -21.56 -20.40 -1.52
C ILE A 253 -20.87 -19.35 -2.38
N GLN A 254 -19.55 -19.48 -2.51
CA GLN A 254 -18.78 -18.51 -3.28
C GLN A 254 -18.17 -19.14 -4.52
N ASP A 255 -18.17 -18.39 -5.63
CA ASP A 255 -17.57 -18.86 -6.88
C ASP A 255 -17.65 -17.80 -7.98
N GLY A 256 -16.57 -17.06 -8.17
CA GLY A 256 -15.39 -17.14 -7.32
C GLY A 256 -15.25 -15.87 -6.52
N GLU A 257 -15.70 -14.77 -7.10
CA GLU A 257 -15.78 -13.48 -6.41
C GLU A 257 -17.23 -13.19 -6.08
N GLN A 258 -18.13 -13.97 -6.66
CA GLN A 258 -19.56 -13.84 -6.43
C GLN A 258 -20.02 -14.72 -5.28
N ARG A 259 -20.81 -14.15 -4.38
CA ARG A 259 -21.34 -14.88 -3.23
C ARG A 259 -22.84 -15.08 -3.32
N ILE A 260 -23.30 -16.27 -2.94
CA ILE A 260 -24.73 -16.53 -2.87
C ILE A 260 -25.08 -16.95 -1.43
N SER A 261 -25.97 -16.18 -0.81
CA SER A 261 -26.40 -16.44 0.56
C SER A 261 -27.47 -17.52 0.60
N LEU A 262 -27.33 -18.45 1.53
CA LEU A 262 -28.33 -19.52 1.73
C LEU A 262 -29.30 -19.14 2.84
N PRO A 263 -30.44 -18.54 2.48
CA PRO A 263 -31.35 -17.99 3.48
C PRO A 263 -31.89 -19.06 4.44
N GLU A 264 -32.13 -20.26 3.92
CA GLU A 264 -32.74 -21.33 4.72
C GLU A 264 -31.74 -21.98 5.67
N SER A 265 -30.52 -21.47 5.70
CA SER A 265 -29.50 -21.99 6.60
C SER A 265 -29.37 -21.10 7.83
N LEU A 266 -30.19 -20.06 7.90
CA LEU A 266 -30.13 -19.10 9.00
C LEU A 266 -30.58 -19.71 10.32
N LYS A 267 -29.67 -19.72 11.28
CA LYS A 267 -29.95 -20.32 12.58
C LYS A 267 -29.75 -19.29 13.68
N ARG A 268 -30.43 -19.51 14.80
CA ARG A 268 -30.20 -18.72 16.02
C ARG A 268 -29.81 -19.67 17.13
N ILE A 269 -28.60 -19.50 17.66
CA ILE A 269 -28.06 -20.45 18.62
C ILE A 269 -27.61 -19.79 19.90
N PRO A 270 -27.95 -20.41 21.05
CA PRO A 270 -27.57 -19.90 22.36
C PRO A 270 -26.09 -20.12 22.62
N ILE A 271 -25.39 -19.05 22.98
CA ILE A 271 -23.96 -19.12 23.27
C ILE A 271 -23.74 -19.26 24.77
N GLU A 272 -23.59 -20.50 25.22
CA GLU A 272 -23.42 -20.80 26.64
C GLU A 272 -22.03 -21.30 26.94
N ASP A 273 -21.46 -20.80 28.04
CA ASP A 273 -20.11 -21.14 28.48
C ASP A 273 -19.09 -20.88 27.36
N GLY A 274 -19.25 -19.76 26.67
CA GLY A 274 -18.31 -19.33 25.64
C GLY A 274 -18.26 -20.19 24.39
N SER A 275 -19.36 -20.89 24.10
CA SER A 275 -19.39 -21.77 22.94
C SER A 275 -20.80 -22.01 22.43
N GLY A 276 -20.88 -22.50 21.19
CA GLY A 276 -22.15 -22.82 20.55
C GLY A 276 -21.94 -23.67 19.31
N GLU A 277 -22.93 -24.51 19.01
CA GLU A 277 -22.82 -25.42 17.87
C GLU A 277 -23.93 -25.15 16.85
N VAL A 278 -23.57 -25.13 15.58
CA VAL A 278 -24.52 -24.90 14.51
C VAL A 278 -24.08 -25.61 13.22
N VAL A 279 -25.02 -26.26 12.54
CA VAL A 279 -24.68 -27.13 11.43
C VAL A 279 -25.45 -26.83 10.15
N LEU A 280 -24.74 -26.82 9.03
CA LEU A 280 -25.39 -26.75 7.72
C LEU A 280 -25.58 -28.15 7.17
N SER A 281 -26.81 -28.65 7.27
CA SER A 281 -27.14 -29.99 6.79
C SER A 281 -27.14 -30.05 5.27
N ARG A 282 -26.58 -31.13 4.73
CA ARG A 282 -26.46 -31.30 3.29
C ARG A 282 -27.76 -30.96 2.58
N LYS A 283 -28.87 -31.39 3.18
CA LYS A 283 -30.20 -31.12 2.64
C LYS A 283 -30.33 -29.66 2.22
N VAL A 284 -30.18 -28.76 3.19
CA VAL A 284 -30.32 -27.33 2.95
C VAL A 284 -29.40 -26.84 1.84
N LEU A 285 -28.15 -27.28 1.88
CA LEU A 285 -27.15 -26.89 0.89
C LEU A 285 -27.62 -27.20 -0.54
N LEU A 286 -27.92 -28.47 -0.79
CA LEU A 286 -28.30 -28.91 -2.13
C LEU A 286 -29.64 -28.31 -2.58
N ASP A 287 -30.46 -27.91 -1.62
CA ASP A 287 -31.77 -27.33 -1.94
C ASP A 287 -31.63 -25.87 -2.37
N GLY A 288 -30.61 -25.20 -1.84
CA GLY A 288 -30.40 -23.78 -2.09
C GLY A 288 -29.80 -23.47 -3.45
N VAL A 289 -29.73 -24.49 -4.31
CA VAL A 289 -29.18 -24.32 -5.66
C VAL A 289 -29.83 -25.29 -6.66
N ARG A 293 -27.55 -31.14 -9.33
CA ARG A 293 -26.50 -32.15 -9.22
C ARG A 293 -25.45 -31.70 -8.21
N ALA A 294 -25.02 -32.62 -7.36
CA ALA A 294 -24.12 -32.29 -6.25
C ALA A 294 -22.69 -31.97 -6.67
N GLU A 295 -22.19 -32.70 -7.66
CA GLU A 295 -20.81 -32.55 -8.13
C GLU A 295 -20.56 -31.19 -8.75
N ASP A 296 -21.63 -30.45 -9.01
CA ASP A 296 -21.52 -29.11 -9.57
C ASP A 296 -21.03 -28.12 -8.52
N LEU A 297 -21.00 -28.54 -7.26
CA LEU A 297 -20.58 -27.68 -6.17
C LEU A 297 -19.09 -27.83 -5.86
N VAL A 298 -18.47 -28.84 -6.45
CA VAL A 298 -17.04 -29.06 -6.28
C VAL A 298 -16.27 -27.97 -7.00
N GLY A 299 -15.31 -27.37 -6.29
CA GLY A 299 -14.54 -26.25 -6.83
C GLY A 299 -14.96 -24.97 -6.14
N LYS A 300 -16.26 -24.86 -5.85
CA LYS A 300 -16.78 -23.71 -5.13
C LYS A 300 -16.42 -23.82 -3.65
N SER A 301 -16.79 -22.81 -2.86
CA SER A 301 -16.48 -22.79 -1.45
C SER A 301 -17.65 -22.39 -0.56
N LEU A 302 -17.47 -22.52 0.74
CA LEU A 302 -18.50 -22.15 1.71
C LEU A 302 -17.99 -21.10 2.66
N TYR A 303 -18.90 -20.23 3.11
CA TYR A 303 -18.57 -19.26 4.15
C TYR A 303 -19.59 -19.27 5.27
N VAL A 304 -19.12 -18.99 6.49
CA VAL A 304 -19.98 -18.97 7.66
C VAL A 304 -19.98 -17.56 8.26
N SER A 305 -21.17 -16.98 8.38
CA SER A 305 -21.32 -15.64 8.94
C SER A 305 -21.91 -15.70 10.34
N ALA A 306 -21.15 -15.20 11.32
CA ALA A 306 -21.58 -15.23 12.72
C ALA A 306 -21.87 -13.83 13.25
N THR A 307 -22.90 -13.74 14.09
CA THR A 307 -23.28 -12.49 14.73
C THR A 307 -23.69 -12.80 16.16
N VAL A 308 -22.78 -12.51 17.10
CA VAL A 308 -23.00 -12.85 18.50
C VAL A 308 -23.39 -11.62 19.32
N ILE A 309 -24.51 -11.73 20.02
CA ILE A 309 -25.02 -10.62 20.83
C ILE A 309 -25.14 -11.01 22.30
N LEU A 310 -24.45 -10.26 23.16
CA LEU A 310 -24.50 -10.50 24.61
C LEU A 310 -25.93 -10.39 25.12
N HIS A 311 -26.32 -11.35 25.97
CA HIS A 311 -27.69 -11.38 26.51
C HIS A 311 -28.10 -10.05 27.13
N SER A 312 -27.16 -9.11 27.17
CA SER A 312 -27.40 -7.77 27.69
C SER A 312 -27.74 -6.80 26.56
N GLY A 313 -27.33 -7.14 25.34
CA GLY A 313 -27.59 -6.31 24.17
C GLY A 313 -26.75 -5.05 24.18
N SER A 314 -25.75 -5.05 25.05
CA SER A 314 -24.88 -3.90 25.23
C SER A 314 -23.69 -3.96 24.27
N ASP A 315 -23.49 -5.12 23.65
CA ASP A 315 -22.37 -5.34 22.74
C ASP A 315 -22.68 -6.41 21.71
N MET A 316 -22.23 -6.19 20.48
CA MET A 316 -22.51 -7.07 19.37
C MET A 316 -21.29 -7.20 18.46
N VAL A 317 -20.88 -8.44 18.19
CA VAL A 317 -19.72 -8.69 17.31
C VAL A 317 -20.05 -9.62 16.13
N GLN A 318 -19.53 -9.27 14.96
CA GLN A 318 -19.69 -10.08 13.75
C GLN A 318 -18.36 -10.68 13.31
N ALA A 319 -18.37 -11.97 13.00
CA ALA A 319 -17.19 -12.68 12.54
C ALA A 319 -17.54 -13.51 11.31
N GLU A 320 -16.54 -14.14 10.70
CA GLU A 320 -16.76 -14.88 9.47
C GLU A 320 -15.58 -15.73 9.03
N ARG A 321 -15.82 -17.03 8.84
CA ARG A 321 -14.88 -17.88 8.15
C ARG A 321 -15.33 -17.98 6.70
N SER A 322 -14.38 -17.89 5.77
CA SER A 322 -14.68 -17.96 4.35
C SER A 322 -13.72 -18.92 3.66
N GLY A 323 -14.12 -19.39 2.48
CA GLY A 323 -13.25 -20.24 1.66
C GLY A 323 -13.10 -21.66 2.13
N ILE A 324 -14.17 -22.24 2.67
CA ILE A 324 -14.19 -23.67 2.96
C ILE A 324 -14.48 -24.41 1.67
N PRO A 325 -13.47 -25.07 1.11
CA PRO A 325 -13.59 -25.71 -0.19
C PRO A 325 -14.45 -26.96 -0.16
N ILE A 326 -15.24 -27.16 -1.22
CA ILE A 326 -15.97 -28.40 -1.43
C ILE A 326 -15.13 -29.29 -2.34
N VAL A 327 -14.74 -30.47 -1.84
CA VAL A 327 -13.86 -31.36 -2.58
C VAL A 327 -14.21 -32.84 -2.47
N THR A 328 -13.90 -33.59 -3.52
CA THR A 328 -14.06 -35.03 -3.52
C THR A 328 -12.93 -35.68 -2.74
N SER A 329 -11.84 -34.95 -2.58
CA SER A 329 -10.65 -35.49 -1.93
C SER A 329 -10.10 -34.54 -0.89
N PRO A 330 -9.75 -35.08 0.29
CA PRO A 330 -9.27 -34.27 1.39
C PRO A 330 -7.84 -33.81 1.17
N TYR A 331 -7.33 -34.01 -0.04
CA TYR A 331 -5.94 -33.66 -0.33
C TYR A 331 -5.72 -33.13 -1.75
N GLN A 332 -4.56 -32.52 -1.94
CA GLN A 332 -4.07 -32.14 -3.25
C GLN A 332 -2.61 -32.56 -3.34
N ILE A 333 -2.17 -32.90 -4.55
CA ILE A 333 -0.79 -33.31 -4.76
C ILE A 333 -0.10 -32.35 -5.72
N HIS A 334 1.10 -31.89 -5.35
CA HIS A 334 1.83 -30.94 -6.19
C HIS A 334 3.28 -31.35 -6.46
N PHE A 335 3.70 -31.17 -7.71
CA PHE A 335 5.06 -31.49 -8.11
C PHE A 335 5.87 -30.22 -8.29
N THR A 336 5.43 -29.14 -7.65
CA THR A 336 6.13 -27.88 -7.75
C THR A 336 7.50 -27.98 -7.11
N LYS A 337 7.74 -29.07 -6.39
CA LYS A 337 9.01 -29.25 -5.68
C LYS A 337 9.91 -30.30 -6.30
N THR A 338 9.38 -31.06 -7.25
CA THR A 338 10.17 -32.05 -7.99
C THR A 338 10.71 -31.45 -9.29
N PRO A 339 11.99 -31.71 -9.61
CA PRO A 339 12.59 -31.25 -10.86
C PRO A 339 11.95 -31.92 -12.06
N LYS A 340 12.02 -31.26 -13.22
CA LYS A 340 11.36 -31.76 -14.43
C LYS A 340 12.30 -32.46 -15.42
N TYR A 341 13.48 -32.85 -14.95
CA TYR A 341 14.48 -33.48 -15.81
C TYR A 341 15.22 -34.57 -15.05
N PHE A 342 15.32 -35.75 -15.64
CA PHE A 342 16.02 -36.86 -14.99
C PHE A 342 17.32 -37.19 -15.70
N LYS A 343 18.04 -38.17 -15.17
CA LYS A 343 19.23 -38.68 -15.84
C LYS A 343 18.97 -40.14 -16.24
N PRO A 344 18.74 -40.38 -17.53
CA PRO A 344 18.35 -41.69 -18.05
C PRO A 344 19.16 -42.82 -17.44
N GLY A 345 18.49 -43.69 -16.69
CA GLY A 345 19.16 -44.85 -16.09
C GLY A 345 19.55 -44.60 -14.64
N MET A 346 19.57 -43.34 -14.25
CA MET A 346 19.89 -42.98 -12.88
C MET A 346 18.61 -42.83 -12.07
N PRO A 347 18.70 -43.13 -10.76
CA PRO A 347 17.62 -42.87 -9.83
C PRO A 347 17.07 -41.46 -9.96
N PHE A 348 15.74 -41.34 -9.91
CA PHE A 348 15.10 -40.04 -9.95
C PHE A 348 14.31 -39.83 -8.66
N ASP A 349 14.58 -38.72 -7.98
CA ASP A 349 13.92 -38.37 -6.72
C ASP A 349 12.72 -37.45 -6.95
N LEU A 350 11.61 -37.77 -6.28
CA LEU A 350 10.41 -36.95 -6.39
C LEU A 350 10.11 -36.21 -5.10
N MET A 351 9.74 -34.95 -5.22
CA MET A 351 9.27 -34.18 -4.07
C MET A 351 7.78 -33.94 -4.21
N VAL A 352 7.00 -34.90 -3.74
CA VAL A 352 5.56 -34.74 -3.72
C VAL A 352 5.19 -33.83 -2.58
N PHE A 353 4.28 -32.89 -2.84
CA PHE A 353 3.87 -31.91 -1.85
C PHE A 353 2.36 -31.98 -1.67
N VAL A 354 1.94 -32.61 -0.58
CA VAL A 354 0.52 -32.84 -0.34
C VAL A 354 -0.09 -31.80 0.60
N THR A 355 -1.02 -31.02 0.08
CA THR A 355 -1.69 -29.99 0.88
C THR A 355 -3.12 -30.36 1.24
N ASN A 356 -3.64 -29.70 2.25
CA ASN A 356 -5.06 -29.76 2.59
C ASN A 356 -5.77 -28.71 1.75
N PRO A 357 -7.04 -28.97 1.39
CA PRO A 357 -7.81 -28.18 0.43
C PRO A 357 -7.65 -26.66 0.55
N ASP A 358 -7.31 -26.17 1.73
CA ASP A 358 -7.11 -24.73 1.92
C ASP A 358 -5.78 -24.25 1.34
N GLY A 359 -4.76 -25.11 1.41
CA GLY A 359 -3.43 -24.78 0.91
C GLY A 359 -2.35 -25.12 1.91
N SER A 360 -2.76 -25.62 3.07
CA SER A 360 -1.83 -25.98 4.14
C SER A 360 -1.31 -27.40 3.94
N PRO A 361 -0.06 -27.66 4.37
CA PRO A 361 0.59 -28.97 4.21
C PRO A 361 -0.09 -30.04 5.04
N ALA A 362 -0.26 -31.22 4.44
CA ALA A 362 -0.92 -32.33 5.11
C ALA A 362 0.11 -33.27 5.71
N TYR A 363 0.10 -33.38 7.03
CA TYR A 363 1.10 -34.18 7.75
C TYR A 363 0.77 -35.67 7.74
N ARG A 364 1.82 -36.49 7.66
CA ARG A 364 1.71 -37.96 7.69
C ARG A 364 0.68 -38.53 6.72
N VAL A 365 0.83 -38.19 5.45
CA VAL A 365 -0.03 -38.74 4.42
C VAL A 365 0.80 -39.60 3.46
N PRO A 366 0.61 -40.93 3.52
CA PRO A 366 1.38 -41.86 2.70
C PRO A 366 1.12 -41.68 1.21
N VAL A 367 2.17 -41.72 0.42
CA VAL A 367 2.02 -41.62 -1.03
C VAL A 367 2.76 -42.72 -1.78
N ALA A 368 2.40 -42.91 -3.05
CA ALA A 368 2.98 -43.95 -3.89
C ALA A 368 2.79 -43.67 -5.37
N VAL A 369 3.67 -44.23 -6.20
CA VAL A 369 3.56 -44.10 -7.64
C VAL A 369 2.46 -45.02 -8.18
N GLN A 370 2.29 -45.06 -9.49
CA GLN A 370 1.29 -45.94 -10.10
C GLN A 370 1.69 -47.40 -9.91
N GLY A 371 0.70 -48.22 -9.58
CA GLY A 371 0.95 -49.59 -9.14
C GLY A 371 1.26 -49.56 -7.66
N GLU A 372 2.46 -50.02 -7.31
CA GLU A 372 2.97 -49.94 -5.94
C GLU A 372 1.96 -50.32 -4.86
N ASP A 373 2.14 -51.48 -4.23
CA ASP A 373 3.31 -52.34 -4.44
C ASP A 373 4.48 -51.89 -3.56
N THR A 374 4.25 -51.90 -2.25
CA THR A 374 5.26 -51.56 -1.25
C THR A 374 5.81 -50.13 -1.38
N VAL A 375 6.29 -49.80 -2.58
CA VAL A 375 6.88 -48.48 -2.85
C VAL A 375 5.99 -47.33 -2.38
N GLN A 376 6.24 -46.85 -1.17
CA GLN A 376 5.45 -45.77 -0.59
C GLN A 376 6.32 -44.63 -0.06
N SER A 377 5.83 -43.97 0.98
CA SER A 377 6.53 -42.88 1.66
C SER A 377 5.54 -41.90 2.29
N LEU A 378 5.83 -41.47 3.50
CA LEU A 378 4.91 -40.60 4.23
C LEU A 378 5.29 -39.12 4.15
N THR A 379 4.29 -38.26 4.20
CA THR A 379 4.51 -36.82 4.20
C THR A 379 4.94 -36.37 5.59
N GLN A 380 5.95 -35.49 5.66
CA GLN A 380 6.47 -35.01 6.93
C GLN A 380 5.79 -33.72 7.40
N GLY A 381 6.45 -33.03 8.33
CA GLY A 381 5.92 -31.80 8.91
C GLY A 381 5.63 -30.70 7.89
N ASP A 382 6.49 -30.59 6.88
CA ASP A 382 6.34 -29.55 5.87
C ASP A 382 5.39 -29.95 4.74
N GLY A 383 4.84 -31.15 4.82
CA GLY A 383 3.89 -31.63 3.80
C GLY A 383 4.55 -32.22 2.58
N VAL A 384 5.85 -32.50 2.67
CA VAL A 384 6.59 -33.05 1.54
C VAL A 384 6.86 -34.53 1.72
N ALA A 385 6.78 -35.28 0.62
CA ALA A 385 7.08 -36.71 0.64
C ALA A 385 8.22 -37.05 -0.32
N LYS A 386 9.04 -38.01 0.08
CA LYS A 386 10.24 -38.38 -0.67
C LYS A 386 10.11 -39.72 -1.40
N LEU A 387 9.84 -39.65 -2.70
CA LEU A 387 9.78 -40.83 -3.55
C LEU A 387 11.00 -40.91 -4.45
N SER A 388 11.51 -42.12 -4.67
CA SER A 388 12.60 -42.33 -5.61
C SER A 388 12.25 -43.45 -6.59
N ILE A 389 12.38 -43.19 -7.88
CA ILE A 389 12.05 -44.16 -8.90
C ILE A 389 13.24 -44.52 -9.77
N ASN A 390 13.40 -45.82 -10.03
CA ASN A 390 14.51 -46.29 -10.86
C ASN A 390 14.18 -46.15 -12.35
N THR A 391 15.16 -45.72 -13.14
CA THR A 391 14.89 -45.29 -14.53
C THR A 391 15.57 -46.14 -15.60
N HIS A 392 15.03 -46.06 -16.81
CA HIS A 392 15.65 -46.69 -17.99
C HIS A 392 16.58 -45.70 -18.68
N PRO A 393 17.70 -46.21 -19.24
CA PRO A 393 18.65 -45.39 -19.99
C PRO A 393 18.07 -44.89 -21.31
N SER A 394 16.74 -44.91 -21.42
CA SER A 394 16.06 -44.42 -22.61
C SER A 394 15.87 -42.92 -22.56
N GLN A 395 15.79 -42.30 -23.73
CA GLN A 395 15.61 -40.86 -23.83
C GLN A 395 14.12 -40.49 -23.91
N LYS A 396 13.26 -41.43 -23.52
CA LYS A 396 11.82 -41.23 -23.59
C LYS A 396 11.26 -40.47 -22.39
N PRO A 397 10.34 -39.53 -22.66
CA PRO A 397 9.63 -38.76 -21.64
C PRO A 397 9.14 -39.63 -20.50
N LEU A 398 9.76 -39.46 -19.32
CA LEU A 398 9.34 -40.19 -18.13
C LEU A 398 8.05 -39.58 -17.59
N SER A 399 7.00 -40.39 -17.52
CA SER A 399 5.70 -39.91 -17.03
C SER A 399 5.33 -40.56 -15.70
N ILE A 400 5.09 -39.74 -14.68
CA ILE A 400 4.86 -40.24 -13.33
C ILE A 400 3.55 -39.76 -12.75
N THR A 401 2.75 -40.71 -12.25
CA THR A 401 1.49 -40.41 -11.57
C THR A 401 1.57 -40.82 -10.10
N VAL A 402 0.92 -40.06 -9.22
CA VAL A 402 1.10 -40.24 -7.78
C VAL A 402 -0.19 -40.23 -6.95
N ARG A 403 -0.19 -41.04 -5.91
CA ARG A 403 -1.22 -41.07 -4.87
C ARG A 403 -0.35 -41.26 -3.62
N THR A 404 -0.82 -41.08 -2.37
CA THR A 404 -2.20 -40.92 -1.89
C THR A 404 -2.80 -42.30 -1.56
N LYS A 405 -2.46 -42.80 -0.37
CA LYS A 405 -2.85 -44.15 0.03
C LYS A 405 -3.35 -44.21 1.48
N LYS A 406 -3.93 -43.11 1.95
CA LYS A 406 -4.52 -43.06 3.28
C LYS A 406 -5.61 -44.10 3.44
N GLN A 407 -5.49 -44.95 4.45
CA GLN A 407 -6.59 -45.83 4.83
C GLN A 407 -7.71 -44.97 5.39
N GLU A 408 -8.72 -45.60 5.97
CA GLU A 408 -9.89 -44.88 6.49
C GLU A 408 -10.66 -44.23 5.35
N LEU A 409 -9.94 -43.89 4.28
CA LEU A 409 -10.51 -43.22 3.13
C LEU A 409 -11.02 -44.27 2.16
N SER A 410 -10.93 -43.96 0.86
CA SER A 410 -11.25 -44.92 -0.19
C SER A 410 -10.61 -44.48 -1.50
N GLU A 411 -10.34 -45.43 -2.39
CA GLU A 411 -9.74 -45.11 -3.68
C GLU A 411 -10.40 -43.91 -4.35
N ALA A 412 -11.72 -43.79 -4.17
CA ALA A 412 -12.47 -42.69 -4.77
C ALA A 412 -12.14 -41.34 -4.13
N GLU A 413 -11.83 -41.37 -2.83
CA GLU A 413 -11.55 -40.14 -2.09
C GLU A 413 -10.08 -39.73 -2.19
N GLN A 414 -9.22 -40.66 -2.58
CA GLN A 414 -7.78 -40.39 -2.68
C GLN A 414 -7.49 -39.37 -3.77
N ALA A 415 -6.42 -38.59 -3.60
CA ALA A 415 -6.04 -37.58 -4.58
C ALA A 415 -5.04 -38.11 -5.60
N THR A 416 -4.83 -37.35 -6.67
CA THR A 416 -3.86 -37.76 -7.68
C THR A 416 -3.29 -36.58 -8.46
N ARG A 417 -2.14 -36.81 -9.09
CA ARG A 417 -1.49 -35.80 -9.91
C ARG A 417 -0.44 -36.45 -10.82
N THR A 418 -0.22 -35.86 -11.99
CA THR A 418 0.65 -36.45 -12.99
C THR A 418 1.57 -35.40 -13.62
N MET A 419 2.88 -35.63 -13.53
CA MET A 419 3.85 -34.74 -14.17
C MET A 419 4.52 -35.41 -15.37
N GLN A 420 5.56 -34.77 -15.88
CA GLN A 420 6.33 -35.33 -16.99
C GLN A 420 7.77 -34.82 -16.93
N ALA A 421 8.72 -35.74 -16.75
CA ALA A 421 10.12 -35.37 -16.63
C ALA A 421 10.93 -35.79 -17.86
N LEU A 422 11.64 -34.85 -18.44
CA LEU A 422 12.45 -35.09 -19.62
C LEU A 422 13.88 -35.48 -19.25
N PRO A 423 14.59 -36.14 -20.19
CA PRO A 423 15.97 -36.54 -19.95
C PRO A 423 16.96 -35.39 -20.13
N TYR A 424 18.00 -35.39 -19.30
CA TYR A 424 19.10 -34.44 -19.44
C TYR A 424 19.82 -34.75 -20.75
N SER A 425 19.81 -33.81 -21.68
CA SER A 425 20.47 -33.98 -22.97
C SER A 425 21.98 -33.85 -22.83
N THR A 426 22.71 -34.83 -23.35
CA THR A 426 24.15 -34.89 -23.14
C THR A 426 24.94 -34.24 -24.28
N VAL A 427 26.16 -33.85 -23.96
CA VAL A 427 27.03 -33.17 -24.93
C VAL A 427 27.41 -34.09 -26.09
N GLY A 428 26.74 -33.91 -27.21
CA GLY A 428 26.98 -34.74 -28.39
C GLY A 428 26.67 -36.20 -28.12
N ASN A 429 25.65 -36.45 -27.31
CA ASN A 429 25.23 -37.80 -26.98
C ASN A 429 26.33 -38.63 -26.35
N SER A 430 27.07 -38.03 -25.41
CA SER A 430 28.22 -38.69 -24.82
C SER A 430 27.84 -39.66 -23.71
N ASN A 431 26.59 -39.58 -23.25
CA ASN A 431 26.13 -40.39 -22.11
C ASN A 431 26.97 -40.18 -20.85
N ASN A 432 27.32 -38.92 -20.60
CA ASN A 432 28.03 -38.54 -19.38
C ASN A 432 27.14 -37.68 -18.50
N TYR A 433 26.67 -38.25 -17.39
CA TYR A 433 25.73 -37.57 -16.52
C TYR A 433 26.32 -37.23 -15.15
N LEU A 434 25.67 -36.31 -14.44
CA LEU A 434 25.95 -36.08 -13.02
C LEU A 434 24.62 -36.01 -12.28
N HIS A 435 24.59 -36.59 -11.08
CA HIS A 435 23.38 -36.62 -10.27
C HIS A 435 23.66 -36.27 -8.82
N LEU A 436 22.98 -35.25 -8.31
CA LEU A 436 23.13 -34.83 -6.93
C LEU A 436 21.95 -35.27 -6.10
N SER A 437 22.20 -36.10 -5.10
CA SER A 437 21.15 -36.62 -4.23
C SER A 437 21.32 -36.10 -2.81
N VAL A 438 20.21 -35.78 -2.15
CA VAL A 438 20.23 -35.28 -0.79
C VAL A 438 19.16 -35.92 0.08
N LEU A 439 19.58 -36.37 1.27
CA LEU A 439 18.68 -37.00 2.23
C LEU A 439 17.63 -36.02 2.73
N ARG A 440 16.36 -36.36 2.57
CA ARG A 440 15.28 -35.42 2.85
C ARG A 440 14.83 -35.38 4.32
N THR A 441 15.12 -34.26 4.96
CA THR A 441 14.63 -33.96 6.30
C THR A 441 14.64 -32.46 6.49
N GLU A 442 13.82 -31.96 7.40
CA GLU A 442 13.72 -30.53 7.64
C GLU A 442 15.04 -29.95 8.12
N LEU A 443 15.76 -29.31 7.21
CA LEU A 443 17.06 -28.74 7.53
C LEU A 443 16.95 -27.49 8.40
N ARG A 444 17.60 -27.54 9.56
CA ARG A 444 17.69 -26.39 10.45
C ARG A 444 19.10 -25.83 10.40
N PRO A 445 19.24 -24.52 10.57
CA PRO A 445 20.58 -23.94 10.61
C PRO A 445 21.37 -24.52 11.78
N GLY A 446 22.61 -24.91 11.53
CA GLY A 446 23.45 -25.54 12.54
C GLY A 446 23.73 -26.98 12.18
N GLU A 447 22.83 -27.57 11.38
CA GLU A 447 22.98 -28.94 10.93
C GLU A 447 23.98 -29.01 9.77
N THR A 448 24.38 -30.23 9.43
CA THR A 448 25.25 -30.44 8.29
C THR A 448 24.60 -31.36 7.27
N LEU A 449 24.60 -30.91 6.01
CA LEU A 449 23.95 -31.65 4.93
C LEU A 449 24.92 -32.56 4.21
N ASN A 450 24.47 -33.77 3.91
CA ASN A 450 25.32 -34.73 3.20
C ASN A 450 24.97 -34.83 1.72
N VAL A 451 25.53 -33.89 0.93
CA VAL A 451 25.28 -33.82 -0.50
C VAL A 451 26.02 -34.94 -1.25
N ASN A 452 25.28 -35.70 -2.05
CA ASN A 452 25.83 -36.89 -2.71
C ASN A 452 26.14 -36.70 -4.19
N PHE A 453 27.41 -36.87 -4.53
CA PHE A 453 27.88 -36.72 -5.90
C PHE A 453 28.04 -38.07 -6.60
N LEU A 454 27.05 -38.42 -7.42
CA LEU A 454 27.13 -39.65 -8.19
C LEU A 454 27.50 -39.37 -9.64
N LEU A 455 28.58 -39.97 -10.10
CA LEU A 455 29.07 -39.76 -11.46
C LEU A 455 28.70 -40.91 -12.38
N ARG A 456 28.16 -40.57 -13.56
CA ARG A 456 27.91 -41.55 -14.60
C ARG A 456 28.67 -41.17 -15.87
N MET A 457 29.64 -42.01 -16.22
CA MET A 457 30.33 -41.92 -17.50
C MET A 457 31.23 -43.14 -17.68
N ASP A 458 31.43 -43.55 -18.93
CA ASP A 458 32.26 -44.71 -19.24
C ASP A 458 33.65 -44.58 -18.60
N ARG A 459 34.22 -45.73 -18.21
CA ARG A 459 35.48 -45.74 -17.47
C ARG A 459 36.67 -45.25 -18.29
N ALA A 460 36.45 -45.05 -19.60
CA ALA A 460 37.50 -44.63 -20.51
C ALA A 460 38.05 -43.24 -20.18
N HIS A 461 37.21 -42.40 -19.61
CA HIS A 461 37.59 -41.03 -19.30
C HIS A 461 37.29 -40.67 -17.84
N GLU A 462 36.85 -41.66 -17.06
CA GLU A 462 36.44 -41.42 -15.68
C GLU A 462 37.57 -40.92 -14.81
N ALA A 463 38.80 -41.29 -15.16
CA ALA A 463 39.97 -40.94 -14.37
C ALA A 463 40.35 -39.47 -14.51
N LYS A 464 39.70 -38.77 -15.44
CA LYS A 464 39.98 -37.35 -15.68
C LYS A 464 39.14 -36.43 -14.80
N ILE A 465 38.00 -36.92 -14.35
CA ILE A 465 37.15 -36.16 -13.44
C ILE A 465 37.72 -36.21 -12.04
N ARG A 466 38.44 -35.17 -11.65
CA ARG A 466 39.13 -35.17 -10.37
C ARG A 466 38.44 -34.28 -9.34
N TYR A 467 37.59 -33.36 -9.81
CA TYR A 467 36.92 -32.44 -8.92
C TYR A 467 35.60 -31.94 -9.48
N TYR A 468 34.65 -31.71 -8.58
CA TYR A 468 33.41 -31.05 -8.96
C TYR A 468 33.46 -29.64 -8.41
N THR A 469 32.89 -28.71 -9.16
CA THR A 469 32.74 -27.34 -8.68
C THR A 469 31.28 -27.15 -8.29
N TYR A 470 31.04 -26.76 -7.04
CA TYR A 470 29.67 -26.50 -6.62
C TYR A 470 29.44 -25.03 -6.30
N LEU A 471 28.20 -24.58 -6.47
CA LEU A 471 27.82 -23.21 -6.18
C LEU A 471 26.49 -23.18 -5.43
N ILE A 472 26.47 -22.43 -4.32
CA ILE A 472 25.27 -22.26 -3.52
C ILE A 472 24.56 -20.98 -3.89
N MET A 473 23.28 -21.07 -4.17
CA MET A 473 22.48 -19.91 -4.45
C MET A 473 21.55 -19.66 -3.28
N ASN A 474 21.38 -18.39 -2.93
CA ASN A 474 20.49 -18.02 -1.85
C ASN A 474 19.99 -16.59 -2.00
N LYS A 475 18.72 -16.38 -1.67
CA LYS A 475 18.10 -15.05 -1.77
C LYS A 475 18.40 -14.40 -3.11
N GLY A 476 19.11 -15.12 -3.96
CA GLY A 476 19.45 -14.67 -5.30
C GLY A 476 20.90 -14.26 -5.46
N ARG A 477 21.74 -14.63 -4.51
CA ARG A 477 23.17 -14.33 -4.58
C ARG A 477 24.00 -15.61 -4.52
N LEU A 478 25.29 -15.49 -4.80
CA LEU A 478 26.18 -16.64 -4.71
C LEU A 478 26.75 -16.81 -3.29
N LEU A 479 26.03 -17.55 -2.45
CA LEU A 479 26.39 -17.67 -1.03
C LEU A 479 27.74 -18.34 -0.81
N LYS A 480 28.09 -19.29 -1.67
CA LYS A 480 29.37 -19.98 -1.53
C LYS A 480 29.71 -20.89 -2.71
N ALA A 481 30.97 -20.84 -3.13
CA ALA A 481 31.48 -21.75 -4.15
C ALA A 481 32.61 -22.58 -3.54
N GLY A 482 32.88 -23.74 -4.15
CA GLY A 482 33.91 -24.63 -3.64
C GLY A 482 34.18 -25.80 -4.57
N ARG A 483 35.13 -26.65 -4.19
CA ARG A 483 35.52 -27.78 -5.01
C ARG A 483 35.44 -29.09 -4.23
N GLN A 484 34.80 -30.09 -4.83
CA GLN A 484 34.70 -31.40 -4.21
C GLN A 484 35.65 -32.39 -4.86
N VAL A 485 36.71 -32.73 -4.13
CA VAL A 485 37.75 -33.62 -4.65
C VAL A 485 37.20 -35.01 -5.01
N ARG A 486 37.70 -35.56 -6.11
CA ARG A 486 37.35 -36.92 -6.52
C ARG A 486 38.57 -37.69 -7.00
N GLU A 487 38.72 -38.92 -6.52
CA GLU A 487 39.76 -39.79 -7.01
C GLU A 487 39.18 -40.73 -8.07
N PRO A 488 40.04 -41.28 -8.94
CA PRO A 488 39.59 -42.14 -10.03
C PRO A 488 38.87 -43.38 -9.52
N GLY A 489 37.71 -43.67 -10.10
CA GLY A 489 36.94 -44.85 -9.74
C GLY A 489 35.82 -44.56 -8.76
N GLN A 490 35.82 -43.35 -8.20
CA GLN A 490 34.81 -42.97 -7.22
C GLN A 490 33.54 -42.44 -7.89
N ASP A 491 32.56 -43.33 -8.06
CA ASP A 491 31.27 -42.93 -8.59
C ASP A 491 30.58 -41.97 -7.63
N LEU A 492 30.58 -42.32 -6.34
CA LEU A 492 29.88 -41.54 -5.33
C LEU A 492 30.82 -40.95 -4.27
N VAL A 493 30.83 -39.62 -4.20
CA VAL A 493 31.56 -38.91 -3.15
C VAL A 493 30.61 -38.02 -2.38
N VAL A 494 30.91 -37.79 -1.11
CA VAL A 494 29.99 -37.03 -0.26
C VAL A 494 30.58 -35.69 0.17
N LEU A 495 29.73 -34.66 0.17
CA LEU A 495 30.12 -33.33 0.61
C LEU A 495 29.42 -32.93 1.92
N PRO A 496 30.19 -32.81 3.00
CA PRO A 496 29.69 -32.36 4.28
C PRO A 496 29.48 -30.85 4.29
N LEU A 497 28.26 -30.43 3.97
CA LEU A 497 27.94 -29.02 3.81
C LEU A 497 27.24 -28.45 5.06
N SER A 498 27.92 -27.57 5.78
CA SER A 498 27.36 -26.96 6.99
C SER A 498 26.26 -25.96 6.66
N ILE A 499 25.13 -26.08 7.38
CA ILE A 499 24.01 -25.17 7.18
C ILE A 499 24.00 -24.08 8.25
N THR A 500 24.03 -22.83 7.82
CA THR A 500 23.99 -21.68 8.73
C THR A 500 22.70 -20.90 8.55
N THR A 501 22.53 -19.87 9.36
CA THR A 501 21.36 -19.00 9.26
C THR A 501 21.30 -18.29 7.90
N ASP A 502 22.39 -18.37 7.15
CA ASP A 502 22.50 -17.69 5.87
C ASP A 502 21.78 -18.42 4.75
N PHE A 503 21.47 -19.70 4.96
CA PHE A 503 20.80 -20.52 3.95
C PHE A 503 19.29 -20.36 3.98
N ILE A 504 18.78 -19.82 5.09
CA ILE A 504 17.37 -19.53 5.21
C ILE A 504 16.95 -18.57 4.10
N PRO A 505 15.77 -18.79 3.49
CA PRO A 505 14.86 -19.90 3.78
C PRO A 505 15.09 -21.12 2.88
N SER A 506 15.67 -20.90 1.72
CA SER A 506 15.87 -21.95 0.72
C SER A 506 17.20 -21.73 0.03
N PHE A 507 17.81 -22.80 -0.46
CA PHE A 507 19.05 -22.65 -1.20
C PHE A 507 19.18 -23.63 -2.36
N ARG A 508 19.92 -23.22 -3.38
CA ARG A 508 20.21 -24.06 -4.52
C ARG A 508 21.67 -24.52 -4.49
N LEU A 509 21.87 -25.80 -4.79
CA LEU A 509 23.21 -26.37 -4.92
C LEU A 509 23.36 -26.76 -6.38
N VAL A 510 24.27 -26.09 -7.08
CA VAL A 510 24.61 -26.50 -8.44
C VAL A 510 26.07 -26.90 -8.49
N ALA A 511 26.32 -28.09 -9.07
CA ALA A 511 27.67 -28.60 -9.18
C ALA A 511 27.91 -29.18 -10.57
N TYR A 512 29.16 -29.11 -11.02
CA TYR A 512 29.50 -29.58 -12.36
C TYR A 512 30.95 -30.02 -12.46
N TYR A 513 31.23 -30.80 -13.50
CA TYR A 513 32.59 -31.20 -13.83
C TYR A 513 32.83 -30.97 -15.32
N THR A 514 34.09 -30.78 -15.69
CA THR A 514 34.44 -30.58 -17.09
C THR A 514 35.62 -31.47 -17.49
N LEU A 515 35.69 -31.82 -18.77
CA LEU A 515 36.76 -32.69 -19.26
C LEU A 515 36.83 -32.74 -20.79
N ILE A 516 37.97 -33.17 -21.30
CA ILE A 516 38.13 -33.42 -22.73
C ILE A 516 37.87 -34.90 -23.00
N GLY A 517 37.03 -35.19 -23.99
CA GLY A 517 36.68 -36.57 -24.31
C GLY A 517 36.36 -36.80 -25.77
N ALA A 518 35.23 -37.46 -26.00
CA ALA A 518 34.75 -37.76 -27.36
C ALA A 518 35.89 -37.85 -28.38
N SER A 519 36.09 -36.77 -29.12
CA SER A 519 37.17 -36.70 -30.09
C SER A 519 37.95 -35.40 -29.91
N GLY A 520 38.40 -35.17 -28.68
CA GLY A 520 39.08 -33.92 -28.33
C GLY A 520 38.08 -32.80 -28.17
N GLN A 521 36.89 -33.15 -27.66
CA GLN A 521 35.81 -32.18 -27.51
C GLN A 521 35.63 -31.80 -26.06
N ARG A 522 35.42 -30.50 -25.82
CA ARG A 522 35.25 -29.98 -24.46
C ARG A 522 33.82 -30.17 -23.96
N GLU A 523 33.70 -30.88 -22.85
CA GLU A 523 32.39 -31.28 -22.34
C GLU A 523 32.15 -30.75 -20.92
N VAL A 524 30.98 -30.15 -20.71
CA VAL A 524 30.58 -29.69 -19.38
C VAL A 524 29.30 -30.40 -18.93
N VAL A 525 29.34 -31.02 -17.76
CA VAL A 525 28.19 -31.73 -17.23
C VAL A 525 27.82 -31.19 -15.85
N ALA A 526 26.61 -30.66 -15.73
CA ALA A 526 26.15 -30.01 -14.50
C ALA A 526 24.83 -30.59 -13.99
N ASP A 527 24.57 -30.40 -12.70
CA ASP A 527 23.28 -30.76 -12.10
C ASP A 527 22.99 -29.87 -10.89
N SER A 528 21.73 -29.47 -10.75
CA SER A 528 21.31 -28.61 -9.63
C SER A 528 20.31 -29.30 -8.72
N VAL A 529 19.99 -28.62 -7.61
CA VAL A 529 19.02 -29.12 -6.64
C VAL A 529 18.53 -27.99 -5.73
N TRP A 530 17.25 -28.03 -5.35
CA TRP A 530 16.66 -27.01 -4.48
C TRP A 530 16.31 -27.58 -3.10
N VAL A 531 16.97 -27.06 -2.07
CA VAL A 531 16.73 -27.55 -0.72
C VAL A 531 16.03 -26.48 0.14
N ASP A 532 14.92 -26.85 0.77
CA ASP A 532 14.23 -25.96 1.69
C ASP A 532 14.86 -26.06 3.09
N VAL A 533 15.00 -24.91 3.74
CA VAL A 533 15.52 -24.84 5.11
C VAL A 533 14.49 -24.22 6.05
N LYS A 534 14.50 -24.67 7.30
CA LYS A 534 13.54 -24.23 8.31
C LYS A 534 13.42 -22.71 8.40
N ASP A 535 12.27 -22.19 7.96
CA ASP A 535 12.05 -20.75 7.91
C ASP A 535 11.93 -20.12 9.30
N SER A 536 12.67 -19.04 9.51
CA SER A 536 12.68 -18.35 10.80
C SER A 536 13.27 -16.94 10.66
N CYS A 537 13.77 -16.40 11.76
CA CYS A 537 14.55 -15.16 11.73
C CYS A 537 16.02 -15.50 11.58
N VAL A 538 16.74 -14.67 10.84
CA VAL A 538 18.16 -14.92 10.61
C VAL A 538 18.86 -14.94 11.96
N GLY A 539 18.44 -14.06 12.84
CA GLY A 539 18.97 -14.00 14.19
C GLY A 539 17.92 -14.46 15.18
N SER A 540 17.54 -13.56 16.07
CA SER A 540 16.48 -13.84 17.05
C SER A 540 15.99 -12.56 17.72
N LEU A 541 14.69 -12.50 17.97
CA LEU A 541 14.09 -11.42 18.73
C LEU A 541 12.93 -11.96 19.56
N VAL A 542 13.11 -11.97 20.88
CA VAL A 542 12.10 -12.46 21.78
C VAL A 542 11.61 -11.34 22.68
N VAL A 543 10.30 -11.23 22.82
CA VAL A 543 9.71 -10.29 23.76
C VAL A 543 8.91 -11.06 24.81
N LYS A 544 9.22 -10.82 26.07
CA LYS A 544 8.53 -11.52 27.15
C LYS A 544 8.41 -10.67 28.41
N SER A 545 8.00 -11.31 29.50
CA SER A 545 7.80 -10.64 30.77
C SER A 545 9.11 -10.51 31.55
N GLY A 546 9.43 -9.30 31.97
CA GLY A 546 10.61 -9.05 32.79
C GLY A 546 10.46 -9.56 34.20
N GLN A 547 9.29 -9.35 34.80
CA GLN A 547 9.01 -9.84 36.14
C GLN A 547 8.94 -11.37 36.14
N SER A 548 9.72 -11.99 37.02
CA SER A 548 9.76 -13.44 37.10
C SER A 548 8.73 -13.98 38.10
N GLU A 549 7.46 -13.62 37.90
CA GLU A 549 6.38 -14.13 38.77
C GLU A 549 5.03 -13.44 38.52
N ASP A 550 4.03 -13.88 39.29
CA ASP A 550 2.74 -13.21 39.41
C ASP A 550 1.72 -13.46 38.33
N ARG A 551 0.49 -13.06 38.63
CA ARG A 551 -0.66 -13.22 37.76
C ARG A 551 -0.82 -12.00 36.86
N GLN A 552 -2.06 -11.76 36.44
CA GLN A 552 -2.37 -10.66 35.53
C GLN A 552 -2.21 -9.30 36.19
N PRO A 553 -1.81 -8.29 35.40
CA PRO A 553 -1.64 -6.91 35.87
C PRO A 553 -2.98 -6.19 36.01
N VAL A 554 -2.93 -5.03 36.65
CA VAL A 554 -4.12 -4.21 36.85
C VAL A 554 -3.96 -2.88 36.12
N PRO A 555 -5.06 -2.36 35.56
CA PRO A 555 -5.05 -1.13 34.77
C PRO A 555 -4.25 -0.02 35.42
N GLY A 556 -3.17 0.38 34.77
CA GLY A 556 -2.30 1.44 35.28
C GLY A 556 -1.09 0.89 36.03
N GLN A 557 -0.86 -0.40 35.88
CA GLN A 557 0.27 -1.04 36.55
C GLN A 557 1.53 -0.90 35.73
N GLN A 558 2.67 -0.78 36.41
CA GLN A 558 3.97 -0.75 35.74
C GLN A 558 4.56 -2.16 35.69
N MET A 559 4.95 -2.59 34.50
CA MET A 559 5.57 -3.89 34.35
C MET A 559 6.87 -3.84 33.55
N THR A 560 7.75 -4.79 33.81
CA THR A 560 9.02 -4.87 33.13
C THR A 560 8.89 -5.71 31.87
N LEU A 561 9.36 -5.16 30.76
CA LEU A 561 9.27 -5.84 29.48
C LEU A 561 10.66 -6.25 28.99
N LYS A 562 10.98 -7.54 29.11
CA LYS A 562 12.27 -8.04 28.65
C LYS A 562 12.30 -8.18 27.13
N ILE A 563 13.38 -7.72 26.50
CA ILE A 563 13.59 -7.90 25.08
C ILE A 563 14.93 -8.56 24.82
N GLU A 564 14.90 -9.74 24.21
CA GLU A 564 16.13 -10.49 23.93
C GLU A 564 16.42 -10.49 22.44
N GLY A 565 17.54 -9.89 22.05
CA GLY A 565 17.89 -9.79 20.63
C GLY A 565 19.38 -9.76 20.34
N ASP A 566 19.70 -9.53 19.07
CA ASP A 566 21.09 -9.49 18.59
C ASP A 566 21.77 -8.18 18.96
N HIS A 567 23.01 -8.27 19.41
CA HIS A 567 23.77 -7.08 19.79
C HIS A 567 23.87 -6.12 18.61
N GLY A 568 23.60 -4.86 18.86
CA GLY A 568 23.75 -3.82 17.84
C GLY A 568 22.47 -3.43 17.13
N ALA A 569 21.53 -4.38 17.04
CA ALA A 569 20.28 -4.14 16.34
C ALA A 569 19.45 -3.00 16.96
N ARG A 570 18.48 -2.52 16.20
CA ARG A 570 17.53 -1.53 16.66
C ARG A 570 16.13 -2.12 16.63
N VAL A 571 15.39 -1.98 17.73
CA VAL A 571 14.05 -2.56 17.84
C VAL A 571 12.97 -1.48 17.87
N VAL A 572 11.91 -1.70 17.08
CA VAL A 572 10.79 -0.79 17.05
C VAL A 572 9.51 -1.47 17.53
N LEU A 573 8.99 -1.01 18.66
CA LEU A 573 7.84 -1.66 19.29
C LEU A 573 6.51 -1.00 18.95
N VAL A 574 5.44 -1.68 19.35
CA VAL A 574 4.08 -1.16 19.25
C VAL A 574 3.16 -2.06 20.07
N ALA A 575 2.16 -1.47 20.72
CA ALA A 575 1.20 -2.26 21.49
C ALA A 575 -0.22 -1.91 21.07
N VAL A 576 -0.92 -2.87 20.48
CA VAL A 576 -2.27 -2.65 19.99
C VAL A 576 -3.28 -3.42 20.82
N ASP A 577 -4.46 -2.84 21.02
CA ASP A 577 -5.54 -3.48 21.77
C ASP A 577 -6.16 -4.60 20.95
N LYS A 578 -5.96 -5.84 21.38
CA LYS A 578 -6.45 -7.01 20.65
C LYS A 578 -7.91 -6.86 20.21
N GLY A 579 -8.58 -5.85 20.74
CA GLY A 579 -9.94 -5.52 20.32
C GLY A 579 -9.92 -5.12 18.87
N VAL A 580 -8.94 -4.32 18.50
CA VAL A 580 -8.79 -3.88 17.12
C VAL A 580 -8.84 -5.07 16.16
N PHE A 581 -8.12 -6.14 16.49
CA PHE A 581 -8.03 -7.28 15.60
C PHE A 581 -9.29 -8.12 15.59
N VAL A 582 -10.31 -7.65 16.31
CA VAL A 582 -11.64 -8.25 16.21
C VAL A 582 -12.36 -7.60 15.04
N LEU A 583 -11.97 -6.37 14.76
CA LEU A 583 -12.50 -5.62 13.64
C LEU A 583 -11.75 -5.97 12.36
N ASN A 584 -10.43 -5.86 12.42
CA ASN A 584 -9.59 -6.13 11.27
C ASN A 584 -8.24 -6.71 11.68
N LYS A 585 -7.94 -7.90 11.16
CA LYS A 585 -6.69 -8.60 11.48
C LYS A 585 -5.81 -8.67 10.24
N LYS A 586 -6.24 -7.99 9.18
CA LYS A 586 -5.58 -8.09 7.89
C LYS A 586 -4.44 -7.08 7.73
N ASN A 587 -3.50 -7.43 6.85
CA ASN A 587 -2.38 -6.55 6.50
C ASN A 587 -1.42 -6.28 7.64
N LYS A 588 -1.24 -7.26 8.51
CA LYS A 588 -0.24 -7.17 9.56
C LYS A 588 1.13 -7.47 8.98
N LEU A 589 2.18 -7.10 9.71
CA LEU A 589 3.54 -7.46 9.30
C LEU A 589 3.96 -8.75 9.99
N THR A 590 4.50 -9.68 9.22
CA THR A 590 4.97 -10.95 9.77
C THR A 590 6.34 -11.24 9.19
N GLN A 591 7.13 -12.02 9.92
CA GLN A 591 8.41 -12.48 9.37
C GLN A 591 8.14 -13.40 8.19
N SER A 592 7.01 -14.10 8.26
CA SER A 592 6.64 -15.06 7.23
C SER A 592 6.27 -14.36 5.93
N LYS A 593 5.65 -13.19 6.05
CA LYS A 593 5.30 -12.42 4.86
C LYS A 593 6.54 -11.84 4.22
N ILE A 594 7.59 -11.66 5.01
CA ILE A 594 8.89 -11.22 4.52
C ILE A 594 9.51 -12.33 3.67
N TRP A 595 9.69 -13.50 4.26
CA TRP A 595 10.25 -14.64 3.55
C TRP A 595 9.41 -15.01 2.33
N ASP A 596 8.13 -14.66 2.36
CA ASP A 596 7.26 -14.88 1.22
C ASP A 596 7.68 -14.02 0.04
N VAL A 597 7.93 -12.74 0.32
CA VAL A 597 8.37 -11.81 -0.72
C VAL A 597 9.73 -12.22 -1.28
N VAL A 598 10.71 -12.35 -0.40
CA VAL A 598 12.07 -12.74 -0.79
C VAL A 598 12.06 -13.91 -1.78
N GLU A 599 11.26 -14.92 -1.48
CA GLU A 599 11.24 -16.12 -2.29
C GLU A 599 10.70 -15.81 -3.68
N LYS A 600 9.57 -15.12 -3.75
CA LYS A 600 8.94 -14.81 -5.04
C LYS A 600 9.85 -13.97 -5.93
N ALA A 601 10.98 -13.55 -5.39
CA ALA A 601 11.92 -12.72 -6.13
C ALA A 601 13.24 -13.45 -6.36
N ASP A 602 13.20 -14.77 -6.45
CA ASP A 602 14.38 -15.55 -6.83
C ASP A 602 14.62 -15.48 -8.33
N ILE A 603 15.89 -15.44 -8.72
CA ILE A 603 16.27 -15.46 -10.12
C ILE A 603 16.27 -16.90 -10.61
N GLY A 604 16.33 -17.84 -9.66
CA GLY A 604 16.21 -19.25 -9.96
C GLY A 604 14.74 -19.61 -10.13
N CYS A 605 14.41 -20.25 -11.25
CA CYS A 605 13.01 -20.47 -11.61
C CYS A 605 12.57 -21.94 -11.65
N THR A 606 13.38 -22.84 -11.09
CA THR A 606 13.10 -24.27 -11.17
C THR A 606 13.69 -25.07 -10.02
N PRO A 607 12.93 -26.06 -9.51
CA PRO A 607 13.32 -27.04 -8.50
C PRO A 607 14.68 -27.71 -8.75
N GLY A 608 15.23 -27.55 -9.95
CA GLY A 608 16.55 -28.10 -10.25
C GLY A 608 16.72 -28.72 -11.62
N SER A 609 17.94 -29.14 -11.91
CA SER A 609 18.30 -29.75 -13.20
C SER A 609 18.02 -28.84 -14.39
N GLY A 610 17.88 -29.44 -15.57
CA GLY A 610 17.65 -28.70 -16.80
C GLY A 610 17.84 -29.57 -18.03
N LYS A 611 17.23 -29.16 -19.14
CA LYS A 611 17.30 -29.94 -20.38
C LYS A 611 18.73 -30.22 -20.83
N ASP A 612 19.64 -29.31 -20.50
CA ASP A 612 21.05 -29.47 -20.83
C ASP A 612 21.88 -28.79 -19.76
N TYR A 613 23.19 -28.66 -19.98
CA TYR A 613 24.05 -28.00 -19.00
C TYR A 613 23.77 -26.50 -18.99
N ALA A 614 23.49 -25.95 -20.17
CA ALA A 614 23.17 -24.53 -20.30
C ALA A 614 21.78 -24.25 -19.71
N GLY A 615 21.01 -25.31 -19.52
CA GLY A 615 19.69 -25.21 -18.91
C GLY A 615 19.76 -25.27 -17.40
N VAL A 616 20.54 -26.21 -16.88
CA VAL A 616 20.72 -26.33 -15.44
C VAL A 616 21.10 -24.97 -14.87
N PHE A 617 22.12 -24.36 -15.47
CA PHE A 617 22.61 -23.04 -15.08
C PHE A 617 21.55 -21.93 -15.10
N SER A 618 21.04 -21.63 -16.29
CA SER A 618 20.09 -20.53 -16.45
C SER A 618 18.81 -20.74 -15.67
N ASP A 619 18.33 -21.97 -15.61
CA ASP A 619 17.14 -22.29 -14.83
C ASP A 619 17.38 -22.00 -13.35
N ALA A 620 18.60 -22.27 -12.89
CA ALA A 620 18.95 -22.06 -11.49
C ALA A 620 19.33 -20.60 -11.18
N GLY A 621 19.67 -19.82 -12.20
CA GLY A 621 19.95 -18.39 -12.00
C GLY A 621 21.43 -18.03 -12.06
N LEU A 622 22.13 -18.64 -13.01
CA LEU A 622 23.56 -18.46 -13.14
C LEU A 622 23.97 -18.34 -14.60
N THR A 623 25.19 -17.87 -14.82
CA THR A 623 25.75 -17.68 -16.15
C THR A 623 27.10 -18.39 -16.26
N PHE A 624 27.22 -19.29 -17.23
CA PHE A 624 28.45 -20.03 -17.44
C PHE A 624 28.98 -19.77 -18.83
N THR A 625 30.14 -19.11 -18.91
CA THR A 625 30.78 -18.83 -20.17
C THR A 625 32.24 -19.30 -20.10
N SER A 626 32.69 -20.00 -21.14
CA SER A 626 34.03 -20.56 -21.16
C SER A 626 34.89 -20.06 -22.32
N SER A 627 36.16 -20.46 -22.32
CA SER A 627 37.07 -20.09 -23.40
C SER A 627 37.03 -21.13 -24.51
N SER A 628 36.09 -22.07 -24.41
CA SER A 628 35.88 -23.07 -25.46
C SER A 628 34.60 -22.79 -26.24
N GLY A 629 33.81 -21.84 -25.74
CA GLY A 629 32.57 -21.45 -26.41
C GLY A 629 31.33 -21.99 -25.74
N GLN A 630 31.53 -22.78 -24.69
CA GLN A 630 30.43 -23.38 -23.93
C GLN A 630 29.75 -22.35 -23.03
N GLN A 631 28.80 -21.60 -23.59
CA GLN A 631 28.11 -20.57 -22.84
C GLN A 631 26.63 -20.88 -22.60
N THR A 632 26.01 -20.10 -21.72
CA THR A 632 24.60 -20.26 -21.37
C THR A 632 23.73 -19.49 -22.34
N ALA A 633 22.42 -19.55 -22.11
CA ALA A 633 21.46 -18.78 -22.90
C ALA A 633 21.35 -17.37 -22.34
N GLN A 634 21.30 -16.39 -23.23
CA GLN A 634 21.17 -14.99 -22.83
C GLN A 634 19.79 -14.72 -22.22
N ARG A 635 19.76 -14.42 -20.94
CA ARG A 635 18.50 -14.10 -20.26
C ARG A 635 18.06 -12.68 -20.54
N ALA A 636 16.92 -12.54 -21.22
CA ALA A 636 16.41 -11.22 -21.57
C ALA A 636 15.32 -10.77 -20.60
N GLU A 637 14.76 -11.72 -19.84
CA GLU A 637 13.66 -11.41 -18.93
C GLU A 637 14.03 -11.38 -17.45
N LEU A 638 13.59 -10.33 -16.77
CA LEU A 638 13.80 -10.19 -15.33
C LEU A 638 12.91 -11.15 -14.56
N GLN A 639 11.69 -11.37 -15.07
CA GLN A 639 10.75 -12.30 -14.47
C GLN A 639 11.06 -13.74 -14.82
N CYS A 640 10.57 -14.66 -13.99
CA CYS A 640 10.65 -16.08 -14.30
C CYS A 640 9.61 -16.41 -15.37
N PRO A 641 9.90 -17.43 -16.19
CA PRO A 641 9.04 -17.82 -17.30
C PRO A 641 7.65 -18.26 -16.84
N GLN A 642 6.63 -17.97 -17.64
CA GLN A 642 5.25 -18.34 -17.36
C GLN A 642 4.30 -17.24 -17.80
N ASP B 4 -23.44 7.64 51.33
CA ASP B 4 -24.10 6.83 52.39
C ASP B 4 -23.10 6.35 53.45
N GLU B 5 -23.39 5.18 54.02
CA GLU B 5 -22.58 4.66 55.12
C GLU B 5 -21.70 3.48 54.67
N ASP B 6 -20.44 3.52 55.09
CA ASP B 6 -19.50 2.42 54.85
C ASP B 6 -19.25 2.15 53.37
N ILE B 7 -19.03 3.22 52.61
CA ILE B 7 -18.72 3.13 51.19
C ILE B 7 -17.80 4.28 50.81
N ILE B 8 -17.04 4.10 49.73
CA ILE B 8 -16.12 5.14 49.29
C ILE B 8 -16.84 6.22 48.51
N ALA B 9 -16.72 7.46 49.00
CA ALA B 9 -17.41 8.61 48.40
C ALA B 9 -16.94 8.86 46.97
N GLU B 10 -17.69 9.72 46.27
CA GLU B 10 -17.48 9.95 44.84
C GLU B 10 -16.18 10.68 44.51
N GLU B 11 -15.78 11.63 45.35
CA GLU B 11 -14.58 12.45 45.06
C GLU B 11 -13.27 11.69 45.28
N ASN B 12 -13.34 10.58 46.01
CA ASN B 12 -12.15 9.76 46.26
C ASN B 12 -11.77 8.92 45.05
N ILE B 13 -12.74 8.67 44.17
CA ILE B 13 -12.56 7.74 43.05
C ILE B 13 -11.94 8.39 41.81
N VAL B 14 -10.77 7.92 41.43
CA VAL B 14 -10.10 8.40 40.23
C VAL B 14 -10.52 7.56 39.04
N SER B 15 -11.11 8.21 38.03
CA SER B 15 -11.65 7.52 36.87
C SER B 15 -10.58 7.05 35.90
N ARG B 16 -10.86 5.94 35.21
CA ARG B 16 -9.97 5.46 34.16
C ARG B 16 -10.20 6.28 32.91
N SER B 17 -9.12 6.86 32.38
CA SER B 17 -9.24 7.82 31.29
C SER B 17 -8.41 7.47 30.05
N GLU B 18 -7.28 6.80 30.26
CA GLU B 18 -6.37 6.48 29.17
C GLU B 18 -6.75 5.18 28.46
N PHE B 19 -7.39 5.32 27.31
CA PHE B 19 -7.82 4.17 26.53
C PHE B 19 -7.36 4.25 25.08
N PRO B 20 -6.04 4.26 24.86
CA PRO B 20 -5.55 4.27 23.48
C PRO B 20 -5.84 2.93 22.81
N GLU B 21 -5.83 2.93 21.47
CA GLU B 21 -6.05 1.71 20.71
C GLU B 21 -4.70 1.08 20.37
N SER B 22 -3.66 1.90 20.43
CA SER B 22 -2.29 1.43 20.24
C SER B 22 -1.31 2.39 20.92
N TRP B 23 -0.24 1.84 21.46
CA TRP B 23 0.75 2.64 22.19
C TRP B 23 2.09 1.91 22.28
N LEU B 24 3.06 2.56 22.92
CA LEU B 24 4.41 2.00 23.03
C LEU B 24 5.09 2.00 21.67
N TRP B 25 4.71 2.97 20.83
CA TRP B 25 5.31 3.15 19.51
C TRP B 25 6.74 3.64 19.70
N ASN B 26 7.59 2.75 20.22
CA ASN B 26 8.95 3.12 20.61
C ASN B 26 10.06 2.60 19.69
N VAL B 27 11.21 3.26 19.77
CA VAL B 27 12.37 2.87 19.01
C VAL B 27 13.52 2.68 20.00
N GLU B 28 13.88 1.43 20.24
CA GLU B 28 14.94 1.14 21.20
C GLU B 28 16.15 0.47 20.55
N ASP B 29 17.33 0.71 21.12
CA ASP B 29 18.56 0.11 20.60
C ASP B 29 19.13 -0.91 21.56
N LEU B 30 19.40 -2.12 21.05
CA LEU B 30 19.94 -3.20 21.85
C LEU B 30 21.45 -3.06 22.04
N LYS B 31 21.85 -2.18 22.96
CA LYS B 31 23.27 -1.92 23.17
C LYS B 31 23.77 -2.57 24.45
N GLU B 32 22.87 -3.15 25.23
CA GLU B 32 23.23 -3.82 26.47
C GLU B 32 24.29 -4.88 26.21
N PRO B 33 25.36 -4.89 27.02
CA PRO B 33 26.44 -5.85 26.85
C PRO B 33 25.91 -7.24 26.49
N PRO B 34 26.39 -7.80 25.39
CA PRO B 34 25.87 -9.06 24.86
C PRO B 34 26.52 -10.30 25.48
N LYS B 35 25.70 -11.29 25.80
CA LYS B 35 26.20 -12.58 26.28
C LYS B 35 25.83 -13.67 25.29
N ASN B 36 26.82 -14.11 24.51
CA ASN B 36 26.62 -15.08 23.43
C ASN B 36 25.86 -14.46 22.26
N GLY B 37 26.25 -13.24 21.90
CA GLY B 37 25.59 -12.50 20.82
C GLY B 37 24.16 -12.16 21.13
N ILE B 38 23.81 -12.17 22.42
CA ILE B 38 22.44 -11.90 22.85
C ILE B 38 22.35 -10.70 23.80
N SER B 39 21.84 -9.60 23.27
CA SER B 39 21.61 -8.40 24.09
C SER B 39 20.24 -8.48 24.74
N THR B 40 20.13 -7.91 25.92
CA THR B 40 18.89 -7.96 26.68
C THR B 40 18.51 -6.58 27.23
N LYS B 41 17.43 -6.01 26.70
CA LYS B 41 16.93 -4.73 27.18
C LYS B 41 15.74 -4.90 28.12
N LEU B 42 15.79 -4.20 29.24
CA LEU B 42 14.70 -4.23 30.20
C LEU B 42 14.00 -2.87 30.18
N MET B 43 12.70 -2.89 29.96
CA MET B 43 11.92 -1.66 29.88
C MET B 43 10.81 -1.64 30.91
N ASN B 44 10.71 -0.54 31.65
CA ASN B 44 9.57 -0.33 32.51
C ASN B 44 8.47 0.39 31.72
N ILE B 45 7.26 -0.15 31.77
CA ILE B 45 6.14 0.48 31.07
C ILE B 45 4.91 0.63 31.95
N PHE B 46 4.23 1.76 31.79
CA PHE B 46 2.97 1.98 32.46
C PHE B 46 1.86 1.50 31.52
N LEU B 47 1.22 0.40 31.88
CA LEU B 47 0.11 -0.10 31.08
C LEU B 47 -1.07 0.85 31.22
N LYS B 48 -1.80 1.04 30.12
CA LYS B 48 -2.87 2.03 30.08
C LYS B 48 -4.06 1.62 30.94
N ASP B 49 -5.20 2.25 30.72
CA ASP B 49 -6.36 2.03 31.59
C ASP B 49 -7.34 1.00 31.05
N SER B 50 -7.11 0.55 29.82
CA SER B 50 -7.99 -0.44 29.21
C SER B 50 -7.97 -1.77 29.95
N ILE B 51 -9.15 -2.37 30.08
CA ILE B 51 -9.26 -3.74 30.56
C ILE B 51 -9.46 -4.63 29.35
N THR B 52 -8.39 -5.29 28.93
CA THR B 52 -8.40 -6.08 27.70
C THR B 52 -7.14 -6.93 27.61
N THR B 53 -6.69 -7.18 26.39
CA THR B 53 -5.43 -7.86 26.16
C THR B 53 -4.65 -7.07 25.12
N TRP B 54 -3.43 -6.71 25.44
CA TRP B 54 -2.58 -5.98 24.53
C TRP B 54 -1.76 -6.94 23.68
N GLU B 55 -1.49 -6.55 22.43
CA GLU B 55 -0.58 -7.29 21.59
C GLU B 55 0.70 -6.48 21.37
N ILE B 56 1.84 -7.06 21.76
CA ILE B 56 3.13 -6.39 21.65
C ILE B 56 4.00 -7.00 20.55
N LEU B 57 4.26 -6.20 19.51
CA LEU B 57 4.91 -6.65 18.30
C LEU B 57 6.25 -5.94 18.12
N ALA B 58 7.33 -6.70 18.08
CA ALA B 58 8.66 -6.12 17.96
C ALA B 58 9.35 -6.47 16.65
N VAL B 59 9.95 -5.47 16.01
CA VAL B 59 10.70 -5.67 14.77
C VAL B 59 12.13 -5.19 14.97
N SER B 60 13.10 -6.00 14.56
CA SER B 60 14.50 -5.64 14.71
C SER B 60 15.17 -5.39 13.36
N MET B 61 16.24 -4.60 13.38
CA MET B 61 16.99 -4.28 12.18
C MET B 61 18.47 -4.27 12.52
N SER B 62 19.22 -5.21 11.96
CA SER B 62 20.67 -5.28 12.21
C SER B 62 21.47 -5.38 10.92
N ASP B 63 22.49 -4.53 10.81
CA ASP B 63 23.37 -4.54 9.65
C ASP B 63 24.05 -5.89 9.44
N LYS B 64 23.84 -6.80 10.39
CA LYS B 64 24.41 -8.13 10.30
C LYS B 64 23.35 -9.20 10.06
N LYS B 65 22.32 -9.20 10.90
CA LYS B 65 21.29 -10.23 10.82
C LYS B 65 20.09 -9.79 9.97
N GLY B 66 20.12 -8.55 9.50
CA GLY B 66 19.04 -8.01 8.69
C GLY B 66 17.77 -7.75 9.50
N ILE B 67 16.64 -7.87 8.82
CA ILE B 67 15.35 -7.61 9.44
C ILE B 67 14.87 -8.85 10.19
N CYS B 68 13.97 -8.65 11.14
CA CYS B 68 13.37 -9.76 11.87
C CYS B 68 12.12 -9.32 12.64
N VAL B 69 11.00 -9.95 12.32
CA VAL B 69 9.75 -9.73 13.03
C VAL B 69 9.64 -10.78 14.12
N ALA B 70 9.47 -10.33 15.36
CA ALA B 70 9.37 -11.25 16.49
C ALA B 70 7.93 -11.76 16.65
N ASP B 71 7.80 -12.92 17.30
CA ASP B 71 6.49 -13.46 17.62
C ASP B 71 5.78 -12.50 18.58
N PRO B 72 4.46 -12.32 18.41
CA PRO B 72 3.69 -11.41 19.25
C PRO B 72 3.74 -11.79 20.72
N PHE B 73 3.68 -10.79 21.59
CA PHE B 73 3.64 -11.01 23.03
C PHE B 73 2.41 -10.32 23.62
N GLU B 74 1.51 -11.11 24.18
CA GLU B 74 0.24 -10.58 24.65
C GLU B 74 0.22 -10.33 26.16
N VAL B 75 -0.25 -9.15 26.55
CA VAL B 75 -0.42 -8.81 27.96
C VAL B 75 -1.90 -8.58 28.26
N THR B 76 -2.43 -9.36 29.19
CA THR B 76 -3.85 -9.28 29.55
C THR B 76 -4.05 -8.47 30.82
N VAL B 77 -4.73 -7.33 30.69
CA VAL B 77 -4.98 -6.44 31.82
C VAL B 77 -6.42 -6.61 32.33
N MET B 78 -6.57 -7.00 33.59
CA MET B 78 -7.90 -7.20 34.15
C MET B 78 -8.05 -6.75 35.61
N GLN B 79 -9.29 -6.80 36.10
CA GLN B 79 -9.61 -6.36 37.44
C GLN B 79 -10.83 -7.15 37.91
N ASP B 80 -10.94 -7.35 39.22
CA ASP B 80 -12.01 -8.19 39.77
C ASP B 80 -13.40 -7.57 39.66
N PHE B 81 -13.47 -6.26 39.85
CA PHE B 81 -14.72 -5.54 39.64
C PHE B 81 -14.49 -4.30 38.80
N PHE B 82 -15.33 -4.09 37.79
CA PHE B 82 -15.20 -2.92 36.94
C PHE B 82 -16.45 -2.59 36.13
N ILE B 83 -16.41 -1.44 35.46
CA ILE B 83 -17.49 -0.99 34.60
C ILE B 83 -17.02 -0.91 33.16
N ASP B 84 -17.88 -1.32 32.24
CA ASP B 84 -17.62 -1.12 30.82
C ASP B 84 -18.59 -0.08 30.30
N LEU B 85 -18.09 1.15 30.12
CA LEU B 85 -18.89 2.21 29.55
C LEU B 85 -18.84 2.12 28.04
N ARG B 86 -19.91 1.58 27.46
CA ARG B 86 -19.93 1.35 26.02
C ARG B 86 -20.63 2.48 25.28
N LEU B 87 -19.85 3.46 24.86
CA LEU B 87 -20.35 4.58 24.08
C LEU B 87 -20.46 4.17 22.61
N PRO B 88 -21.18 4.98 21.82
CA PRO B 88 -21.11 4.83 20.38
C PRO B 88 -20.00 5.72 19.84
N TYR B 89 -19.63 5.55 18.57
CA TYR B 89 -18.60 6.38 17.98
C TYR B 89 -18.99 7.85 18.08
N SER B 90 -20.15 8.18 17.51
CA SER B 90 -20.64 9.56 17.51
C SER B 90 -22.13 9.65 17.82
N VAL B 91 -22.58 10.82 18.25
CA VAL B 91 -23.99 11.11 18.43
C VAL B 91 -24.34 12.48 17.87
N VAL B 92 -25.58 12.64 17.42
CA VAL B 92 -26.02 13.88 16.81
C VAL B 92 -26.41 14.88 17.89
N ARG B 93 -26.01 16.13 17.71
CA ARG B 93 -26.33 17.20 18.67
C ARG B 93 -27.83 17.39 18.84
N ASN B 94 -28.29 17.28 20.08
CA ASN B 94 -29.70 17.46 20.42
C ASN B 94 -30.52 16.17 20.34
N GLU B 95 -29.94 15.13 19.74
CA GLU B 95 -30.59 13.83 19.68
C GLU B 95 -30.42 13.09 21.00
N GLN B 96 -31.53 12.74 21.64
CA GLN B 96 -31.48 11.95 22.86
C GLN B 96 -31.22 10.48 22.53
N VAL B 97 -30.20 9.91 23.18
CA VAL B 97 -29.83 8.52 22.96
C VAL B 97 -29.56 7.82 24.28
N GLU B 98 -29.63 6.48 24.25
CA GLU B 98 -29.37 5.68 25.42
C GLU B 98 -27.95 5.16 25.37
N ILE B 99 -27.27 5.20 26.52
CA ILE B 99 -25.95 4.61 26.63
C ILE B 99 -25.98 3.52 27.68
N ARG B 100 -25.16 2.49 27.49
CA ARG B 100 -25.15 1.37 28.42
C ARG B 100 -23.87 1.36 29.24
N ALA B 101 -23.99 0.93 30.50
CA ALA B 101 -22.83 0.79 31.38
C ALA B 101 -22.89 -0.56 32.08
N VAL B 102 -21.96 -1.45 31.75
CA VAL B 102 -22.01 -2.79 32.29
C VAL B 102 -21.04 -2.98 33.44
N LEU B 103 -21.57 -3.42 34.58
CA LEU B 103 -20.74 -3.69 35.74
C LEU B 103 -20.47 -5.18 35.85
N TYR B 104 -19.21 -5.54 35.66
CA TYR B 104 -18.81 -6.94 35.74
C TYR B 104 -18.26 -7.27 37.12
N ASN B 105 -18.79 -8.33 37.72
CA ASN B 105 -18.27 -8.83 38.98
C ASN B 105 -17.71 -10.23 38.80
N TYR B 106 -16.38 -10.33 38.78
CA TYR B 106 -15.73 -11.61 38.52
C TYR B 106 -15.17 -12.26 39.78
N ARG B 107 -15.66 -11.87 40.94
CA ARG B 107 -15.24 -12.50 42.19
C ARG B 107 -15.93 -13.84 42.39
N GLN B 108 -15.15 -14.86 42.75
CA GLN B 108 -15.60 -16.25 42.73
C GLN B 108 -16.98 -16.49 43.35
N ASN B 109 -17.14 -16.16 44.63
CA ASN B 109 -18.42 -16.38 45.30
C ASN B 109 -18.81 -15.23 46.23
N GLN B 110 -18.67 -14.00 45.75
CA GLN B 110 -18.96 -12.82 46.55
C GLN B 110 -19.84 -11.82 45.80
N GLU B 111 -21.14 -11.82 46.11
CA GLU B 111 -22.06 -10.87 45.50
C GLU B 111 -21.77 -9.47 46.02
N LEU B 112 -22.09 -8.46 45.21
CA LEU B 112 -21.74 -7.08 45.53
C LEU B 112 -22.91 -6.10 45.49
N LYS B 113 -23.20 -5.48 46.62
CA LYS B 113 -24.16 -4.38 46.69
C LYS B 113 -23.46 -3.11 46.21
N VAL B 114 -23.78 -2.68 44.99
CA VAL B 114 -23.04 -1.61 44.35
C VAL B 114 -23.86 -0.35 44.16
N ARG B 115 -23.16 0.78 44.07
CA ARG B 115 -23.77 2.06 43.74
C ARG B 115 -23.12 2.58 42.47
N VAL B 116 -23.93 2.86 41.45
CA VAL B 116 -23.41 3.43 40.20
C VAL B 116 -24.01 4.80 39.92
N GLU B 117 -23.15 5.78 39.71
CA GLU B 117 -23.57 7.15 39.55
C GLU B 117 -23.07 7.74 38.24
N LEU B 118 -23.98 8.35 37.49
CA LEU B 118 -23.59 9.13 36.32
C LEU B 118 -23.30 10.56 36.79
N LEU B 119 -22.17 11.09 36.34
CA LEU B 119 -21.74 12.43 36.74
C LEU B 119 -22.28 13.50 35.80
N HIS B 120 -22.59 14.67 36.35
CA HIS B 120 -23.21 15.74 35.59
C HIS B 120 -22.22 16.48 34.69
N ASN B 121 -22.59 16.63 33.42
CA ASN B 121 -21.79 17.39 32.47
C ASN B 121 -22.65 18.37 31.69
N PRO B 122 -22.38 19.67 31.85
CA PRO B 122 -23.13 20.78 31.25
C PRO B 122 -23.40 20.58 29.76
N ALA B 123 -22.51 19.85 29.09
CA ALA B 123 -22.69 19.56 27.68
C ALA B 123 -23.78 18.52 27.46
N PHE B 124 -24.19 17.85 28.54
CA PHE B 124 -25.18 16.79 28.44
C PHE B 124 -26.45 17.09 29.25
N CYS B 125 -27.58 16.69 28.69
CA CYS B 125 -28.87 16.86 29.35
C CYS B 125 -29.38 15.51 29.85
N SER B 126 -29.09 15.20 31.11
CA SER B 126 -29.49 13.93 31.70
C SER B 126 -30.22 14.16 33.01
N LEU B 127 -30.35 13.11 33.81
CA LEU B 127 -31.00 13.22 35.11
C LEU B 127 -30.10 13.86 36.16
N ALA B 128 -28.80 13.62 36.04
CA ALA B 128 -27.83 14.20 36.96
C ALA B 128 -27.59 15.67 36.64
N THR B 129 -27.81 16.53 37.61
CA THR B 129 -27.54 17.96 37.44
C THR B 129 -26.49 18.42 38.44
N THR B 130 -26.32 19.74 38.54
CA THR B 130 -25.36 20.32 39.46
C THR B 130 -25.65 19.89 40.90
N LYS B 131 -26.89 20.07 41.32
CA LYS B 131 -27.27 19.85 42.72
C LYS B 131 -28.02 18.54 42.98
N ARG B 132 -28.06 17.67 41.96
CA ARG B 132 -28.69 16.36 42.12
C ARG B 132 -27.87 15.27 41.45
N ARG B 133 -27.61 14.19 42.19
CA ARG B 133 -26.90 13.04 41.64
C ARG B 133 -27.87 12.06 41.03
N HIS B 134 -27.35 11.17 40.18
CA HIS B 134 -28.17 10.19 39.50
C HIS B 134 -27.62 8.81 39.81
N GLN B 135 -27.88 8.32 41.02
CA GLN B 135 -27.25 7.10 41.50
C GLN B 135 -28.23 5.95 41.74
N GLN B 136 -27.91 4.80 41.13
CA GLN B 136 -28.68 3.58 41.35
C GLN B 136 -27.97 2.68 42.36
N THR B 137 -28.76 2.01 43.19
CA THR B 137 -28.23 0.98 44.07
C THR B 137 -28.65 -0.36 43.51
N VAL B 138 -27.67 -1.20 43.16
CA VAL B 138 -27.96 -2.48 42.53
C VAL B 138 -27.06 -3.60 43.03
N THR B 139 -27.54 -4.83 42.94
CA THR B 139 -26.79 -5.98 43.42
C THR B 139 -26.32 -6.84 42.26
N ILE B 140 -25.06 -7.25 42.30
CA ILE B 140 -24.48 -8.06 41.24
C ILE B 140 -23.99 -9.40 41.77
N PRO B 141 -24.59 -10.50 41.30
CA PRO B 141 -24.26 -11.87 41.69
C PRO B 141 -22.85 -12.26 41.27
N PRO B 142 -22.27 -13.27 41.94
CA PRO B 142 -20.92 -13.74 41.64
C PRO B 142 -20.79 -14.23 40.20
N LYS B 143 -19.69 -13.84 39.55
CA LYS B 143 -19.35 -14.31 38.20
C LYS B 143 -20.34 -13.85 37.13
N SER B 144 -20.89 -12.65 37.26
CA SER B 144 -21.88 -12.16 36.31
C SER B 144 -21.76 -10.67 36.02
N SER B 145 -22.55 -10.21 35.04
CA SER B 145 -22.54 -8.82 34.61
C SER B 145 -23.89 -8.14 34.81
N LEU B 146 -23.91 -6.82 34.84
CA LEU B 146 -25.15 -6.08 34.98
C LEU B 146 -25.19 -4.84 34.09
N SER B 147 -26.17 -4.79 33.20
CA SER B 147 -26.32 -3.65 32.30
C SER B 147 -27.05 -2.51 33.01
N VAL B 148 -26.51 -1.30 32.86
CA VAL B 148 -27.11 -0.09 33.43
C VAL B 148 -27.30 0.96 32.34
N PRO B 149 -28.57 1.30 32.05
CA PRO B 149 -28.91 2.26 31.01
C PRO B 149 -28.99 3.71 31.51
N TYR B 150 -28.42 4.63 30.73
CA TYR B 150 -28.57 6.06 30.98
C TYR B 150 -29.00 6.73 29.68
N VAL B 151 -29.95 7.65 29.76
CA VAL B 151 -30.31 8.45 28.60
C VAL B 151 -29.77 9.86 28.78
N ILE B 152 -29.17 10.41 27.73
CA ILE B 152 -28.57 11.75 27.78
C ILE B 152 -28.82 12.49 26.47
N VAL B 153 -28.46 13.77 26.44
CA VAL B 153 -28.62 14.59 25.25
C VAL B 153 -27.48 15.58 25.11
N PRO B 154 -26.63 15.39 24.09
CA PRO B 154 -25.51 16.29 23.83
C PRO B 154 -25.97 17.64 23.29
N LEU B 155 -25.53 18.73 23.93
CA LEU B 155 -26.03 20.06 23.60
C LEU B 155 -25.02 20.91 22.84
N LYS B 156 -23.74 20.52 22.91
CA LYS B 156 -22.70 21.22 22.16
C LYS B 156 -21.76 20.24 21.46
N THR B 157 -21.38 20.57 20.23
CA THR B 157 -20.62 19.66 19.38
C THR B 157 -19.16 19.56 19.79
N GLY B 158 -18.50 18.50 19.29
CA GLY B 158 -17.09 18.28 19.56
C GLY B 158 -16.84 17.09 20.47
N LEU B 159 -15.62 16.97 20.95
CA LEU B 159 -15.21 15.88 21.82
C LEU B 159 -15.69 16.11 23.25
N GLN B 160 -16.94 15.76 23.52
CA GLN B 160 -17.49 15.88 24.86
C GLN B 160 -17.22 14.61 25.65
N GLU B 161 -17.61 14.59 26.92
CA GLU B 161 -17.16 13.53 27.82
C GLU B 161 -18.23 13.02 28.79
N VAL B 162 -18.47 11.70 28.74
CA VAL B 162 -19.33 11.03 29.71
C VAL B 162 -18.47 10.30 30.73
N GLU B 163 -18.96 10.19 31.95
CA GLU B 163 -18.16 9.59 33.01
C GLU B 163 -19.02 9.03 34.13
N VAL B 164 -18.93 7.72 34.35
CA VAL B 164 -19.64 7.08 35.45
C VAL B 164 -18.66 6.50 36.47
N LYS B 165 -19.06 6.46 37.73
CA LYS B 165 -18.28 5.87 38.80
C LYS B 165 -19.11 4.81 39.52
N ALA B 166 -18.44 3.89 40.20
CA ALA B 166 -19.13 2.85 40.93
C ALA B 166 -18.32 2.37 42.12
N ALA B 167 -19.01 2.13 43.23
CA ALA B 167 -18.37 1.63 44.45
C ALA B 167 -19.22 0.56 45.12
N VAL B 168 -18.57 -0.33 45.84
CA VAL B 168 -19.28 -1.39 46.56
C VAL B 168 -19.36 -1.06 48.05
N TYR B 169 -20.41 -1.56 48.70
CA TYR B 169 -20.60 -1.32 50.12
C TYR B 169 -19.82 -2.32 50.96
N HIS B 170 -19.24 -1.84 52.06
CA HIS B 170 -18.57 -2.70 53.04
C HIS B 170 -17.19 -3.19 52.60
N HIS B 171 -16.81 -2.87 51.37
CA HIS B 171 -15.50 -3.25 50.84
C HIS B 171 -14.81 -2.01 50.29
N PHE B 172 -13.50 -2.11 50.09
CA PHE B 172 -12.74 -1.01 49.54
C PHE B 172 -12.51 -1.21 48.04
N ILE B 173 -13.59 -1.42 47.30
CA ILE B 173 -13.51 -1.63 45.86
C ILE B 173 -14.26 -0.53 45.12
N SER B 174 -13.55 0.16 44.23
CA SER B 174 -14.13 1.27 43.47
C SER B 174 -13.61 1.29 42.05
N ASP B 175 -14.41 1.82 41.12
CA ASP B 175 -13.98 1.96 39.74
C ASP B 175 -14.63 3.17 39.06
N GLY B 176 -13.89 3.78 38.13
CA GLY B 176 -14.39 4.93 37.38
C GLY B 176 -13.96 4.91 35.92
N VAL B 177 -14.89 5.20 35.02
CA VAL B 177 -14.61 5.21 33.59
C VAL B 177 -14.94 6.55 32.96
N ARG B 178 -13.92 7.22 32.44
CA ARG B 178 -14.09 8.52 31.79
C ARG B 178 -13.79 8.39 30.30
N LYS B 179 -14.85 8.28 29.49
CA LYS B 179 -14.69 8.14 28.05
C LYS B 179 -15.29 9.30 27.28
N SER B 180 -14.70 9.60 26.14
CA SER B 180 -15.17 10.68 25.28
C SER B 180 -15.83 10.14 24.01
N LEU B 181 -16.76 10.91 23.46
CA LEU B 181 -17.37 10.58 22.18
C LEU B 181 -17.58 11.84 21.37
N LYS B 182 -17.39 11.71 20.07
CA LYS B 182 -17.49 12.87 19.17
C LYS B 182 -18.94 13.23 18.93
N VAL B 183 -19.28 14.49 19.20
CA VAL B 183 -20.63 14.98 18.96
C VAL B 183 -20.67 15.84 17.70
N VAL B 184 -21.53 15.45 16.76
CA VAL B 184 -21.59 16.08 15.45
C VAL B 184 -22.94 16.75 15.23
N PRO B 185 -22.96 17.89 14.50
CA PRO B 185 -24.18 18.60 14.17
C PRO B 185 -25.09 17.82 13.21
N GLU B 186 -25.83 18.55 12.38
CA GLU B 186 -26.87 17.94 11.58
C GLU B 186 -26.79 18.39 10.14
N GLY B 187 -26.38 17.49 9.25
CA GLY B 187 -26.27 17.82 7.83
C GLY B 187 -25.85 16.66 6.95
N ILE B 188 -25.76 16.93 5.64
CA ILE B 188 -25.35 15.92 4.68
C ILE B 188 -23.98 16.29 4.08
N ARG B 189 -23.15 15.27 3.88
CA ARG B 189 -21.84 15.44 3.27
C ARG B 189 -21.97 15.96 1.84
N MET B 190 -21.41 17.14 1.58
CA MET B 190 -21.43 17.71 0.24
C MET B 190 -20.04 18.08 -0.25
N ASN B 191 -19.74 17.68 -1.49
CA ASN B 191 -18.47 18.02 -2.12
C ASN B 191 -18.66 18.88 -3.37
N LYS B 192 -18.08 20.08 -3.34
CA LYS B 192 -18.23 21.03 -4.43
C LYS B 192 -16.90 21.35 -5.10
N THR B 193 -16.95 21.54 -6.42
CA THR B 193 -15.78 21.96 -7.19
C THR B 193 -15.73 23.48 -7.25
N VAL B 194 -14.56 24.04 -6.91
CA VAL B 194 -14.41 25.50 -6.84
C VAL B 194 -13.82 26.10 -8.12
N ALA B 195 -12.69 25.56 -8.57
CA ALA B 195 -12.03 26.08 -9.76
C ALA B 195 -11.24 25.02 -10.51
N VAL B 196 -11.45 24.96 -11.83
CA VAL B 196 -10.68 24.08 -12.70
C VAL B 196 -10.16 24.85 -13.91
N ARG B 197 -8.91 25.28 -13.83
CA ARG B 197 -8.30 26.08 -14.90
C ARG B 197 -7.12 25.32 -15.51
N THR B 198 -6.85 25.58 -16.79
CA THR B 198 -5.73 24.95 -17.47
C THR B 198 -4.50 25.85 -17.40
N LEU B 199 -3.47 25.39 -16.69
CA LEU B 199 -2.25 26.18 -16.49
C LEU B 199 -1.27 26.04 -17.64
N ASP B 200 -1.28 27.01 -18.56
CA ASP B 200 -0.38 26.99 -19.70
C ASP B 200 -0.01 28.40 -20.14
N PRO B 201 1.10 28.93 -19.62
CA PRO B 201 1.64 30.19 -20.11
C PRO B 201 1.97 30.07 -21.59
N GLU B 202 1.77 31.14 -22.34
CA GLU B 202 1.93 31.14 -23.80
C GLU B 202 0.60 30.96 -24.51
N ARG B 203 -0.07 29.83 -24.27
CA ARG B 203 -1.39 29.57 -24.86
C ARG B 203 -2.47 30.33 -24.11
N LEU B 204 -2.92 31.43 -24.70
CA LEU B 204 -3.91 32.33 -24.09
C LEU B 204 -3.43 32.95 -22.77
N GLY B 205 -2.81 32.15 -21.92
CA GLY B 205 -2.10 32.68 -20.75
C GLY B 205 -0.93 33.49 -21.24
N ARG B 206 -1.13 34.81 -21.36
CA ARG B 206 -0.21 35.71 -22.06
C ARG B 206 1.26 35.60 -21.65
N GLU B 207 2.14 36.18 -22.47
CA GLU B 207 3.58 36.18 -22.20
C GLU B 207 3.86 36.76 -20.81
N GLY B 208 3.00 37.66 -20.35
CA GLY B 208 2.98 38.03 -18.94
C GLY B 208 2.41 36.83 -18.20
N VAL B 209 3.30 35.90 -17.86
CA VAL B 209 2.93 34.60 -17.31
C VAL B 209 1.58 34.52 -16.60
N GLN B 210 0.83 33.46 -16.88
CA GLN B 210 -0.58 33.33 -16.47
C GLN B 210 -0.87 33.64 -15.00
N LYS B 211 -1.89 34.45 -14.77
CA LYS B 211 -2.39 34.74 -13.43
C LYS B 211 -3.81 34.17 -13.34
N GLU B 212 -4.13 33.54 -12.21
CA GLU B 212 -5.43 32.88 -12.06
C GLU B 212 -6.10 33.20 -10.72
N ASP B 213 -7.17 33.99 -10.79
CA ASP B 213 -7.92 34.36 -9.60
C ASP B 213 -8.90 33.24 -9.20
N ILE B 214 -8.74 32.71 -8.00
CA ILE B 214 -9.59 31.64 -7.52
C ILE B 214 -10.43 32.09 -6.32
N PRO B 215 -11.76 32.08 -6.48
CA PRO B 215 -12.69 32.51 -5.44
C PRO B 215 -12.83 31.46 -4.35
N PRO B 216 -13.36 31.86 -3.18
CA PRO B 216 -13.67 30.88 -2.14
C PRO B 216 -14.86 30.02 -2.55
N ALA B 217 -15.31 29.14 -1.67
CA ALA B 217 -16.48 28.33 -1.94
C ALA B 217 -17.71 29.00 -1.33
N ASP B 218 -18.89 28.63 -1.82
CA ASP B 218 -20.13 29.20 -1.31
C ASP B 218 -20.26 28.95 0.19
N LEU B 219 -20.44 27.68 0.55
CA LEU B 219 -20.54 27.26 1.96
C LEU B 219 -21.49 28.14 2.77
N SER B 220 -22.52 28.68 2.11
CA SER B 220 -23.51 29.52 2.76
C SER B 220 -24.53 28.66 3.52
N ASP B 221 -24.66 27.41 3.09
CA ASP B 221 -25.53 26.45 3.78
C ASP B 221 -24.70 25.50 4.64
N GLN B 222 -23.49 25.94 4.98
CA GLN B 222 -22.62 25.21 5.90
C GLN B 222 -23.18 25.32 7.31
N VAL B 223 -23.44 24.17 7.93
CA VAL B 223 -23.96 24.15 9.30
C VAL B 223 -22.91 24.69 10.27
N PRO B 224 -23.27 25.72 11.04
CA PRO B 224 -22.37 26.41 11.96
C PRO B 224 -21.63 25.48 12.92
N ASP B 225 -20.34 25.76 13.14
CA ASP B 225 -19.49 24.99 14.05
C ASP B 225 -18.91 23.74 13.40
N THR B 226 -18.66 23.81 12.10
CA THR B 226 -18.05 22.70 11.37
C THR B 226 -16.82 23.17 10.60
N GLU B 227 -15.77 22.36 10.63
CA GLU B 227 -14.57 22.65 9.85
C GLU B 227 -14.79 22.31 8.37
N SER B 228 -14.01 22.97 7.52
CA SER B 228 -14.08 22.74 6.08
C SER B 228 -12.68 22.80 5.48
N GLU B 229 -12.31 21.78 4.72
CA GLU B 229 -10.97 21.75 4.14
C GLU B 229 -10.96 21.97 2.63
N THR B 230 -10.05 22.82 2.19
CA THR B 230 -9.86 23.14 0.79
C THR B 230 -8.63 22.39 0.28
N ARG B 231 -8.80 21.60 -0.78
CA ARG B 231 -7.68 20.87 -1.34
C ARG B 231 -7.33 21.33 -2.76
N ILE B 232 -6.18 21.99 -2.88
CA ILE B 232 -5.68 22.43 -4.16
C ILE B 232 -4.90 21.29 -4.81
N LEU B 233 -4.97 21.18 -6.13
CA LEU B 233 -4.32 20.07 -6.83
C LEU B 233 -3.69 20.51 -8.16
N LEU B 234 -2.49 20.01 -8.43
CA LEU B 234 -1.74 20.38 -9.63
C LEU B 234 -1.54 19.19 -10.58
N GLN B 235 -2.57 18.87 -11.36
CA GLN B 235 -2.47 17.81 -12.36
C GLN B 235 -1.63 18.27 -13.54
N GLY B 236 -0.73 17.41 -14.01
CA GLY B 236 0.12 17.76 -15.14
C GLY B 236 -0.17 16.92 -16.38
N THR B 237 -0.54 17.59 -17.47
CA THR B 237 -0.78 16.91 -18.74
C THR B 237 0.54 16.84 -19.53
N PRO B 238 1.07 15.61 -19.69
CA PRO B 238 2.38 15.39 -20.29
C PRO B 238 2.34 15.13 -21.79
N VAL B 239 1.54 14.14 -22.22
CA VAL B 239 1.43 13.73 -23.62
C VAL B 239 2.47 14.34 -24.57
N ALA B 240 3.36 13.49 -25.08
CA ALA B 240 4.47 13.92 -25.91
C ALA B 240 4.40 13.32 -27.30
N GLN B 241 5.54 12.79 -27.75
CA GLN B 241 5.62 11.96 -28.96
C GLN B 241 6.29 12.61 -30.18
N MET B 242 7.60 12.80 -30.08
CA MET B 242 8.42 13.00 -31.27
C MET B 242 8.85 11.61 -31.71
N THR B 243 7.90 10.90 -32.32
CA THR B 243 8.00 9.45 -32.52
C THR B 243 8.94 9.00 -33.62
N GLU B 244 9.42 7.76 -33.51
CA GLU B 244 10.29 7.14 -34.50
C GLU B 244 9.95 5.66 -34.71
N ASP B 245 10.12 5.20 -35.94
CA ASP B 245 10.00 3.78 -36.25
C ASP B 245 11.26 3.27 -36.95
N ALA B 246 12.23 2.84 -36.15
CA ALA B 246 13.51 2.39 -36.68
C ALA B 246 13.39 1.09 -37.46
N VAL B 247 14.37 0.83 -38.32
CA VAL B 247 14.41 -0.39 -39.10
C VAL B 247 14.73 -1.58 -38.21
N ASP B 248 13.88 -2.61 -38.30
CA ASP B 248 14.09 -3.82 -37.51
C ASP B 248 15.47 -4.43 -37.79
N ALA B 249 16.14 -4.84 -36.72
CA ALA B 249 17.50 -5.35 -36.80
C ALA B 249 17.60 -6.66 -37.57
N GLU B 250 16.55 -7.48 -37.47
CA GLU B 250 16.49 -8.77 -38.15
C GLU B 250 16.66 -8.61 -39.67
N ARG B 251 16.56 -7.37 -40.13
CA ARG B 251 16.67 -7.05 -41.55
C ARG B 251 18.08 -6.62 -41.92
N LEU B 252 18.99 -6.65 -40.96
CA LEU B 252 20.36 -6.17 -41.18
C LEU B 252 21.43 -7.24 -41.00
N LYS B 253 21.00 -8.47 -40.74
CA LYS B 253 21.92 -9.58 -40.46
C LYS B 253 23.03 -9.73 -41.50
N HIS B 254 22.79 -9.22 -42.71
CA HIS B 254 23.76 -9.34 -43.79
C HIS B 254 24.81 -8.24 -43.76
N LEU B 255 24.54 -7.20 -42.96
CA LEU B 255 25.44 -6.05 -42.89
C LEU B 255 26.68 -6.31 -42.02
N ILE B 256 26.72 -7.47 -41.39
CA ILE B 256 27.89 -7.85 -40.61
C ILE B 256 28.84 -8.65 -41.51
N VAL B 257 29.76 -7.94 -42.15
CA VAL B 257 30.64 -8.55 -43.15
C VAL B 257 32.09 -8.57 -42.70
N THR B 258 32.76 -9.69 -42.92
CA THR B 258 34.18 -9.81 -42.64
C THR B 258 35.00 -9.02 -43.67
N PRO B 259 35.74 -8.01 -43.21
CA PRO B 259 36.55 -7.17 -44.09
C PRO B 259 37.80 -7.89 -44.58
N SER B 260 38.00 -7.89 -45.90
CA SER B 260 39.20 -8.49 -46.49
C SER B 260 39.59 -7.80 -47.79
N GLY B 261 40.75 -8.15 -48.31
CA GLY B 261 41.23 -7.58 -49.57
C GLY B 261 42.21 -6.44 -49.35
N CYS B 262 42.38 -5.62 -50.39
CA CYS B 262 43.35 -4.53 -50.40
C CYS B 262 42.77 -3.18 -49.99
N GLY B 263 43.64 -2.17 -49.90
CA GLY B 263 43.28 -0.84 -49.43
C GLY B 263 41.85 -0.38 -49.70
N GLU B 264 41.29 -0.81 -50.82
CA GLU B 264 39.94 -0.39 -51.20
C GLU B 264 38.88 -1.44 -50.86
N GLU B 265 39.16 -2.70 -51.19
CA GLU B 265 38.23 -3.79 -50.92
C GLU B 265 38.02 -4.02 -49.43
N ASN B 266 39.04 -3.69 -48.64
CA ASN B 266 38.95 -3.79 -47.19
C ASN B 266 37.99 -2.75 -46.64
N MET B 267 37.90 -1.62 -47.31
CA MET B 267 37.02 -0.54 -46.88
C MET B 267 35.57 -0.80 -47.27
N ILE B 268 35.36 -1.52 -48.37
CA ILE B 268 34.01 -1.85 -48.82
C ILE B 268 33.36 -2.87 -47.88
N GLY B 269 34.20 -3.62 -47.16
CA GLY B 269 33.71 -4.64 -46.23
C GLY B 269 33.61 -4.17 -44.78
N MET B 270 34.39 -3.16 -44.43
CA MET B 270 34.37 -2.59 -43.08
C MET B 270 33.25 -1.55 -42.97
N THR B 271 32.71 -1.15 -44.11
CA THR B 271 31.65 -0.15 -44.18
C THR B 271 30.33 -0.61 -43.56
N PRO B 272 29.70 -1.65 -44.13
CA PRO B 272 28.38 -2.07 -43.63
C PRO B 272 28.42 -2.51 -42.16
N THR B 273 29.57 -2.99 -41.70
CA THR B 273 29.70 -3.47 -40.34
C THR B 273 29.78 -2.32 -39.34
N VAL B 274 30.59 -1.32 -39.63
CA VAL B 274 30.71 -0.17 -38.74
C VAL B 274 29.39 0.58 -38.67
N ILE B 275 28.73 0.74 -39.82
CA ILE B 275 27.46 1.45 -39.85
C ILE B 275 26.32 0.58 -39.33
N ALA B 276 26.59 -0.71 -39.18
CA ALA B 276 25.62 -1.64 -38.59
C ALA B 276 25.65 -1.55 -37.08
N VAL B 277 26.84 -1.57 -36.51
CA VAL B 277 27.00 -1.46 -35.06
C VAL B 277 26.50 -0.10 -34.60
N HIS B 278 26.95 0.95 -35.26
CA HIS B 278 26.56 2.31 -34.92
C HIS B 278 25.03 2.45 -34.85
N TYR B 279 24.34 2.05 -35.90
CA TYR B 279 22.89 2.16 -35.94
C TYR B 279 22.23 1.31 -34.84
N LEU B 280 22.81 0.15 -34.59
CA LEU B 280 22.25 -0.77 -33.59
C LEU B 280 22.51 -0.32 -32.15
N ASP B 281 23.60 0.40 -31.94
CA ASP B 281 23.91 0.96 -30.63
C ASP B 281 22.98 2.11 -30.29
N GLU B 282 22.50 2.80 -31.32
CA GLU B 282 21.67 3.99 -31.14
C GLU B 282 20.18 3.68 -31.11
N THR B 283 19.78 2.62 -31.81
CA THR B 283 18.38 2.23 -31.83
C THR B 283 18.11 1.17 -30.76
N GLU B 284 19.18 0.74 -30.10
CA GLU B 284 19.09 -0.19 -28.97
C GLU B 284 18.24 -1.43 -29.23
N GLN B 285 18.34 -1.97 -30.44
CA GLN B 285 17.59 -3.17 -30.79
C GLN B 285 18.42 -4.41 -30.49
N TRP B 286 19.60 -4.21 -29.90
CA TRP B 286 20.55 -5.30 -29.69
C TRP B 286 19.98 -6.58 -29.08
N GLU B 287 18.89 -6.46 -28.30
CA GLU B 287 18.22 -7.64 -27.76
C GLU B 287 17.54 -8.41 -28.88
N LYS B 288 16.83 -7.68 -29.74
CA LYS B 288 16.05 -8.28 -30.82
C LYS B 288 16.94 -8.90 -31.89
N PHE B 289 18.12 -8.31 -32.09
CA PHE B 289 19.07 -8.79 -33.10
C PHE B 289 19.81 -10.03 -32.63
N GLY B 290 20.04 -10.11 -31.32
CA GLY B 290 20.86 -11.17 -30.74
C GLY B 290 22.05 -10.54 -30.05
N LEU B 291 22.01 -10.52 -28.72
CA LEU B 291 22.98 -9.76 -27.93
C LEU B 291 24.40 -10.29 -28.01
N GLU B 292 24.54 -11.58 -28.30
CA GLU B 292 25.85 -12.21 -28.35
C GLU B 292 26.63 -11.87 -29.62
N LYS B 293 25.91 -11.43 -30.65
CA LYS B 293 26.50 -11.17 -31.96
C LYS B 293 27.27 -9.85 -32.03
N ARG B 294 27.11 -9.00 -31.03
CA ARG B 294 27.79 -7.70 -31.03
C ARG B 294 29.29 -7.88 -30.82
N GLN B 295 29.65 -8.63 -29.80
CA GLN B 295 31.06 -8.84 -29.49
C GLN B 295 31.83 -9.29 -30.73
N GLY B 296 31.22 -10.18 -31.51
CA GLY B 296 31.83 -10.68 -32.74
C GLY B 296 31.89 -9.65 -33.86
N ALA B 297 30.99 -8.67 -33.81
CA ALA B 297 31.00 -7.59 -34.77
C ALA B 297 32.07 -6.56 -34.41
N LEU B 298 32.44 -6.50 -33.13
CA LEU B 298 33.52 -5.64 -32.68
C LEU B 298 34.87 -6.13 -33.19
N GLU B 299 35.01 -7.45 -33.30
CA GLU B 299 36.25 -8.04 -33.79
C GLU B 299 36.42 -7.75 -35.28
N LEU B 300 35.31 -7.71 -36.00
CA LEU B 300 35.34 -7.47 -37.45
C LEU B 300 35.66 -6.02 -37.78
N ILE B 301 35.23 -5.10 -36.92
CA ILE B 301 35.52 -3.68 -37.09
C ILE B 301 36.97 -3.39 -36.72
N LYS B 302 37.45 -4.05 -35.67
CA LYS B 302 38.84 -3.95 -35.25
C LYS B 302 39.74 -4.65 -36.26
N LYS B 303 39.21 -5.69 -36.90
CA LYS B 303 39.96 -6.45 -37.89
C LYS B 303 40.06 -5.68 -39.20
N GLY B 304 39.04 -4.89 -39.50
CA GLY B 304 39.05 -4.05 -40.69
C GLY B 304 40.02 -2.88 -40.54
N TYR B 305 40.03 -2.28 -39.36
CA TYR B 305 40.91 -1.15 -39.07
C TYR B 305 42.37 -1.58 -38.99
N THR B 306 42.63 -2.76 -38.43
CA THR B 306 43.98 -3.28 -38.35
C THR B 306 44.52 -3.55 -39.74
N GLN B 307 43.68 -4.10 -40.61
CA GLN B 307 44.07 -4.42 -41.97
C GLN B 307 44.18 -3.18 -42.85
N GLN B 308 43.68 -2.05 -42.34
CA GLN B 308 43.74 -0.79 -43.07
C GLN B 308 44.97 0.02 -42.70
N LEU B 309 45.78 -0.52 -41.78
CA LEU B 309 47.02 0.12 -41.37
C LEU B 309 48.18 -0.31 -42.27
N ALA B 310 48.04 -1.49 -42.88
CA ALA B 310 49.07 -2.03 -43.76
C ALA B 310 49.07 -1.32 -45.11
N PHE B 311 48.03 -0.53 -45.37
CA PHE B 311 47.94 0.23 -46.61
C PHE B 311 48.10 1.72 -46.36
N ARG B 312 48.66 2.06 -45.19
CA ARG B 312 48.97 3.44 -44.86
C ARG B 312 50.38 3.79 -45.36
N GLN B 313 50.44 4.66 -46.35
CA GLN B 313 51.71 5.10 -46.91
C GLN B 313 52.40 6.08 -45.97
N PRO B 314 53.74 6.21 -46.10
CA PRO B 314 54.55 7.11 -45.26
C PRO B 314 54.01 8.55 -45.21
N SER B 315 53.37 8.99 -46.30
CA SER B 315 52.80 10.32 -46.37
C SER B 315 51.51 10.43 -45.57
N SER B 316 51.18 9.36 -44.84
CA SER B 316 49.96 9.29 -44.04
C SER B 316 48.71 9.16 -44.90
N ALA B 317 48.90 8.82 -46.17
CA ALA B 317 47.81 8.70 -47.12
C ALA B 317 47.50 7.25 -47.47
N PHE B 318 46.39 7.04 -48.16
CA PHE B 318 45.94 5.68 -48.50
C PHE B 318 45.69 5.50 -50.00
N ALA B 319 45.99 4.30 -50.49
CA ALA B 319 45.71 3.93 -51.86
C ALA B 319 45.38 2.44 -51.90
N ALA B 320 44.84 1.99 -53.03
CA ALA B 320 44.48 0.57 -53.18
C ALA B 320 45.63 -0.34 -52.77
N PHE B 321 46.83 -0.03 -53.26
CA PHE B 321 48.02 -0.78 -52.92
C PHE B 321 49.04 0.13 -52.23
N VAL B 322 50.24 -0.39 -52.02
CA VAL B 322 51.29 0.39 -51.37
C VAL B 322 52.22 1.02 -52.41
N LYS B 323 52.12 0.54 -53.65
CA LYS B 323 52.96 1.03 -54.74
C LYS B 323 52.19 2.04 -55.61
N ARG B 324 50.89 2.09 -55.42
CA ARG B 324 50.03 3.02 -56.15
C ARG B 324 50.10 4.42 -55.53
N ALA B 325 49.82 5.44 -56.34
CA ALA B 325 49.74 6.81 -55.85
C ALA B 325 48.49 6.98 -54.97
N PRO B 326 48.64 7.69 -53.85
CA PRO B 326 47.57 7.87 -52.86
C PRO B 326 46.32 8.53 -53.45
N SER B 327 45.15 8.05 -53.01
CA SER B 327 43.87 8.56 -53.49
C SER B 327 43.30 9.64 -52.57
N THR B 328 42.82 10.72 -53.18
CA THR B 328 42.21 11.81 -52.43
C THR B 328 40.92 11.35 -51.74
N TRP B 329 40.04 10.72 -52.52
CA TRP B 329 38.74 10.30 -52.00
C TRP B 329 38.83 9.20 -50.95
N LEU B 330 39.69 8.20 -51.19
CA LEU B 330 39.85 7.09 -50.26
C LEU B 330 40.34 7.57 -48.90
N THR B 331 41.38 8.40 -48.92
CA THR B 331 41.93 8.98 -47.70
C THR B 331 40.88 9.86 -47.03
N ALA B 332 39.95 10.39 -47.82
CA ALA B 332 38.86 11.19 -47.30
C ALA B 332 37.73 10.31 -46.78
N TYR B 333 37.74 9.04 -47.17
CA TYR B 333 36.74 8.09 -46.68
C TYR B 333 37.24 7.37 -45.44
N VAL B 334 38.54 7.07 -45.43
CA VAL B 334 39.16 6.49 -44.25
C VAL B 334 38.92 7.40 -43.05
N VAL B 335 39.09 8.70 -43.26
CA VAL B 335 38.81 9.69 -42.23
C VAL B 335 37.35 9.64 -41.82
N LYS B 336 36.45 9.51 -42.79
CA LYS B 336 35.01 9.45 -42.50
C LYS B 336 34.66 8.25 -41.63
N VAL B 337 35.05 7.06 -42.07
CA VAL B 337 34.75 5.82 -41.34
C VAL B 337 35.40 5.79 -39.96
N PHE B 338 36.70 6.07 -39.91
CA PHE B 338 37.44 6.04 -38.65
C PHE B 338 36.98 7.11 -37.66
N SER B 339 36.37 8.17 -38.18
CA SER B 339 35.87 9.27 -37.35
C SER B 339 34.54 8.90 -36.70
N LEU B 340 33.88 7.90 -37.24
CA LEU B 340 32.59 7.48 -36.72
C LEU B 340 32.76 6.24 -35.84
N ALA B 341 33.86 5.53 -36.03
CA ALA B 341 34.14 4.32 -35.25
C ALA B 341 35.15 4.57 -34.12
N VAL B 342 35.05 5.74 -33.50
CA VAL B 342 35.98 6.10 -32.42
C VAL B 342 35.58 5.49 -31.08
N ASN B 343 34.29 5.50 -30.79
CA ASN B 343 33.78 4.96 -29.53
C ASN B 343 33.66 3.45 -29.57
N LEU B 344 33.77 2.89 -30.78
CA LEU B 344 33.64 1.46 -30.98
C LEU B 344 34.98 0.76 -30.81
N ILE B 345 35.96 1.17 -31.60
CA ILE B 345 37.32 0.64 -31.51
C ILE B 345 38.34 1.73 -31.21
N ALA B 346 39.59 1.32 -30.99
CA ALA B 346 40.65 2.27 -30.68
C ALA B 346 41.28 2.85 -31.95
N ILE B 347 40.73 3.98 -32.40
CA ILE B 347 41.27 4.70 -33.55
C ILE B 347 42.48 5.51 -33.14
N ASP B 348 43.62 5.25 -33.77
CA ASP B 348 44.83 5.99 -33.47
C ASP B 348 44.69 7.44 -33.92
N SER B 349 45.15 8.37 -33.08
CA SER B 349 45.09 9.79 -33.42
C SER B 349 46.16 10.15 -34.44
N GLN B 350 47.29 9.47 -34.39
CA GLN B 350 48.38 9.68 -35.33
C GLN B 350 47.96 9.35 -36.75
N VAL B 351 47.15 8.30 -36.88
CA VAL B 351 46.70 7.80 -38.18
C VAL B 351 45.57 8.64 -38.76
N LEU B 352 44.54 8.86 -37.96
CA LEU B 352 43.37 9.63 -38.39
C LEU B 352 43.72 11.06 -38.73
N CYS B 353 44.45 11.72 -37.84
CA CYS B 353 44.82 13.12 -38.02
C CYS B 353 45.92 13.31 -39.06
N GLY B 354 46.73 12.27 -39.25
CA GLY B 354 47.80 12.30 -40.24
C GLY B 354 47.25 12.39 -41.65
N ALA B 355 46.16 11.66 -41.90
CA ALA B 355 45.50 11.66 -43.20
C ALA B 355 44.70 12.94 -43.42
N VAL B 356 44.28 13.56 -42.32
CA VAL B 356 43.60 14.86 -42.38
C VAL B 356 44.62 15.94 -42.72
N LYS B 357 45.80 15.84 -42.10
CA LYS B 357 46.90 16.78 -42.34
C LYS B 357 47.42 16.67 -43.77
N TRP B 358 47.44 15.45 -44.29
CA TRP B 358 47.87 15.20 -45.66
C TRP B 358 46.92 15.83 -46.68
N LEU B 359 45.62 15.59 -46.49
CA LEU B 359 44.60 16.16 -47.36
C LEU B 359 44.73 17.68 -47.45
N ILE B 360 44.88 18.32 -46.30
CA ILE B 360 44.92 19.77 -46.21
C ILE B 360 46.14 20.37 -46.93
N LEU B 361 47.33 19.92 -46.56
CA LEU B 361 48.56 20.50 -47.08
C LEU B 361 48.89 20.07 -48.51
N GLU B 362 48.40 18.91 -48.92
CA GLU B 362 48.78 18.35 -50.21
C GLU B 362 47.68 18.44 -51.26
N LYS B 363 46.46 18.01 -50.91
CA LYS B 363 45.40 17.90 -51.90
C LYS B 363 44.34 19.00 -51.84
N GLN B 364 44.73 20.17 -51.35
CA GLN B 364 43.82 21.32 -51.37
C GLN B 364 44.40 22.45 -52.21
N LYS B 365 43.60 22.93 -53.16
CA LYS B 365 43.97 24.10 -53.97
C LYS B 365 43.83 25.35 -53.13
N PRO B 366 44.51 26.44 -53.54
CA PRO B 366 44.43 27.71 -52.83
C PRO B 366 42.99 28.15 -52.53
N ASP B 367 42.11 28.04 -53.52
CA ASP B 367 40.72 28.49 -53.37
C ASP B 367 39.89 27.58 -52.45
N GLY B 368 40.45 26.44 -52.07
CA GLY B 368 39.80 25.54 -51.11
C GLY B 368 39.40 24.19 -51.67
N VAL B 369 39.36 24.09 -53.00
CA VAL B 369 38.92 22.87 -53.67
C VAL B 369 39.89 21.73 -53.42
N PHE B 370 39.35 20.51 -53.37
CA PHE B 370 40.17 19.32 -53.27
C PHE B 370 40.18 18.58 -54.60
N GLN B 371 41.37 18.27 -55.10
CA GLN B 371 41.52 17.64 -56.41
C GLN B 371 41.95 16.18 -56.28
N GLU B 372 41.22 15.31 -56.97
CA GLU B 372 41.58 13.89 -57.03
C GLU B 372 42.72 13.69 -58.03
N ASP B 373 43.77 13.00 -57.61
CA ASP B 373 44.92 12.77 -58.47
C ASP B 373 45.16 11.28 -58.74
N ALA B 374 44.57 10.43 -57.90
CA ALA B 374 44.66 8.98 -58.08
C ALA B 374 43.32 8.31 -57.81
N PRO B 375 42.42 8.32 -58.81
CA PRO B 375 41.08 7.77 -58.67
C PRO B 375 41.12 6.34 -58.14
N VAL B 376 40.16 6.01 -57.27
CA VAL B 376 40.09 4.67 -56.70
C VAL B 376 39.72 3.63 -57.74
N ILE B 377 40.33 2.45 -57.63
CA ILE B 377 40.15 1.38 -58.61
C ILE B 377 38.71 0.85 -58.62
N HIS B 378 38.10 0.79 -57.44
CA HIS B 378 36.70 0.46 -57.33
C HIS B 378 35.89 1.74 -57.49
N GLN B 379 35.47 2.03 -58.71
CA GLN B 379 34.72 3.25 -58.99
C GLN B 379 33.23 3.12 -58.70
N GLU B 380 32.84 2.05 -58.02
CA GLU B 380 31.45 1.86 -57.65
C GLU B 380 31.21 2.10 -56.15
N MET B 381 32.29 2.09 -55.38
CA MET B 381 32.21 2.29 -53.92
C MET B 381 32.04 3.76 -53.57
N ILE B 382 32.33 4.64 -54.52
CA ILE B 382 32.33 6.09 -54.26
C ILE B 382 30.95 6.74 -54.30
N GLY B 383 29.99 6.05 -54.89
CA GLY B 383 28.61 6.53 -54.91
C GLY B 383 28.32 7.47 -56.07
N GLY B 384 27.83 8.67 -55.74
CA GLY B 384 27.41 9.64 -56.75
C GLY B 384 28.51 10.55 -57.26
N LEU B 385 29.75 10.27 -56.87
CA LEU B 385 30.90 11.01 -57.38
C LEU B 385 31.31 10.50 -58.75
N ARG B 386 30.98 9.23 -59.02
CA ARG B 386 31.29 8.61 -60.30
C ARG B 386 30.75 9.46 -61.44
N ASN B 387 29.54 9.98 -61.23
CA ASN B 387 28.97 10.94 -62.17
C ASN B 387 29.93 12.11 -62.33
N ASN B 388 30.48 12.25 -63.53
CA ASN B 388 31.50 13.26 -63.82
C ASN B 388 31.00 14.70 -63.78
N ASN B 389 29.71 14.89 -63.46
CA ASN B 389 29.15 16.23 -63.38
C ASN B 389 29.47 16.91 -62.04
N GLU B 390 30.17 18.03 -62.13
CA GLU B 390 30.53 18.84 -60.96
C GLU B 390 31.24 18.04 -59.87
N LYS B 391 32.41 17.47 -60.22
CA LYS B 391 33.22 16.77 -59.24
C LYS B 391 34.18 17.73 -58.54
N ASP B 392 34.15 19.00 -58.96
CA ASP B 392 34.90 20.05 -58.29
C ASP B 392 34.17 20.48 -57.03
N MET B 393 32.87 20.22 -57.00
CA MET B 393 32.03 20.53 -55.84
C MET B 393 31.78 19.27 -55.01
N ALA B 394 31.44 18.18 -55.69
CA ALA B 394 31.12 16.92 -55.03
C ALA B 394 32.28 16.41 -54.16
N LEU B 395 33.49 16.48 -54.70
CA LEU B 395 34.67 16.01 -53.97
C LEU B 395 35.05 16.97 -52.84
N THR B 396 34.99 18.27 -53.12
CA THR B 396 35.28 19.28 -52.11
C THR B 396 34.22 19.30 -51.02
N ALA B 397 33.05 18.73 -51.33
CA ALA B 397 31.97 18.59 -50.35
C ALA B 397 32.16 17.30 -49.53
N PHE B 398 32.66 16.25 -50.20
CA PHE B 398 32.92 14.98 -49.54
C PHE B 398 34.10 15.12 -48.58
N VAL B 399 35.23 15.58 -49.11
CA VAL B 399 36.44 15.76 -48.32
C VAL B 399 36.20 16.73 -47.16
N LEU B 400 35.24 17.63 -47.34
CA LEU B 400 34.90 18.60 -46.31
C LEU B 400 34.23 17.91 -45.12
N ILE B 401 33.17 17.15 -45.39
CA ILE B 401 32.44 16.44 -44.35
C ILE B 401 33.37 15.55 -43.53
N SER B 402 34.29 14.88 -44.23
CA SER B 402 35.27 14.01 -43.59
C SER B 402 36.20 14.80 -42.67
N LEU B 403 36.54 16.02 -43.08
CA LEU B 403 37.40 16.89 -42.28
C LEU B 403 36.67 17.45 -41.06
N GLN B 404 35.37 17.70 -41.21
CA GLN B 404 34.58 18.30 -40.13
C GLN B 404 34.18 17.27 -39.06
N GLU B 405 34.15 15.99 -39.43
CA GLU B 405 33.83 14.94 -38.49
C GLU B 405 35.08 14.47 -37.74
N ALA B 406 36.23 14.95 -38.17
CA ALA B 406 37.50 14.68 -37.50
C ALA B 406 37.97 15.92 -36.75
N LYS B 407 37.08 16.91 -36.67
CA LYS B 407 37.38 18.19 -36.04
C LYS B 407 37.88 18.02 -34.61
N ASP B 408 36.99 17.66 -33.71
CA ASP B 408 37.31 17.54 -32.29
C ASP B 408 38.56 16.69 -32.03
N ILE B 409 38.77 15.69 -32.88
CA ILE B 409 39.88 14.76 -32.69
C ILE B 409 41.21 15.34 -33.15
N CYS B 410 41.15 16.24 -34.12
CA CYS B 410 42.37 16.77 -34.74
C CYS B 410 42.43 18.30 -34.77
N GLU B 411 42.00 18.94 -33.69
CA GLU B 411 42.11 20.39 -33.58
C GLU B 411 43.46 20.81 -33.04
N GLU B 412 43.90 20.15 -31.97
CA GLU B 412 45.17 20.46 -31.32
C GLU B 412 46.34 19.77 -32.02
N GLN B 413 46.03 18.79 -32.85
CA GLN B 413 47.05 18.03 -33.57
C GLN B 413 47.29 18.58 -34.97
N VAL B 414 46.28 19.21 -35.55
CA VAL B 414 46.40 19.88 -36.84
C VAL B 414 45.89 21.32 -36.74
N ASN B 415 46.81 22.27 -36.84
CA ASN B 415 46.47 23.68 -36.65
C ASN B 415 45.99 24.37 -37.92
N SER B 416 46.18 23.71 -39.05
CA SER B 416 45.77 24.25 -40.33
C SER B 416 44.34 23.87 -40.68
N LEU B 417 43.70 23.12 -39.78
CA LEU B 417 42.34 22.64 -39.99
C LEU B 417 41.30 23.77 -40.03
N PRO B 418 41.34 24.70 -39.07
CA PRO B 418 40.41 25.83 -39.07
C PRO B 418 40.48 26.65 -40.35
N GLY B 419 41.68 26.79 -40.90
CA GLY B 419 41.87 27.56 -42.12
C GLY B 419 41.36 26.85 -43.36
N SER B 420 41.44 25.53 -43.35
CA SER B 420 41.00 24.73 -44.49
C SER B 420 39.49 24.58 -44.52
N ILE B 421 38.89 24.33 -43.35
CA ILE B 421 37.45 24.20 -43.22
C ILE B 421 36.73 25.41 -43.82
N THR B 422 37.15 26.60 -43.40
CA THR B 422 36.55 27.83 -43.88
C THR B 422 36.80 28.04 -45.37
N LYS B 423 38.02 27.68 -45.81
CA LYS B 423 38.40 27.84 -47.21
C LYS B 423 37.55 27.00 -48.17
N ALA B 424 37.44 25.70 -47.89
CA ALA B 424 36.65 24.80 -48.73
C ALA B 424 35.16 25.15 -48.65
N GLY B 425 34.80 25.87 -47.60
CA GLY B 425 33.43 26.34 -47.42
C GLY B 425 33.16 27.58 -48.26
N ASP B 426 34.20 28.39 -48.44
CA ASP B 426 34.10 29.62 -49.24
C ASP B 426 33.82 29.29 -50.71
N PHE B 427 34.48 28.26 -51.22
CA PHE B 427 34.30 27.84 -52.61
C PHE B 427 32.91 27.25 -52.84
N LEU B 428 32.47 26.39 -51.93
CA LEU B 428 31.15 25.77 -52.03
C LEU B 428 30.04 26.81 -51.97
N GLU B 429 30.18 27.76 -51.04
CA GLU B 429 29.19 28.80 -50.82
C GLU B 429 28.96 29.63 -52.07
N ALA B 430 30.04 30.05 -52.71
CA ALA B 430 29.97 30.90 -53.89
C ALA B 430 29.35 30.16 -55.07
N ASN B 431 29.66 28.87 -55.19
CA ASN B 431 29.20 28.06 -56.32
C ASN B 431 28.03 27.15 -55.97
N TYR B 432 27.24 27.53 -54.98
CA TYR B 432 26.09 26.74 -54.58
C TYR B 432 24.87 27.07 -55.43
N MET B 433 24.81 28.31 -55.90
CA MET B 433 23.68 28.77 -56.69
C MET B 433 23.76 28.31 -58.15
N ASN B 434 24.86 27.67 -58.52
CA ASN B 434 25.07 27.23 -59.89
C ASN B 434 25.02 25.71 -60.05
N LEU B 435 24.37 25.03 -59.11
CA LEU B 435 24.30 23.58 -59.13
C LEU B 435 22.99 23.10 -59.75
N GLN B 436 23.08 22.04 -60.55
CA GLN B 436 21.92 21.51 -61.27
C GLN B 436 21.47 20.17 -60.72
N ARG B 437 22.43 19.32 -60.34
CA ARG B 437 22.14 18.00 -59.79
C ARG B 437 21.66 18.10 -58.36
N SER B 438 20.62 17.33 -58.04
CA SER B 438 20.10 17.26 -56.67
C SER B 438 21.11 16.65 -55.73
N TYR B 439 21.91 15.71 -56.24
CA TYR B 439 22.95 15.07 -55.46
C TYR B 439 23.99 16.07 -54.96
N THR B 440 24.40 16.97 -55.84
CA THR B 440 25.39 17.99 -55.49
C THR B 440 24.80 18.96 -54.46
N VAL B 441 23.53 19.30 -54.63
CA VAL B 441 22.85 20.24 -53.73
C VAL B 441 22.76 19.68 -52.31
N ALA B 442 22.60 18.36 -52.20
CA ALA B 442 22.47 17.72 -50.90
C ALA B 442 23.81 17.57 -50.18
N ILE B 443 24.78 16.94 -50.85
CA ILE B 443 26.08 16.65 -50.24
C ILE B 443 26.87 17.92 -49.89
N ALA B 444 26.72 18.97 -50.69
CA ALA B 444 27.37 20.24 -50.40
C ALA B 444 26.51 21.04 -49.43
N GLY B 445 25.22 20.72 -49.38
CA GLY B 445 24.30 21.36 -48.45
C GLY B 445 24.55 20.90 -47.03
N TYR B 446 25.01 19.67 -46.87
CA TYR B 446 25.36 19.13 -45.57
C TYR B 446 26.73 19.62 -45.14
N ALA B 447 27.59 19.90 -46.12
CA ALA B 447 28.95 20.36 -45.85
C ALA B 447 28.96 21.81 -45.37
N LEU B 448 27.94 22.57 -45.78
CA LEU B 448 27.83 23.97 -45.41
C LEU B 448 26.99 24.16 -44.14
N ALA B 449 26.02 23.26 -43.94
CA ALA B 449 25.16 23.32 -42.78
C ALA B 449 25.94 23.00 -41.50
N GLN B 450 27.06 22.29 -41.66
CA GLN B 450 27.91 21.93 -40.52
C GLN B 450 28.65 23.16 -39.97
N MET B 451 28.76 24.20 -40.78
CA MET B 451 29.40 25.44 -40.36
C MET B 451 28.37 26.51 -40.04
N GLY B 452 27.10 26.17 -40.26
CA GLY B 452 26.01 27.13 -40.10
C GLY B 452 25.94 28.07 -41.28
N ARG B 453 26.63 27.69 -42.35
CA ARG B 453 26.72 28.52 -43.55
C ARG B 453 25.78 28.05 -44.65
N LEU B 454 24.54 27.74 -44.27
CA LEU B 454 23.51 27.39 -45.24
C LEU B 454 22.26 28.23 -44.99
N LYS B 455 22.36 29.53 -45.28
CA LYS B 455 21.26 30.45 -45.06
C LYS B 455 20.88 31.17 -46.35
N GLY B 456 19.93 32.10 -46.25
CA GLY B 456 19.51 32.93 -47.39
C GLY B 456 19.02 32.16 -48.59
N PRO B 457 19.35 32.65 -49.80
CA PRO B 457 18.97 32.03 -51.07
C PRO B 457 19.53 30.62 -51.22
N LEU B 458 20.67 30.35 -50.59
CA LEU B 458 21.26 29.02 -50.61
C LEU B 458 20.38 28.02 -49.87
N LEU B 459 19.88 28.42 -48.70
CA LEU B 459 18.99 27.60 -47.91
C LEU B 459 17.71 27.30 -48.67
N ASN B 460 17.16 28.32 -49.32
CA ASN B 460 15.96 28.18 -50.13
C ASN B 460 16.16 27.18 -51.27
N LYS B 461 17.36 27.20 -51.87
CA LYS B 461 17.68 26.29 -52.97
C LYS B 461 17.76 24.84 -52.49
N PHE B 462 18.38 24.64 -51.33
CA PHE B 462 18.51 23.31 -50.76
C PHE B 462 17.16 22.67 -50.49
N LEU B 463 16.22 23.48 -50.00
CA LEU B 463 14.92 22.98 -49.59
C LEU B 463 13.98 22.76 -50.78
N THR B 464 14.05 23.64 -51.77
CA THR B 464 13.20 23.53 -52.96
C THR B 464 13.79 22.59 -54.01
N THR B 465 14.89 21.94 -53.65
CA THR B 465 15.52 20.94 -54.52
C THR B 465 14.83 19.59 -54.31
N ALA B 466 14.03 19.52 -53.25
CA ALA B 466 13.33 18.28 -52.93
C ALA B 466 12.08 18.12 -53.78
N LYS B 467 11.96 16.97 -54.43
CA LYS B 467 10.78 16.65 -55.21
C LYS B 467 9.69 16.10 -54.28
N ASP B 468 8.59 16.84 -54.16
CA ASP B 468 7.51 16.49 -53.26
C ASP B 468 7.87 16.75 -51.79
N LYS B 469 8.99 17.46 -51.58
CA LYS B 469 9.49 17.76 -50.24
C LYS B 469 9.74 16.49 -49.41
N ASN B 470 10.33 15.49 -50.04
CA ASN B 470 10.61 14.23 -49.36
C ASN B 470 11.79 13.45 -49.94
N ARG B 471 12.32 13.90 -51.08
CA ARG B 471 13.43 13.21 -51.72
C ARG B 471 14.30 14.12 -52.60
N TRP B 472 15.61 13.88 -52.54
CA TRP B 472 16.55 14.57 -53.41
C TRP B 472 17.02 13.61 -54.50
N GLU B 473 16.33 13.61 -55.63
CA GLU B 473 16.58 12.62 -56.67
C GLU B 473 17.12 13.20 -57.98
N ASP B 474 17.92 12.40 -58.68
CA ASP B 474 18.41 12.73 -60.02
C ASP B 474 18.12 11.57 -60.96
N PRO B 475 17.72 11.88 -62.20
CA PRO B 475 17.38 10.86 -63.20
C PRO B 475 18.54 9.88 -63.44
N GLY B 476 18.73 8.94 -62.52
CA GLY B 476 19.78 7.96 -62.63
C GLY B 476 19.51 6.75 -61.74
N LYS B 477 20.58 6.20 -61.17
CA LYS B 477 20.44 5.05 -60.28
C LYS B 477 19.80 5.47 -58.97
N GLN B 478 19.07 4.54 -58.35
CA GLN B 478 18.30 4.85 -57.15
C GLN B 478 19.17 4.96 -55.89
N LEU B 479 20.30 4.27 -55.90
CA LEU B 479 21.20 4.26 -54.74
C LEU B 479 22.01 5.55 -54.64
N TYR B 480 22.03 6.32 -55.73
CA TYR B 480 22.59 7.67 -55.68
C TYR B 480 21.55 8.62 -55.12
N ASN B 481 20.28 8.21 -55.24
CA ASN B 481 19.17 9.00 -54.70
C ASN B 481 18.93 8.71 -53.23
N VAL B 482 19.16 7.46 -52.82
CA VAL B 482 19.09 7.10 -51.41
C VAL B 482 20.24 7.78 -50.66
N GLU B 483 21.38 7.91 -51.34
CA GLU B 483 22.54 8.55 -50.75
C GLU B 483 22.32 10.05 -50.57
N ALA B 484 21.78 10.70 -51.60
CA ALA B 484 21.56 12.15 -51.60
C ALA B 484 20.46 12.60 -50.64
N THR B 485 19.48 11.74 -50.43
CA THR B 485 18.43 11.99 -49.45
C THR B 485 19.00 11.80 -48.05
N SER B 486 20.03 10.97 -47.96
CA SER B 486 20.68 10.67 -46.68
C SER B 486 21.59 11.81 -46.23
N TYR B 487 22.24 12.47 -47.19
CA TYR B 487 23.03 13.66 -46.88
C TYR B 487 22.10 14.83 -46.59
N ALA B 488 20.93 14.82 -47.22
CA ALA B 488 19.92 15.84 -47.01
C ALA B 488 19.32 15.74 -45.61
N LEU B 489 18.96 14.51 -45.22
CA LEU B 489 18.43 14.26 -43.88
C LEU B 489 19.43 14.64 -42.79
N LEU B 490 20.72 14.52 -43.12
CA LEU B 490 21.78 14.92 -42.20
C LEU B 490 21.86 16.44 -42.06
N ALA B 491 21.64 17.14 -43.18
CA ALA B 491 21.66 18.61 -43.19
C ALA B 491 20.46 19.20 -42.46
N LEU B 492 19.31 18.55 -42.59
CA LEU B 492 18.10 18.98 -41.92
C LEU B 492 18.27 18.91 -40.40
N LEU B 493 18.96 17.88 -39.94
CA LEU B 493 19.18 17.67 -38.52
C LEU B 493 20.21 18.66 -37.96
N GLN B 494 21.13 19.08 -38.81
CA GLN B 494 22.18 20.01 -38.40
C GLN B 494 21.62 21.41 -38.21
N LEU B 495 20.72 21.82 -39.10
CA LEU B 495 20.11 23.14 -39.01
C LEU B 495 18.92 23.14 -38.07
N LYS B 496 18.48 21.93 -37.68
CA LYS B 496 17.39 21.77 -36.72
C LYS B 496 16.03 22.17 -37.28
N ASP B 497 15.77 21.79 -38.53
CA ASP B 497 14.48 22.03 -39.16
C ASP B 497 13.61 20.78 -39.04
N PHE B 498 13.01 20.60 -37.86
CA PHE B 498 12.27 19.38 -37.55
C PHE B 498 10.87 19.35 -38.16
N ASP B 499 10.53 20.37 -38.94
CA ASP B 499 9.23 20.43 -39.59
C ASP B 499 9.29 19.74 -40.94
N PHE B 500 10.48 19.73 -41.53
CA PHE B 500 10.69 19.23 -42.88
C PHE B 500 11.17 17.78 -42.87
N VAL B 501 11.55 17.29 -41.69
CA VAL B 501 12.22 16.01 -41.57
C VAL B 501 11.34 14.76 -41.70
N PRO B 502 10.25 14.66 -40.89
CA PRO B 502 9.41 13.46 -40.93
C PRO B 502 9.07 12.93 -42.33
N PRO B 503 8.66 13.81 -43.26
CA PRO B 503 8.36 13.36 -44.62
C PRO B 503 9.58 12.77 -45.36
N VAL B 504 10.77 13.32 -45.09
CA VAL B 504 12.00 12.84 -45.72
C VAL B 504 12.38 11.45 -45.18
N VAL B 505 12.12 11.23 -43.90
CA VAL B 505 12.43 9.97 -43.25
C VAL B 505 11.42 8.88 -43.58
N ARG B 506 10.16 9.27 -43.77
CA ARG B 506 9.12 8.34 -44.19
C ARG B 506 9.43 7.77 -45.57
N TRP B 507 10.01 8.62 -46.43
CA TRP B 507 10.42 8.20 -47.78
C TRP B 507 11.53 7.17 -47.74
N LEU B 508 12.49 7.35 -46.82
CA LEU B 508 13.61 6.43 -46.66
C LEU B 508 13.16 5.09 -46.11
N ASN B 509 12.20 5.12 -45.19
CA ASN B 509 11.66 3.90 -44.59
C ASN B 509 10.83 3.11 -45.59
N GLU B 510 10.18 3.81 -46.50
CA GLU B 510 9.36 3.18 -47.52
C GLU B 510 10.19 2.65 -48.69
N GLN B 511 11.46 3.02 -48.73
CA GLN B 511 12.38 2.47 -49.72
C GLN B 511 12.75 1.04 -49.34
N ARG B 512 12.70 0.75 -48.03
CA ARG B 512 13.02 -0.58 -47.52
C ARG B 512 14.42 -1.01 -47.92
N TYR B 513 15.37 -0.08 -47.86
CA TYR B 513 16.75 -0.38 -48.20
C TYR B 513 17.50 -0.89 -46.98
N TYR B 514 18.19 -2.01 -47.14
CA TYR B 514 18.87 -2.65 -46.03
C TYR B 514 20.36 -2.82 -46.28
N GLY B 515 20.92 -1.94 -47.11
CA GLY B 515 22.35 -1.97 -47.39
C GLY B 515 22.80 -3.26 -48.05
N GLY B 516 24.11 -3.39 -48.25
CA GLY B 516 24.68 -4.60 -48.84
C GLY B 516 24.40 -4.74 -50.32
N GLY B 517 25.46 -4.88 -51.11
CA GLY B 517 25.30 -5.05 -52.56
C GLY B 517 26.51 -4.60 -53.35
N TYR B 518 26.33 -4.48 -54.66
CA TYR B 518 27.40 -4.02 -55.55
C TYR B 518 27.53 -2.51 -55.46
N GLY B 519 28.67 -2.05 -54.95
CA GLY B 519 28.93 -0.62 -54.81
C GLY B 519 28.02 0.07 -53.80
N SER B 520 27.55 -0.71 -52.83
CA SER B 520 26.64 -0.19 -51.80
C SER B 520 27.41 0.34 -50.60
N THR B 521 28.62 0.83 -50.85
CA THR B 521 29.47 1.36 -49.79
C THR B 521 28.93 2.67 -49.23
N GLN B 522 28.74 3.65 -50.10
CA GLN B 522 28.23 4.96 -49.69
C GLN B 522 26.78 4.89 -49.24
N ALA B 523 25.94 4.30 -50.09
CA ALA B 523 24.52 4.18 -49.81
C ALA B 523 24.26 3.56 -48.44
N THR B 524 25.04 2.52 -48.11
CA THR B 524 24.88 1.77 -46.87
C THR B 524 25.46 2.49 -45.64
N PHE B 525 26.54 3.24 -45.84
CA PHE B 525 27.14 4.01 -44.75
C PHE B 525 26.33 5.27 -44.46
N MET B 526 25.73 5.83 -45.51
CA MET B 526 25.03 7.11 -45.39
C MET B 526 23.57 6.99 -44.96
N VAL B 527 22.84 6.04 -45.56
CA VAL B 527 21.43 5.86 -45.23
C VAL B 527 21.22 5.43 -43.77
N PHE B 528 22.27 4.89 -43.15
CA PHE B 528 22.18 4.48 -41.77
C PHE B 528 22.89 5.44 -40.83
N GLN B 529 23.76 6.28 -41.38
CA GLN B 529 24.33 7.37 -40.61
C GLN B 529 23.24 8.41 -40.38
N ALA B 530 22.34 8.53 -41.33
CA ALA B 530 21.25 9.51 -41.29
C ALA B 530 20.11 9.07 -40.39
N LEU B 531 19.77 7.79 -40.45
CA LEU B 531 18.68 7.24 -39.63
C LEU B 531 19.09 6.92 -38.20
N ALA B 532 20.38 7.09 -37.91
CA ALA B 532 20.89 6.94 -36.55
C ALA B 532 21.00 8.31 -35.89
N GLN B 533 21.30 9.32 -36.69
CA GLN B 533 21.36 10.69 -36.21
C GLN B 533 19.94 11.23 -36.09
N TYR B 534 19.00 10.55 -36.73
CA TYR B 534 17.59 10.90 -36.61
C TYR B 534 17.08 10.54 -35.21
N GLN B 535 17.66 9.49 -34.64
CA GLN B 535 17.27 9.03 -33.31
C GLN B 535 18.02 9.76 -32.20
N LYS B 536 19.06 10.49 -32.58
CA LYS B 536 19.85 11.25 -31.62
C LYS B 536 19.43 12.71 -31.51
N ASP B 537 18.98 13.28 -32.63
CA ASP B 537 18.61 14.70 -32.64
C ASP B 537 17.22 14.96 -32.06
N ALA B 538 16.59 13.90 -31.56
CA ALA B 538 15.50 14.05 -30.60
C ALA B 538 16.14 14.76 -29.40
N PRO B 539 15.35 15.48 -28.58
CA PRO B 539 14.02 15.58 -28.00
C PRO B 539 13.06 14.39 -28.06
N ASP B 540 11.82 14.62 -27.61
CA ASP B 540 10.82 13.57 -27.53
C ASP B 540 9.47 14.05 -26.99
N HIS B 541 9.41 15.29 -26.50
CA HIS B 541 8.22 15.68 -25.73
C HIS B 541 7.21 16.72 -26.32
N GLN B 542 7.29 18.01 -26.00
CA GLN B 542 8.40 18.66 -25.30
C GLN B 542 8.18 18.82 -23.80
N GLU B 543 8.98 19.69 -23.20
CA GLU B 543 9.24 19.70 -21.76
C GLU B 543 8.16 20.31 -20.86
N LEU B 544 7.94 19.66 -19.72
CA LEU B 544 7.10 20.18 -18.66
C LEU B 544 7.98 20.91 -17.65
N ASN B 545 8.09 22.23 -17.80
CA ASN B 545 8.92 23.04 -16.92
C ASN B 545 8.10 24.15 -16.28
N LEU B 546 7.09 23.76 -15.51
CA LEU B 546 6.17 24.72 -14.88
C LEU B 546 6.69 25.18 -13.51
N ASP B 547 6.39 26.45 -13.19
CA ASP B 547 6.78 27.03 -11.91
C ASP B 547 5.55 27.66 -11.27
N VAL B 548 4.87 26.88 -10.44
CA VAL B 548 3.59 27.29 -9.86
C VAL B 548 3.74 27.95 -8.48
N SER B 549 3.19 29.15 -8.35
CA SER B 549 3.22 29.88 -7.08
C SER B 549 1.82 30.10 -6.52
N LEU B 550 1.63 29.74 -5.26
CA LEU B 550 0.33 29.87 -4.60
C LEU B 550 0.40 30.86 -3.45
N GLN B 551 -0.37 31.94 -3.56
CA GLN B 551 -0.45 32.92 -2.49
C GLN B 551 -1.84 32.94 -1.87
N LEU B 552 -1.96 32.35 -0.68
CA LEU B 552 -3.22 32.36 0.04
C LEU B 552 -3.18 33.41 1.14
N PRO B 553 -4.19 34.30 1.16
CA PRO B 553 -4.26 35.41 2.11
C PRO B 553 -4.22 34.95 3.57
N SER B 554 -4.34 33.65 3.80
CA SER B 554 -4.27 33.08 5.14
C SER B 554 -2.83 32.92 5.59
N ARG B 555 -2.05 32.20 4.79
CA ARG B 555 -0.65 31.94 5.09
C ARG B 555 0.20 33.14 4.70
N SER B 556 1.26 33.39 5.46
CA SER B 556 2.13 34.54 5.18
C SER B 556 3.27 34.18 4.22
N SER B 557 3.48 32.88 4.02
CA SER B 557 4.56 32.42 3.16
C SER B 557 4.04 31.88 1.83
N LYS B 558 4.69 32.29 0.74
CA LYS B 558 4.33 31.82 -0.60
C LYS B 558 4.66 30.36 -0.79
N ILE B 559 3.87 29.66 -1.59
CA ILE B 559 4.08 28.25 -1.87
C ILE B 559 4.52 28.05 -3.32
N THR B 560 5.77 27.64 -3.50
CA THR B 560 6.35 27.49 -4.83
C THR B 560 6.55 26.02 -5.20
N HIS B 561 5.85 25.57 -6.24
CA HIS B 561 5.98 24.19 -6.71
C HIS B 561 6.62 24.14 -8.10
N ARG B 562 7.55 23.21 -8.28
CA ARG B 562 8.20 23.01 -9.56
C ARG B 562 7.89 21.63 -10.15
N ILE B 563 6.92 21.56 -11.05
CA ILE B 563 6.59 20.31 -11.73
C ILE B 563 7.50 20.13 -12.95
N HIS B 564 8.43 19.18 -12.84
CA HIS B 564 9.36 18.88 -13.91
C HIS B 564 9.03 17.54 -14.55
N TRP B 565 9.33 17.41 -15.84
CA TRP B 565 9.25 16.11 -16.48
C TRP B 565 10.43 15.26 -16.01
N GLU B 566 10.31 13.94 -16.16
CA GLU B 566 11.33 13.01 -15.68
C GLU B 566 11.32 12.92 -14.16
N SER B 567 10.19 13.28 -13.56
CA SER B 567 10.00 13.15 -12.12
C SER B 567 8.74 12.35 -11.85
N ALA B 568 8.90 11.23 -11.13
CA ALA B 568 7.79 10.31 -10.87
C ALA B 568 6.76 10.90 -9.92
N SER B 569 5.98 11.85 -10.42
CA SER B 569 4.93 12.50 -9.63
C SER B 569 3.95 13.24 -10.51
N LEU B 570 4.35 14.42 -10.96
CA LEU B 570 3.50 15.29 -11.78
C LEU B 570 2.23 15.71 -11.04
N LEU B 571 2.16 15.35 -9.76
CA LEU B 571 1.03 15.69 -8.90
C LEU B 571 1.49 16.32 -7.59
N ARG B 572 0.93 17.50 -7.29
CA ARG B 572 1.24 18.20 -6.05
C ARG B 572 -0.03 18.80 -5.43
N SER B 573 -0.14 18.70 -4.11
CA SER B 573 -1.36 19.10 -3.42
C SER B 573 -1.09 19.93 -2.15
N GLU B 574 -2.05 20.80 -1.82
CA GLU B 574 -1.99 21.59 -0.60
C GLU B 574 -3.38 21.71 0.04
N GLU B 575 -3.42 21.67 1.37
CA GLU B 575 -4.69 21.68 2.09
C GLU B 575 -4.77 22.81 3.11
N THR B 576 -5.88 23.55 3.09
CA THR B 576 -6.11 24.61 4.05
C THR B 576 -7.45 24.45 4.77
N LYS B 577 -7.43 24.65 6.08
CA LYS B 577 -8.64 24.49 6.90
C LYS B 577 -9.56 25.71 6.81
N GLU B 578 -9.14 26.73 6.07
CA GLU B 578 -9.91 27.96 5.97
C GLU B 578 -10.27 28.28 4.52
N ASN B 579 -11.55 28.56 4.28
CA ASN B 579 -12.03 28.88 2.95
C ASN B 579 -11.50 30.23 2.47
N GLU B 580 -10.37 30.19 1.76
CA GLU B 580 -9.70 31.41 1.32
C GLU B 580 -9.91 31.71 -0.15
N GLY B 581 -9.90 32.99 -0.49
CA GLY B 581 -9.92 33.43 -1.88
C GLY B 581 -8.51 33.77 -2.33
N PHE B 582 -7.84 32.79 -2.94
CA PHE B 582 -6.43 32.92 -3.26
C PHE B 582 -6.17 33.04 -4.76
N THR B 583 -4.93 33.36 -5.12
CA THR B 583 -4.54 33.55 -6.50
C THR B 583 -3.30 32.73 -6.85
N VAL B 584 -3.29 32.15 -8.04
CA VAL B 584 -2.20 31.29 -8.49
C VAL B 584 -1.50 31.88 -9.71
N THR B 585 -0.17 31.83 -9.71
CA THR B 585 0.63 32.34 -10.83
C THR B 585 1.57 31.28 -11.38
N ALA B 586 1.25 30.78 -12.57
CA ALA B 586 2.10 29.79 -13.24
C ALA B 586 3.21 30.47 -14.03
N GLU B 587 4.15 29.69 -14.55
CA GLU B 587 5.30 30.23 -15.25
C GLU B 587 6.10 29.14 -15.96
N GLY B 588 6.31 29.32 -17.27
CA GLY B 588 7.15 28.40 -18.04
C GLY B 588 6.44 27.67 -19.16
N LYS B 589 7.01 26.54 -19.56
CA LYS B 589 6.45 25.72 -20.65
C LYS B 589 5.62 24.57 -20.09
N GLY B 590 4.69 24.07 -20.90
CA GLY B 590 3.89 22.91 -20.52
C GLY B 590 2.44 23.21 -20.26
N GLN B 591 1.58 22.22 -20.48
CA GLN B 591 0.15 22.37 -20.26
C GLN B 591 -0.31 21.59 -19.03
N GLY B 592 -0.70 22.31 -17.98
CA GLY B 592 -1.09 21.68 -16.72
C GLY B 592 -2.57 21.81 -16.39
N THR B 593 -2.92 21.50 -15.14
CA THR B 593 -4.29 21.58 -14.66
C THR B 593 -4.31 22.00 -13.19
N LEU B 594 -5.35 22.72 -12.80
CA LEU B 594 -5.47 23.20 -11.44
C LEU B 594 -6.88 22.97 -10.92
N SER B 595 -7.03 21.97 -10.06
CA SER B 595 -8.34 21.63 -9.49
C SER B 595 -8.41 21.91 -7.99
N VAL B 596 -9.37 22.76 -7.62
CA VAL B 596 -9.58 23.11 -6.22
C VAL B 596 -10.89 22.51 -5.72
N VAL B 597 -10.77 21.59 -4.76
CA VAL B 597 -11.94 20.89 -4.22
C VAL B 597 -12.08 21.11 -2.71
N THR B 598 -13.18 21.74 -2.31
CA THR B 598 -13.46 21.95 -0.90
C THR B 598 -14.41 20.89 -0.36
N MET B 599 -14.33 20.66 0.93
CA MET B 599 -15.18 19.66 1.58
C MET B 599 -15.78 20.26 2.84
N TYR B 600 -17.07 19.97 3.06
CA TYR B 600 -17.79 20.57 4.19
C TYR B 600 -19.09 19.82 4.51
N HIS B 601 -19.80 20.28 5.54
CA HIS B 601 -21.10 19.74 5.90
C HIS B 601 -22.20 20.72 5.51
N ALA B 602 -23.08 20.28 4.61
CA ALA B 602 -24.19 21.13 4.17
C ALA B 602 -25.43 20.88 5.01
N LYS B 603 -26.42 21.77 4.90
CA LYS B 603 -27.67 21.65 5.64
C LYS B 603 -28.52 20.51 5.10
N ALA B 604 -29.16 19.76 6.01
CA ALA B 604 -30.03 18.66 5.62
C ALA B 604 -31.50 19.02 5.82
N LYS B 605 -32.37 18.32 5.09
CA LYS B 605 -33.81 18.55 5.21
C LYS B 605 -34.52 17.36 5.87
N ASP B 606 -33.72 16.44 6.40
CA ASP B 606 -34.18 15.41 7.33
C ASP B 606 -34.94 14.23 6.74
N GLN B 607 -34.73 13.06 7.36
CA GLN B 607 -35.58 11.90 7.15
C GLN B 607 -36.32 11.64 8.47
N LEU B 608 -35.71 10.86 9.36
CA LEU B 608 -36.21 10.75 10.75
C LEU B 608 -35.27 10.10 11.79
N THR B 609 -34.62 8.99 11.47
CA THR B 609 -34.66 8.35 10.16
C THR B 609 -35.21 6.92 10.24
N CYS B 610 -34.40 5.98 10.72
CA CYS B 610 -34.79 4.57 10.82
C CYS B 610 -34.94 3.91 9.45
N ASN B 611 -35.56 4.62 8.51
CA ASN B 611 -35.70 4.19 7.12
C ASN B 611 -36.30 2.80 6.90
N LYS B 612 -35.91 1.86 7.73
CA LYS B 612 -36.30 0.46 7.53
C LYS B 612 -37.34 -0.01 8.56
N PHE B 613 -37.48 0.74 9.64
CA PHE B 613 -38.36 0.31 10.72
C PHE B 613 -39.30 1.40 11.22
N ASP B 614 -40.57 1.04 11.38
CA ASP B 614 -41.52 1.86 12.12
C ASP B 614 -41.55 1.35 13.54
N LEU B 615 -41.80 2.24 14.50
CA LEU B 615 -41.86 1.84 15.89
C LEU B 615 -42.81 2.70 16.72
N LYS B 616 -43.72 2.03 17.42
CA LYS B 616 -44.58 2.71 18.39
C LYS B 616 -44.50 1.99 19.74
N VAL B 617 -44.17 2.74 20.78
CA VAL B 617 -44.06 2.20 22.12
C VAL B 617 -45.01 2.92 23.08
N THR B 618 -45.85 2.14 23.76
CA THR B 618 -46.88 2.71 24.63
C THR B 618 -46.70 2.23 26.08
N ILE B 619 -46.90 3.15 27.02
CA ILE B 619 -46.83 2.81 28.43
C ILE B 619 -48.10 3.26 29.17
N LYS B 620 -48.95 2.30 29.51
CA LYS B 620 -50.24 2.59 30.16
C LYS B 620 -50.35 1.92 31.53
N PRO B 621 -51.18 2.51 32.42
CA PRO B 621 -51.43 1.92 33.73
C PRO B 621 -52.30 0.67 33.65
N ALA B 622 -52.14 -0.23 34.61
CA ALA B 622 -52.88 -1.49 34.64
C ALA B 622 -54.31 -1.28 35.13
N PRO B 623 -55.24 -2.13 34.67
CA PRO B 623 -56.65 -2.04 35.07
C PRO B 623 -56.89 -2.45 36.52
N LYS B 633 -46.50 -3.06 42.74
CA LYS B 633 -47.03 -1.80 43.24
C LYS B 633 -47.74 -1.03 42.14
N ASN B 634 -46.97 -0.31 41.32
CA ASN B 634 -47.55 0.48 40.24
C ASN B 634 -48.10 -0.35 39.09
N THR B 635 -47.29 -1.32 38.66
CA THR B 635 -47.62 -2.20 37.51
C THR B 635 -48.20 -1.47 36.29
N MET B 636 -47.50 -1.58 35.17
CA MET B 636 -47.93 -0.92 33.94
C MET B 636 -47.87 -1.85 32.74
N ILE B 637 -48.52 -1.44 31.65
CA ILE B 637 -48.51 -2.21 30.41
C ILE B 637 -47.59 -1.57 29.38
N LEU B 638 -46.62 -2.35 28.89
CA LEU B 638 -45.72 -1.87 27.86
C LEU B 638 -46.05 -2.52 26.52
N GLU B 639 -46.71 -1.76 25.65
CA GLU B 639 -47.11 -2.25 24.34
C GLU B 639 -46.09 -1.80 23.30
N ILE B 640 -45.61 -2.75 22.51
CA ILE B 640 -44.64 -2.46 21.46
C ILE B 640 -45.24 -2.77 20.09
N CYS B 641 -45.07 -1.86 19.15
CA CYS B 641 -45.61 -2.05 17.80
C CYS B 641 -44.58 -1.69 16.75
N THR B 642 -44.26 -2.67 15.91
CA THR B 642 -43.18 -2.52 14.93
C THR B 642 -43.57 -3.01 13.55
N ARG B 643 -42.79 -2.61 12.55
CA ARG B 643 -43.07 -2.93 11.15
C ARG B 643 -41.84 -2.68 10.28
N TYR B 644 -41.63 -3.55 9.30
CA TYR B 644 -40.49 -3.42 8.38
C TYR B 644 -40.88 -2.57 7.17
N ARG B 645 -39.98 -1.71 6.73
CA ARG B 645 -40.28 -0.77 5.65
C ARG B 645 -39.76 -1.24 4.28
N GLY B 646 -39.69 -2.55 4.08
CA GLY B 646 -39.24 -3.11 2.81
C GLY B 646 -40.39 -3.67 2.01
N ASP B 647 -40.09 -4.67 1.16
CA ASP B 647 -41.11 -5.34 0.38
C ASP B 647 -41.28 -6.78 0.84
N GLN B 648 -40.28 -7.28 1.58
CA GLN B 648 -40.32 -8.63 2.11
C GLN B 648 -40.46 -8.60 3.62
N ASP B 649 -40.87 -9.72 4.20
CA ASP B 649 -40.90 -9.84 5.66
C ASP B 649 -39.48 -10.01 6.17
N ALA B 650 -39.05 -9.10 7.04
CA ALA B 650 -37.69 -9.17 7.59
C ALA B 650 -37.47 -10.50 8.32
N THR B 651 -36.20 -10.92 8.38
CA THR B 651 -35.85 -12.15 9.05
C THR B 651 -35.69 -11.93 10.56
N MET B 652 -34.71 -12.61 11.15
CA MET B 652 -34.48 -12.50 12.58
C MET B 652 -34.03 -11.11 12.99
N SER B 653 -34.90 -10.45 13.75
CA SER B 653 -34.64 -9.10 14.22
C SER B 653 -34.52 -9.10 15.73
N ILE B 654 -33.97 -8.02 16.28
CA ILE B 654 -33.79 -7.91 17.71
C ILE B 654 -34.68 -6.81 18.28
N LEU B 655 -35.26 -7.07 19.44
CA LEU B 655 -35.98 -6.06 20.21
C LEU B 655 -35.25 -5.79 21.51
N ASP B 656 -34.46 -4.71 21.53
CA ASP B 656 -33.64 -4.39 22.68
C ASP B 656 -34.35 -3.42 23.61
N ILE B 657 -34.62 -3.87 24.83
CA ILE B 657 -35.43 -3.12 25.77
C ILE B 657 -34.66 -2.70 27.01
N SER B 658 -34.90 -1.48 27.47
CA SER B 658 -34.48 -1.07 28.80
C SER B 658 -35.73 -0.70 29.60
N MET B 659 -35.66 -0.82 30.92
CA MET B 659 -36.81 -0.60 31.77
C MET B 659 -36.86 0.82 32.34
N MET B 660 -38.04 1.23 32.80
CA MET B 660 -38.18 2.48 33.53
C MET B 660 -37.58 2.31 34.91
N THR B 661 -36.37 2.81 35.11
CA THR B 661 -35.64 2.61 36.35
C THR B 661 -36.52 2.18 37.51
N GLY B 662 -36.25 0.99 38.06
CA GLY B 662 -36.99 0.47 39.19
C GLY B 662 -38.17 -0.38 38.75
N PHE B 663 -38.19 -0.73 37.47
CA PHE B 663 -39.26 -1.59 36.95
C PHE B 663 -38.71 -2.92 36.46
N ALA B 664 -39.49 -3.98 36.69
CA ALA B 664 -39.14 -5.32 36.22
C ALA B 664 -40.34 -5.89 35.48
N PRO B 665 -40.10 -6.50 34.31
CA PRO B 665 -41.17 -7.12 33.53
C PRO B 665 -41.83 -8.23 34.33
N ASP B 666 -43.04 -8.61 33.93
CA ASP B 666 -43.74 -9.70 34.59
C ASP B 666 -43.27 -11.04 34.04
N THR B 667 -42.74 -11.87 34.93
CA THR B 667 -42.26 -13.19 34.54
C THR B 667 -43.35 -13.96 33.79
N ASP B 668 -44.52 -14.11 34.42
CA ASP B 668 -45.62 -14.85 33.83
C ASP B 668 -46.05 -14.30 32.47
N ASP B 669 -45.88 -13.00 32.27
CA ASP B 669 -46.20 -12.39 30.99
C ASP B 669 -45.11 -12.65 29.96
N LEU B 670 -43.91 -12.95 30.44
CA LEU B 670 -42.79 -13.25 29.55
C LEU B 670 -42.85 -14.68 29.03
N LYS B 671 -43.04 -15.63 29.94
CA LYS B 671 -43.22 -17.03 29.55
C LYS B 671 -44.22 -17.14 28.41
N GLN B 672 -45.28 -16.33 28.50
CA GLN B 672 -46.35 -16.34 27.50
C GLN B 672 -45.89 -15.84 26.14
N LEU B 673 -44.90 -14.96 26.13
CA LEU B 673 -44.38 -14.46 24.87
C LEU B 673 -43.37 -15.43 24.29
N ALA B 674 -42.59 -16.05 25.16
CA ALA B 674 -41.55 -16.99 24.75
C ALA B 674 -42.12 -18.19 24.01
N ASN B 675 -43.26 -18.69 24.50
CA ASN B 675 -43.91 -19.84 23.91
C ASN B 675 -44.60 -19.47 22.60
N GLY B 676 -44.83 -18.18 22.41
CA GLY B 676 -45.37 -17.67 21.16
C GLY B 676 -44.42 -17.99 20.03
N VAL B 677 -44.97 -18.35 18.88
CA VAL B 677 -44.16 -18.71 17.74
C VAL B 677 -43.54 -17.46 17.11
N ASP B 678 -42.38 -17.63 16.49
CA ASP B 678 -41.68 -16.53 15.84
C ASP B 678 -41.04 -15.58 16.87
N ARG B 679 -41.24 -15.89 18.14
CA ARG B 679 -40.64 -15.10 19.20
C ARG B 679 -39.77 -15.96 20.10
N TYR B 680 -38.70 -15.37 20.61
CA TYR B 680 -37.78 -16.09 21.48
C TYR B 680 -37.28 -15.21 22.62
N ILE B 681 -37.09 -15.85 23.77
CA ILE B 681 -36.45 -15.23 24.92
C ILE B 681 -35.65 -16.31 25.63
N SER B 682 -34.35 -16.08 25.76
CA SER B 682 -33.45 -17.07 26.34
C SER B 682 -33.86 -17.47 27.75
N LYS B 683 -33.63 -18.74 28.09
CA LYS B 683 -33.84 -19.23 29.45
C LYS B 683 -33.17 -18.27 30.41
N TYR B 684 -31.99 -17.81 30.02
CA TYR B 684 -31.21 -16.85 30.79
C TYR B 684 -32.09 -15.71 31.28
N GLU B 685 -32.71 -14.99 30.33
CA GLU B 685 -33.46 -13.79 30.65
C GLU B 685 -34.73 -14.10 31.45
N LEU B 686 -35.26 -15.30 31.29
CA LEU B 686 -36.44 -15.73 32.02
C LEU B 686 -36.23 -15.73 33.53
N ASP B 687 -35.29 -16.55 33.99
CA ASP B 687 -35.08 -16.78 35.42
C ASP B 687 -34.15 -15.74 36.06
N LYS B 688 -34.29 -14.48 35.65
CA LYS B 688 -33.56 -13.39 36.28
C LYS B 688 -34.28 -12.97 37.56
N ALA B 689 -35.41 -12.29 37.38
CA ALA B 689 -36.28 -11.90 38.50
C ALA B 689 -36.24 -10.40 38.81
N PHE B 690 -36.98 -10.01 39.84
CA PHE B 690 -36.93 -8.65 40.37
C PHE B 690 -35.47 -8.22 40.57
N SER B 691 -34.63 -9.19 40.90
CA SER B 691 -33.21 -8.98 41.10
C SER B 691 -32.71 -7.76 40.33
N ASP B 692 -32.51 -7.94 39.03
CA ASP B 692 -32.09 -6.84 38.16
C ASP B 692 -32.34 -7.16 36.69
N ARG B 693 -33.61 -7.21 36.31
CA ARG B 693 -33.95 -7.31 34.91
C ARG B 693 -34.36 -5.92 34.40
N ASN B 694 -33.41 -4.99 34.42
CA ASN B 694 -33.65 -3.66 33.88
C ASN B 694 -33.46 -3.63 32.37
N THR B 695 -32.85 -4.69 31.83
CA THR B 695 -32.71 -4.87 30.38
C THR B 695 -33.26 -6.23 29.94
N LEU B 696 -33.79 -6.28 28.72
CA LEU B 696 -34.46 -7.47 28.22
C LEU B 696 -34.40 -7.52 26.69
N ILE B 697 -34.16 -8.70 26.14
CA ILE B 697 -34.11 -8.86 24.68
C ILE B 697 -35.10 -9.90 24.22
N ILE B 698 -36.05 -9.48 23.39
CA ILE B 698 -37.00 -10.37 22.75
C ILE B 698 -36.61 -10.60 21.31
N TYR B 699 -36.13 -11.79 20.99
CA TYR B 699 -35.72 -12.10 19.62
C TYR B 699 -36.94 -12.40 18.76
N LEU B 700 -36.92 -11.87 17.53
CA LEU B 700 -38.04 -12.03 16.62
C LEU B 700 -37.64 -12.83 15.39
N ASP B 701 -38.25 -13.99 15.22
CA ASP B 701 -38.00 -14.81 14.03
C ASP B 701 -38.30 -14.01 12.78
N LYS B 702 -39.10 -12.96 12.94
CA LYS B 702 -39.45 -12.11 11.82
C LYS B 702 -40.27 -10.92 12.28
N VAL B 703 -40.37 -9.92 11.42
CA VAL B 703 -41.34 -8.84 11.60
C VAL B 703 -42.06 -8.65 10.26
N SER B 704 -43.33 -8.27 10.31
CA SER B 704 -44.13 -8.15 9.09
C SER B 704 -43.87 -6.81 8.42
N HIS B 705 -44.22 -6.73 7.14
CA HIS B 705 -43.99 -5.52 6.35
C HIS B 705 -45.31 -4.90 5.88
N SER B 706 -46.40 -5.64 6.05
CA SER B 706 -47.71 -5.15 5.64
C SER B 706 -48.41 -4.39 6.78
N GLU B 707 -48.53 -5.02 7.93
CA GLU B 707 -49.11 -4.39 9.11
C GLU B 707 -48.20 -4.54 10.33
N ASP B 708 -48.56 -3.88 11.42
CA ASP B 708 -47.73 -3.89 12.62
C ASP B 708 -47.77 -5.22 13.36
N ASP B 709 -46.60 -5.66 13.82
CA ASP B 709 -46.52 -6.80 14.72
C ASP B 709 -46.36 -6.29 16.15
N CYS B 710 -47.42 -6.44 16.94
CA CYS B 710 -47.44 -5.86 18.28
C CYS B 710 -47.42 -6.88 19.39
N LEU B 711 -46.62 -6.60 20.41
CA LEU B 711 -46.60 -7.38 21.64
C LEU B 711 -46.81 -6.45 22.82
N ALA B 712 -46.94 -7.03 24.01
CA ALA B 712 -47.22 -6.26 25.21
C ALA B 712 -47.08 -7.11 26.46
N PHE B 713 -46.42 -6.56 27.46
CA PHE B 713 -46.23 -7.26 28.73
C PHE B 713 -46.31 -6.31 29.92
N LYS B 714 -46.62 -6.87 31.09
CA LYS B 714 -46.78 -6.10 32.32
C LYS B 714 -45.43 -5.83 33.00
N VAL B 715 -45.25 -4.59 33.46
CA VAL B 715 -44.04 -4.22 34.20
C VAL B 715 -44.39 -3.82 35.63
N HIS B 716 -43.62 -4.32 36.59
CA HIS B 716 -43.89 -4.06 38.00
C HIS B 716 -42.77 -3.22 38.62
N GLN B 717 -43.16 -2.27 39.46
CA GLN B 717 -42.19 -1.44 40.16
C GLN B 717 -41.79 -2.10 41.48
N TYR B 718 -40.53 -2.52 41.56
CA TYR B 718 -40.02 -3.18 42.76
C TYR B 718 -39.33 -2.19 43.71
N PHE B 719 -38.78 -1.12 43.15
CA PHE B 719 -38.10 -0.10 43.94
C PHE B 719 -38.57 1.29 43.49
N ASN B 720 -39.43 1.90 44.30
CA ASN B 720 -40.02 3.19 43.97
C ASN B 720 -39.12 4.37 44.33
N VAL B 721 -38.84 5.21 43.34
CA VAL B 721 -37.97 6.37 43.52
C VAL B 721 -38.48 7.57 42.71
N GLU B 722 -38.26 8.78 43.23
CA GLU B 722 -38.69 9.99 42.54
C GLU B 722 -37.81 10.32 41.33
N LEU B 723 -38.45 10.85 40.29
CA LEU B 723 -37.79 11.11 39.00
C LEU B 723 -37.25 9.84 38.36
N ILE B 724 -38.06 9.24 37.50
CA ILE B 724 -37.70 7.97 36.88
C ILE B 724 -37.11 8.17 35.48
N GLN B 725 -36.14 7.32 35.13
CA GLN B 725 -35.46 7.40 33.84
C GLN B 725 -36.26 6.65 32.77
N PRO B 726 -36.64 7.37 31.71
CA PRO B 726 -37.44 6.84 30.62
C PRO B 726 -36.89 5.52 30.11
N GLY B 727 -37.79 4.58 29.86
CA GLY B 727 -37.41 3.33 29.23
C GLY B 727 -37.10 3.57 27.76
N ALA B 728 -36.47 2.59 27.13
CA ALA B 728 -36.12 2.68 25.72
C ALA B 728 -36.18 1.33 25.01
N VAL B 729 -36.81 1.31 23.84
CA VAL B 729 -36.89 0.12 23.01
C VAL B 729 -36.15 0.36 21.70
N LYS B 730 -35.42 -0.66 21.24
CA LYS B 730 -34.65 -0.54 20.00
C LYS B 730 -34.79 -1.79 19.12
N VAL B 731 -35.21 -1.59 17.87
CA VAL B 731 -35.32 -2.67 16.90
C VAL B 731 -34.17 -2.65 15.90
N TYR B 732 -33.99 -3.79 15.22
CA TYR B 732 -33.00 -3.90 14.16
C TYR B 732 -32.84 -5.35 13.72
N ALA B 733 -32.71 -5.55 12.41
CA ALA B 733 -32.44 -6.87 11.87
C ALA B 733 -31.01 -7.26 12.23
N TYR B 734 -30.78 -8.56 12.43
CA TYR B 734 -29.50 -9.04 12.95
C TYR B 734 -28.29 -8.65 12.13
N TYR B 735 -28.48 -8.50 10.82
CA TYR B 735 -27.36 -8.27 9.92
C TYR B 735 -26.86 -6.83 9.90
N ASN B 736 -27.69 -5.89 10.32
CA ASN B 736 -27.35 -4.48 10.17
C ASN B 736 -27.62 -3.66 11.43
N LEU B 737 -26.56 -3.10 12.01
CA LEU B 737 -26.68 -2.30 13.21
C LEU B 737 -27.11 -0.86 12.93
N GLU B 738 -26.56 -0.27 11.88
CA GLU B 738 -26.86 1.12 11.51
C GLU B 738 -28.34 1.35 11.25
N GLU B 739 -28.96 0.44 10.51
CA GLU B 739 -30.38 0.56 10.17
C GLU B 739 -31.27 0.17 11.35
N SER B 740 -31.23 0.98 12.40
CA SER B 740 -31.99 0.69 13.61
C SER B 740 -32.97 1.81 13.94
N CYS B 741 -33.89 1.52 14.85
CA CYS B 741 -34.87 2.51 15.31
C CYS B 741 -35.04 2.38 16.82
N THR B 742 -35.01 3.51 17.52
CA THR B 742 -35.11 3.52 18.97
C THR B 742 -36.13 4.53 19.49
N ARG B 743 -37.18 4.03 20.13
CA ARG B 743 -38.17 4.87 20.78
C ARG B 743 -38.04 4.77 22.30
N PHE B 744 -38.56 5.78 23.00
CA PHE B 744 -38.46 5.82 24.45
C PHE B 744 -39.84 5.83 25.09
N TYR B 745 -39.90 5.48 26.38
CA TYR B 745 -41.16 5.52 27.11
C TYR B 745 -41.02 5.97 28.57
N HIS B 746 -41.86 6.93 28.95
CA HIS B 746 -41.90 7.48 30.30
C HIS B 746 -43.36 7.78 30.62
N PRO B 747 -43.80 7.43 31.83
CA PRO B 747 -45.18 7.64 32.24
C PRO B 747 -45.69 9.03 31.90
N GLU B 748 -44.88 10.04 32.18
CA GLU B 748 -45.29 11.43 31.97
C GLU B 748 -44.67 12.02 30.71
N LYS B 749 -43.37 12.27 30.76
CA LYS B 749 -42.65 12.90 29.65
C LYS B 749 -43.09 12.40 28.28
N GLU B 750 -43.52 13.33 27.43
CA GLU B 750 -44.00 13.05 26.08
C GLU B 750 -43.77 11.60 25.62
N ASP B 751 -42.55 11.32 25.16
CA ASP B 751 -42.18 9.98 24.73
C ASP B 751 -40.74 9.66 25.15
N GLY B 752 -40.44 9.93 26.42
CA GLY B 752 -39.13 9.62 26.97
C GLY B 752 -38.13 10.76 26.82
N LYS B 753 -38.44 11.70 25.94
CA LYS B 753 -37.56 12.85 25.71
C LYS B 753 -37.52 13.78 26.92
N LEU B 754 -36.32 14.00 27.46
CA LEU B 754 -36.12 14.91 28.58
C LEU B 754 -36.35 16.35 28.14
N ASN B 755 -36.78 17.19 29.08
CA ASN B 755 -37.17 18.55 28.77
C ASN B 755 -36.01 19.43 28.31
N LYS B 756 -36.23 20.13 27.21
CA LYS B 756 -35.20 20.97 26.59
C LYS B 756 -35.81 22.00 25.64
N LEU B 757 -35.41 23.25 25.77
CA LEU B 757 -35.89 24.30 24.88
C LEU B 757 -34.89 24.54 23.75
N CYS B 758 -35.38 24.54 22.52
CA CYS B 758 -34.49 24.66 21.36
C CYS B 758 -34.89 25.78 20.39
N ARG B 759 -33.90 26.43 19.81
CA ARG B 759 -34.10 27.36 18.70
C ARG B 759 -33.05 27.12 17.62
N ASP B 760 -33.50 26.70 16.45
CA ASP B 760 -32.61 26.33 15.35
C ASP B 760 -31.79 25.09 15.67
N GLU B 761 -30.56 25.29 16.13
CA GLU B 761 -29.69 24.17 16.48
C GLU B 761 -29.04 24.34 17.85
N LEU B 762 -29.47 25.38 18.57
CA LEU B 762 -29.00 25.60 19.93
C LEU B 762 -30.03 25.09 20.93
N CYS B 763 -29.58 24.32 21.91
CA CYS B 763 -30.48 23.75 22.91
C CYS B 763 -29.91 23.85 24.33
N ARG B 764 -30.81 23.93 25.32
CA ARG B 764 -30.40 23.98 26.72
C ARG B 764 -31.28 23.08 27.58
N CYS B 765 -30.65 22.36 28.50
CA CYS B 765 -31.34 21.37 29.32
C CYS B 765 -32.37 22.05 30.23
N ALA B 766 -33.49 21.39 30.44
CA ALA B 766 -34.58 21.97 31.22
C ALA B 766 -35.04 21.07 32.36
N GLU B 767 -34.26 20.03 32.65
CA GLU B 767 -34.59 19.12 33.75
C GLU B 767 -34.09 19.68 35.07
N GLU B 768 -34.91 20.52 35.71
CA GLU B 768 -34.55 21.14 36.98
C GLU B 768 -35.77 21.69 37.68
N ASN B 769 -35.55 22.41 38.78
CA ASN B 769 -36.64 23.08 39.49
C ASN B 769 -37.33 24.11 38.62
N CYS B 770 -38.66 24.17 38.70
CA CYS B 770 -39.44 25.12 37.91
C CYS B 770 -39.19 26.55 38.37
N PHE B 771 -38.96 26.71 39.68
CA PHE B 771 -38.56 27.99 40.25
C PHE B 771 -37.72 27.76 41.50
N ILE B 772 -37.35 28.83 42.19
CA ILE B 772 -36.43 28.73 43.32
C ILE B 772 -36.92 27.78 44.42
N GLN B 773 -37.90 28.24 45.20
CA GLN B 773 -38.47 27.44 46.28
C GLN B 773 -39.94 27.81 46.54
N LYS B 774 -40.30 27.95 47.80
CA LYS B 774 -41.66 28.34 48.18
C LYS B 774 -41.67 29.55 49.11
N ASP B 777 -39.62 29.37 54.45
CA ASP B 777 -40.67 28.89 55.36
C ASP B 777 -41.57 30.02 55.85
N LYS B 778 -41.16 31.26 55.59
CA LYS B 778 -41.95 32.42 56.01
C LYS B 778 -41.79 33.60 55.05
N VAL B 779 -40.81 33.49 54.15
CA VAL B 779 -40.53 34.53 53.14
C VAL B 779 -40.80 35.96 53.61
N THR B 780 -39.78 36.58 54.20
CA THR B 780 -39.92 37.94 54.72
C THR B 780 -39.36 39.00 53.78
N LEU B 781 -39.36 40.25 54.24
CA LEU B 781 -38.82 41.36 53.46
C LEU B 781 -37.31 41.24 53.32
N GLU B 782 -36.65 40.87 54.43
CA GLU B 782 -35.20 40.70 54.45
C GLU B 782 -34.74 39.55 53.56
N GLU B 783 -35.55 38.50 53.49
CA GLU B 783 -35.25 37.34 52.65
C GLU B 783 -35.45 37.67 51.16
N ARG B 784 -36.02 38.84 50.90
CA ARG B 784 -36.26 39.31 49.53
C ARG B 784 -35.21 40.31 49.05
N LEU B 785 -34.75 41.17 49.96
CA LEU B 785 -33.69 42.11 49.62
C LEU B 785 -32.34 41.41 49.47
N ASP B 786 -32.17 40.31 50.21
CA ASP B 786 -30.94 39.52 50.14
C ASP B 786 -30.87 38.66 48.88
N LYS B 787 -32.00 38.07 48.52
CA LYS B 787 -32.07 37.17 47.37
C LYS B 787 -32.21 37.90 46.04
N ALA B 788 -32.63 39.16 46.08
CA ALA B 788 -32.82 39.94 44.87
C ALA B 788 -31.66 40.90 44.61
N CYS B 789 -30.60 40.77 45.42
CA CYS B 789 -29.42 41.59 45.23
C CYS B 789 -28.13 40.77 45.17
N GLU B 790 -28.28 39.47 44.98
CA GLU B 790 -27.16 38.59 44.74
C GLU B 790 -26.51 38.99 43.41
N PRO B 791 -25.17 38.96 43.35
CA PRO B 791 -24.42 39.39 42.17
C PRO B 791 -25.05 38.98 40.85
N GLY B 792 -25.64 37.78 40.81
CA GLY B 792 -26.23 37.25 39.59
C GLY B 792 -27.47 37.98 39.13
N VAL B 793 -28.40 38.22 40.06
CA VAL B 793 -29.70 38.82 39.73
C VAL B 793 -29.58 40.06 38.84
N ASP B 794 -30.31 40.02 37.72
CA ASP B 794 -30.26 41.09 36.73
C ASP B 794 -31.54 41.91 36.73
N TYR B 795 -32.67 41.24 36.51
CA TYR B 795 -33.95 41.92 36.36
C TYR B 795 -34.89 41.69 37.53
N VAL B 796 -35.75 42.67 37.79
CA VAL B 796 -36.83 42.53 38.78
C VAL B 796 -38.06 43.32 38.30
N TYR B 797 -39.17 42.62 38.07
CA TYR B 797 -40.38 43.28 37.58
C TYR B 797 -41.61 42.96 38.42
N LYS B 798 -42.49 43.94 38.55
CA LYS B 798 -43.86 43.69 38.98
C LYS B 798 -44.69 43.57 37.72
N THR B 799 -45.06 42.35 37.36
CA THR B 799 -45.68 42.09 36.08
C THR B 799 -47.17 41.72 36.20
N ARG B 800 -47.86 41.74 35.07
CA ARG B 800 -49.25 41.30 35.01
C ARG B 800 -49.42 40.29 33.88
N LEU B 801 -50.15 39.21 34.17
CA LEU B 801 -50.33 38.13 33.20
C LEU B 801 -51.50 38.41 32.26
N VAL B 802 -51.17 38.76 31.01
CA VAL B 802 -52.18 39.10 30.01
C VAL B 802 -52.71 37.87 29.28
N LYS B 803 -51.79 37.02 28.80
CA LYS B 803 -52.17 35.86 28.00
C LYS B 803 -51.35 34.61 28.34
N VAL B 804 -52.02 33.47 28.43
CA VAL B 804 -51.36 32.19 28.68
C VAL B 804 -51.56 31.27 27.49
N GLN B 805 -50.47 30.83 26.87
CA GLN B 805 -50.54 29.97 25.69
C GLN B 805 -50.05 28.55 25.97
N LEU B 806 -50.96 27.58 25.85
CA LEU B 806 -50.66 26.19 26.13
C LEU B 806 -50.15 25.48 24.87
N SER B 807 -49.27 24.50 25.05
CA SER B 807 -48.75 23.73 23.92
C SER B 807 -48.42 22.29 24.31
N ASN B 808 -47.56 21.64 23.53
CA ASN B 808 -47.18 20.25 23.76
C ASN B 808 -45.87 20.12 24.54
N ASP B 809 -45.13 21.21 24.66
CA ASP B 809 -43.82 21.19 25.32
C ASP B 809 -43.57 22.38 26.25
N PHE B 810 -43.77 23.58 25.74
CA PHE B 810 -43.43 24.79 26.50
C PHE B 810 -44.55 25.82 26.54
N ASP B 811 -44.94 26.20 27.75
CA ASP B 811 -45.95 27.22 27.95
C ASP B 811 -45.33 28.61 27.77
N GLU B 812 -46.14 29.57 27.36
CA GLU B 812 -45.69 30.93 27.13
C GLU B 812 -46.58 31.94 27.85
N TYR B 813 -46.05 32.57 28.89
CA TYR B 813 -46.80 33.52 29.70
C TYR B 813 -46.45 34.96 29.32
N ILE B 814 -47.24 35.53 28.41
CA ILE B 814 -46.99 36.88 27.91
C ILE B 814 -47.26 37.95 28.98
N MET B 815 -46.26 38.17 29.83
CA MET B 815 -46.39 39.12 30.93
C MET B 815 -46.12 40.55 30.48
N ALA B 816 -47.07 41.45 30.73
CA ALA B 816 -46.87 42.87 30.47
C ALA B 816 -46.26 43.52 31.71
N ILE B 817 -45.02 44.00 31.58
CA ILE B 817 -44.30 44.59 32.71
C ILE B 817 -44.93 45.89 33.17
N GLU B 818 -45.31 45.94 34.45
CA GLU B 818 -45.96 47.12 35.01
C GLU B 818 -45.00 48.03 35.77
N GLN B 819 -43.84 47.49 36.13
CA GLN B 819 -42.75 48.32 36.67
C GLN B 819 -41.41 47.60 36.71
N THR B 820 -40.37 48.33 36.27
CA THR B 820 -39.01 47.82 36.26
C THR B 820 -38.28 48.25 37.54
N ILE B 821 -38.35 47.42 38.57
CA ILE B 821 -37.72 47.72 39.85
C ILE B 821 -36.20 47.85 39.67
N LYS B 822 -35.58 46.82 39.12
CA LYS B 822 -34.16 46.86 38.76
C LYS B 822 -33.99 46.48 37.30
N SER B 823 -33.84 47.48 36.44
CA SER B 823 -33.61 47.23 35.01
C SER B 823 -32.31 46.50 34.79
N GLY B 824 -32.27 45.64 33.78
CA GLY B 824 -31.07 44.86 33.50
C GLY B 824 -30.52 45.10 32.10
N SER B 825 -30.12 44.03 31.44
CA SER B 825 -29.61 44.12 30.08
C SER B 825 -30.74 44.32 29.08
N ASP B 826 -31.95 43.93 29.49
CA ASP B 826 -33.13 44.12 28.65
C ASP B 826 -33.66 45.54 28.79
N GLU B 827 -33.55 46.32 27.71
CA GLU B 827 -34.03 47.70 27.70
C GLU B 827 -35.55 47.75 27.59
N VAL B 828 -36.23 47.33 28.65
CA VAL B 828 -37.69 47.24 28.63
C VAL B 828 -38.36 48.42 29.33
N GLN B 829 -39.14 49.18 28.57
CA GLN B 829 -39.97 50.24 29.15
C GLN B 829 -41.19 49.63 29.83
N VAL B 830 -41.85 50.44 30.65
CA VAL B 830 -43.04 49.98 31.37
C VAL B 830 -44.25 49.93 30.45
N GLY B 831 -44.89 48.76 30.38
CA GLY B 831 -46.08 48.58 29.56
C GLY B 831 -45.89 47.54 28.48
N GLN B 832 -44.66 47.40 28.00
CA GLN B 832 -44.34 46.42 26.97
C GLN B 832 -44.48 44.99 27.48
N GLN B 833 -44.61 44.04 26.56
CA GLN B 833 -44.81 42.64 26.92
C GLN B 833 -43.57 41.79 26.67
N ARG B 834 -43.34 40.82 27.55
CA ARG B 834 -42.21 39.90 27.42
C ARG B 834 -42.65 38.46 27.68
N THR B 835 -42.33 37.57 26.74
CA THR B 835 -42.72 36.16 26.82
C THR B 835 -41.87 35.39 27.82
N PHE B 836 -42.51 34.80 28.82
CA PHE B 836 -41.84 33.94 29.78
C PHE B 836 -42.15 32.47 29.48
N ILE B 837 -41.10 31.69 29.24
CA ILE B 837 -41.29 30.29 28.86
C ILE B 837 -41.03 29.34 30.03
N SER B 838 -41.88 28.32 30.13
CA SER B 838 -41.76 27.30 31.16
C SER B 838 -42.18 25.94 30.59
N PRO B 839 -41.47 24.86 30.99
CA PRO B 839 -41.80 23.50 30.57
C PRO B 839 -43.22 23.11 30.98
N ILE B 840 -43.81 22.16 30.27
CA ILE B 840 -45.17 21.71 30.55
C ILE B 840 -45.27 21.13 31.97
N LYS B 841 -44.20 20.48 32.43
CA LYS B 841 -44.18 19.86 33.76
C LYS B 841 -44.26 20.92 34.86
N CYS B 842 -44.23 22.19 34.47
CA CYS B 842 -44.21 23.29 35.42
C CYS B 842 -45.50 24.10 35.38
N ARG B 843 -46.51 23.58 34.70
CA ARG B 843 -47.78 24.29 34.55
C ARG B 843 -48.64 24.19 35.81
N GLU B 844 -48.40 23.13 36.59
CA GLU B 844 -49.17 22.87 37.81
C GLU B 844 -48.54 23.53 39.04
N ALA B 845 -47.21 23.55 39.07
CA ALA B 845 -46.47 24.13 40.20
C ALA B 845 -46.44 25.65 40.12
N LEU B 846 -46.55 26.19 38.90
CA LEU B 846 -46.61 27.64 38.72
C LEU B 846 -48.03 28.15 38.84
N LYS B 847 -48.97 27.34 38.35
CA LYS B 847 -50.39 27.71 38.31
C LYS B 847 -50.62 29.22 38.16
N LEU B 848 -50.00 29.79 37.13
CA LEU B 848 -50.15 31.22 36.84
C LEU B 848 -51.48 31.50 36.15
N GLU B 849 -52.18 32.53 36.59
CA GLU B 849 -53.49 32.88 36.03
C GLU B 849 -53.52 34.27 35.40
N GLU B 850 -54.33 34.41 34.36
CA GLU B 850 -54.42 35.65 33.61
C GLU B 850 -54.96 36.80 34.45
N LYS B 851 -54.56 38.02 34.10
CA LYS B 851 -55.01 39.24 34.77
C LYS B 851 -54.53 39.37 36.23
N LYS B 852 -53.59 38.54 36.64
CA LYS B 852 -53.04 38.61 37.98
C LYS B 852 -51.60 39.14 37.97
N HIS B 853 -51.11 39.54 39.13
CA HIS B 853 -49.79 40.15 39.22
C HIS B 853 -48.78 39.25 39.95
N TYR B 854 -47.50 39.40 39.59
CA TYR B 854 -46.44 38.60 40.18
C TYR B 854 -45.13 39.38 40.31
N LEU B 855 -44.37 39.09 41.36
CA LEU B 855 -43.02 39.63 41.51
C LEU B 855 -41.99 38.60 41.09
N MET B 856 -41.29 38.87 39.99
CA MET B 856 -40.35 37.91 39.44
C MET B 856 -38.95 38.50 39.29
N TRP B 857 -37.93 37.66 39.49
CA TRP B 857 -36.55 38.03 39.19
C TRP B 857 -35.70 36.80 38.86
N GLY B 858 -34.76 36.97 37.94
CA GLY B 858 -33.89 35.86 37.52
C GLY B 858 -32.55 36.32 36.99
N LEU B 859 -31.73 35.37 36.56
CA LEU B 859 -30.38 35.67 36.07
C LEU B 859 -30.39 36.14 34.63
N SER B 860 -29.19 36.41 34.09
CA SER B 860 -29.03 36.85 32.71
C SER B 860 -28.87 35.66 31.77
N SER B 861 -28.46 34.52 32.32
CA SER B 861 -28.33 33.29 31.53
C SER B 861 -29.71 32.76 31.17
N ASP B 862 -30.74 33.37 31.75
CA ASP B 862 -32.12 32.99 31.49
C ASP B 862 -32.76 33.85 30.41
N PHE B 863 -31.94 34.26 29.44
CA PHE B 863 -32.45 34.96 28.26
C PHE B 863 -32.49 34.01 27.08
N TRP B 864 -33.46 34.21 26.19
CA TRP B 864 -33.66 33.32 25.07
C TRP B 864 -33.91 34.09 23.77
N GLY B 865 -32.95 34.01 22.85
CA GLY B 865 -33.08 34.69 21.56
C GLY B 865 -32.05 35.80 21.39
N GLU B 866 -32.33 36.71 20.47
CA GLU B 866 -31.42 37.82 20.20
C GLU B 866 -32.12 39.17 20.37
N LYS B 867 -31.36 40.16 20.84
CA LYS B 867 -31.88 41.51 21.06
C LYS B 867 -32.25 42.18 19.73
N PRO B 868 -33.31 42.99 19.74
CA PRO B 868 -34.12 43.36 20.91
C PRO B 868 -35.24 42.38 21.25
N ASN B 869 -35.38 41.31 20.47
CA ASN B 869 -36.43 40.32 20.69
C ASN B 869 -36.01 39.20 21.62
N LEU B 870 -35.94 39.50 22.92
CA LEU B 870 -35.51 38.54 23.93
C LEU B 870 -36.70 37.86 24.62
N SER B 871 -36.51 36.59 24.99
CA SER B 871 -37.49 35.85 25.76
C SER B 871 -36.88 35.34 27.06
N TYR B 872 -37.70 35.26 28.10
CA TYR B 872 -37.23 34.89 29.44
C TYR B 872 -37.48 33.42 29.74
N ILE B 873 -36.59 32.82 30.53
CA ILE B 873 -36.76 31.42 30.94
C ILE B 873 -36.98 31.32 32.44
N ILE B 874 -38.10 30.71 32.82
CA ILE B 874 -38.42 30.52 34.23
C ILE B 874 -37.65 29.32 34.76
N GLY B 875 -36.38 29.55 35.09
CA GLY B 875 -35.50 28.49 35.57
C GLY B 875 -35.52 28.34 37.08
N LYS B 876 -34.52 27.63 37.59
CA LYS B 876 -34.43 27.37 39.03
C LYS B 876 -33.89 28.58 39.80
N ASP B 877 -33.51 29.63 39.08
CA ASP B 877 -33.05 30.85 39.72
C ASP B 877 -34.06 31.97 39.51
N THR B 878 -35.23 31.62 39.00
CA THR B 878 -36.31 32.57 38.77
C THR B 878 -37.25 32.62 39.97
N TRP B 879 -37.48 33.83 40.50
CA TRP B 879 -38.34 34.01 41.65
C TRP B 879 -39.76 34.35 41.22
N VAL B 880 -40.69 33.44 41.50
CA VAL B 880 -42.10 33.66 41.17
C VAL B 880 -42.94 33.78 42.44
N GLU B 881 -43.52 34.96 42.64
CA GLU B 881 -44.29 35.26 43.85
C GLU B 881 -45.57 36.03 43.54
N HIS B 882 -46.71 35.49 44.02
CA HIS B 882 -48.01 36.09 43.75
C HIS B 882 -48.23 37.42 44.47
N TRP B 883 -48.48 38.46 43.70
CA TRP B 883 -48.73 39.79 44.24
C TRP B 883 -50.24 40.02 44.31
N PRO B 884 -50.78 40.16 45.53
CA PRO B 884 -52.20 40.42 45.74
C PRO B 884 -52.67 41.71 45.06
N GLU B 885 -53.93 41.74 44.65
CA GLU B 885 -54.50 42.89 43.96
C GLU B 885 -54.63 44.08 44.90
N GLU B 886 -55.19 45.18 44.38
CA GLU B 886 -55.39 46.38 45.17
C GLU B 886 -56.42 46.19 46.28
N ASP B 887 -57.58 45.65 45.93
CA ASP B 887 -58.66 45.45 46.88
C ASP B 887 -58.59 44.10 47.57
N GLU B 888 -57.46 43.41 47.43
CA GLU B 888 -57.24 42.14 48.10
C GLU B 888 -56.35 42.30 49.32
N CYS B 889 -55.62 43.41 49.38
CA CYS B 889 -54.75 43.70 50.52
C CYS B 889 -55.59 44.07 51.75
N GLN B 890 -56.87 44.31 51.53
CA GLN B 890 -57.79 44.65 52.63
C GLN B 890 -58.08 43.41 53.47
N ASP B 891 -58.00 42.24 52.85
CA ASP B 891 -58.21 40.96 53.53
C ASP B 891 -57.17 40.77 54.63
N GLU B 892 -57.65 40.48 55.84
CA GLU B 892 -56.77 40.39 57.01
C GLU B 892 -55.94 39.12 57.07
N GLU B 893 -55.37 38.74 55.93
CA GLU B 893 -54.47 37.59 55.84
C GLU B 893 -53.43 37.78 54.73
N ASN B 894 -53.77 38.62 53.76
CA ASN B 894 -52.84 38.97 52.69
C ASN B 894 -51.96 40.15 53.11
N GLN B 895 -52.41 40.88 54.12
CA GLN B 895 -51.74 42.08 54.58
C GLN B 895 -50.25 41.89 54.79
N LYS B 896 -49.89 40.91 55.61
CA LYS B 896 -48.48 40.65 55.95
C LYS B 896 -47.62 40.61 54.70
N GLN B 897 -48.17 40.11 53.60
CA GLN B 897 -47.45 40.02 52.34
C GLN B 897 -47.44 41.37 51.61
N CYS B 898 -48.60 42.02 51.59
CA CYS B 898 -48.74 43.32 50.93
C CYS B 898 -47.74 44.35 51.47
N GLN B 899 -47.62 44.41 52.79
CA GLN B 899 -46.72 45.34 53.46
C GLN B 899 -45.26 45.04 53.14
N ASP B 900 -44.99 43.79 52.80
CA ASP B 900 -43.62 43.37 52.48
C ASP B 900 -43.25 43.68 51.03
N LEU B 901 -44.20 43.48 50.11
CA LEU B 901 -43.97 43.76 48.70
C LEU B 901 -43.92 45.26 48.43
N GLY B 902 -44.79 46.00 49.10
CA GLY B 902 -44.80 47.46 48.98
C GLY B 902 -43.58 48.08 49.60
N ALA B 903 -42.99 47.38 50.57
CA ALA B 903 -41.76 47.82 51.21
C ALA B 903 -40.54 47.34 50.43
N PHE B 904 -40.69 46.21 49.74
CA PHE B 904 -39.65 45.73 48.85
C PHE B 904 -39.60 46.61 47.60
N THR B 905 -40.70 47.33 47.36
CA THR B 905 -40.79 48.23 46.22
C THR B 905 -39.93 49.47 46.39
N GLU B 906 -40.06 50.13 47.53
CA GLU B 906 -39.38 51.40 47.76
C GLU B 906 -37.95 51.23 48.27
N SER B 907 -37.58 50.00 48.64
CA SER B 907 -36.22 49.73 49.07
C SER B 907 -35.32 49.34 47.90
N MET B 908 -35.94 49.14 46.74
CA MET B 908 -35.23 48.78 45.51
C MET B 908 -35.24 49.95 44.52
N VAL B 909 -36.28 50.78 44.59
CA VAL B 909 -36.41 51.96 43.73
C VAL B 909 -35.46 53.06 44.18
N VAL B 910 -35.42 53.30 45.50
CA VAL B 910 -34.60 54.37 46.05
C VAL B 910 -33.13 53.96 46.17
N PHE B 911 -32.88 52.84 46.85
CA PHE B 911 -31.51 52.40 47.11
C PHE B 911 -30.96 51.46 46.04
N GLY B 912 -31.63 50.34 45.84
CA GLY B 912 -31.15 49.32 44.92
C GLY B 912 -30.47 48.20 45.67
N CYS B 913 -29.19 47.98 45.37
CA CYS B 913 -28.41 46.94 46.03
C CYS B 913 -27.37 47.50 46.99
N PRO B 914 -27.12 46.80 48.11
CA PRO B 914 -26.11 47.20 49.08
C PRO B 914 -24.69 47.10 48.53
N ASN B 915 -24.44 46.05 47.74
CA ASN B 915 -23.12 45.82 47.15
C ASN B 915 -23.05 46.27 45.70
C1 NAG C . 35.73 -15.33 -2.90
C2 NAG C . 35.17 -16.30 -1.87
C3 NAG C . 35.97 -16.32 -0.58
C4 NAG C . 36.70 -15.01 -0.23
C5 NAG C . 37.22 -14.27 -1.45
C6 NAG C . 38.68 -13.90 -1.26
C7 NAG C . 32.79 -16.71 -2.12
C8 NAG C . 32.86 -18.19 -1.90
N2 NAG C . 33.78 -15.98 -1.59
O3 NAG C . 36.94 -17.34 -0.65
O4 NAG C . 35.84 -14.16 0.51
O5 NAG C . 37.09 -15.07 -2.61
O6 NAG C . 39.12 -13.11 -2.34
O7 NAG C . 31.87 -16.22 -2.76
C1 NAG C . 35.92 -14.60 1.89
C2 NAG C . 35.84 -13.42 2.86
C3 NAG C . 35.97 -13.92 4.30
C4 NAG C . 35.04 -15.11 4.56
C5 NAG C . 35.20 -16.15 3.45
C6 NAG C . 34.27 -17.35 3.62
C7 NAG C . 36.61 -11.17 2.33
C8 NAG C . 37.14 -10.61 1.04
N2 NAG C . 36.88 -12.45 2.58
O3 NAG C . 35.68 -12.87 5.19
O4 NAG C . 35.35 -15.69 5.81
O5 NAG C . 34.92 -15.53 2.22
O6 NAG C . 34.12 -17.97 2.36
O7 NAG C . 35.97 -10.46 3.11
C1 MAN C . 34.18 -15.77 6.65
C2 MAN C . 34.60 -16.40 8.00
C3 MAN C . 33.56 -16.25 9.10
C4 MAN C . 32.99 -14.84 9.09
C5 MAN C . 32.44 -14.53 7.71
C6 MAN C . 31.73 -13.18 7.66
O2 MAN C . 35.84 -15.86 8.41
O3 MAN C . 34.14 -16.52 10.36
O4 MAN C . 32.00 -14.73 10.10
O5 MAN C . 33.52 -14.53 6.79
O6 MAN C . 31.40 -12.85 6.32
C1 NAG D . -17.89 13.31 -2.80
C2 NAG D . -16.50 13.15 -3.42
C3 NAG D . -16.41 11.90 -4.28
C4 NAG D . -16.97 10.69 -3.55
C5 NAG D . -18.35 11.00 -3.01
C6 NAG D . -18.93 9.82 -2.25
C7 NAG D . -14.93 14.77 -4.35
C8 NAG D . -14.37 14.85 -5.74
N2 NAG D . -16.17 14.32 -4.22
O3 NAG D . -15.07 11.65 -4.65
O4 NAG D . -17.03 9.57 -4.42
O5 NAG D . -18.27 12.11 -2.15
O6 NAG D . -20.15 10.20 -1.64
O7 NAG D . -14.24 15.13 -3.39
#